data_7T25
#
_entry.id   7T25
#
_cell.length_a   254.208
_cell.length_b   44.117
_cell.length_c   143.219
_cell.angle_alpha   90.000
_cell.angle_beta   101.230
_cell.angle_gamma   90.000
#
_symmetry.space_group_name_H-M   'C 1 2 1'
#
loop_
_entity.id
_entity.type
_entity.pdbx_description
1 polymer '319-44 Fab heavy chain'
2 polymer '319-44 Fab light chain'
3 polymer 'Outer surface protein A'
4 non-polymer 'CHLORIDE ION'
5 non-polymer 2-acetamido-2-deoxy-beta-D-glucopyranose
6 non-polymer 'IODIDE ION'
7 non-polymer 1,2-ETHANEDIOL
8 water water
#
loop_
_entity_poly.entity_id
_entity_poly.type
_entity_poly.pdbx_seq_one_letter_code
_entity_poly.pdbx_strand_id
1 'polypeptide(L)'
;EMQLVQSGAEVKKPGESLKISCKGSGYIFATYWIGWVRQMPGKGLEWMGIIYPNDSDTRYSPSFQGQVTISADKSINTAY
LQWSSLKASDTAMYYCARTRWYFDLWGRGTLVTVSSASTKGPSVFPLAPSSKSTSGGTAALGCLVKDYFPEPVTVSWNSG
ALTSGVHTFPAVLQSSGLYSLSSVVTVPSSSLGTQTYICNVNHKPSNTKVDKRVEPKSCDKTH
;
H,A
2 'polypeptide(L)'
;EIVLTQSPGTLSLSPGERATLSCRASQSVSSSYLAWYQQKPGQAPRLLIYGASSRATGIPDRFSGSGSGTDFTLTISRLE
PEDFAVYYCQQYGSSPLTFGGGTKVEIKRTVAAPSVFIFPPSDEQLKSGTASVVCLLNNFYPREAKVQWKVDNALQSGNS
QESVTEQDSKDSTYSLSSTLTLSKADYEKHKVYACEVTHQGLSSPVTKSFNRGEC
;
L,B
3 'polypeptide(L)'
;KQNVSSLDEKNSVSVDLPGEMKVLVSKEKNKDGKYDLIATVDKLELKGTSDKNNGSGVLEGVKADKSKVKLTISDDLGQT
TLEVFKEDGKTLVSKKVTSKDKSSTEEKFNEKGEVSEKIITRADGTRLEYTGIKSDGSGKAKEVLKGYVLEGTLTAEKTT
LVVKEGTVTLSKNISKSGEVSVELNDTDSSAATKKTAAWNSGTSTLTITVNSKKTKDLVFTKENTITVQQYDSNGTKLEG
SAVEITKLDEIKNALK
;
E,C
#
loop_
_chem_comp.id
_chem_comp.type
_chem_comp.name
_chem_comp.formula
CL non-polymer 'CHLORIDE ION' 'Cl -1'
EDO non-polymer 1,2-ETHANEDIOL 'C2 H6 O2'
IOD non-polymer 'IODIDE ION' 'I -1'
NAG D-saccharide, beta linking 2-acetamido-2-deoxy-beta-D-glucopyranose 'C8 H15 N O6'
#
# COMPACT_ATOMS: atom_id res chain seq x y z
N MET A 2 32.91 1.67 -16.55
CA MET A 2 31.59 2.25 -16.64
C MET A 2 30.66 1.68 -15.57
N GLN A 3 29.91 2.56 -14.90
CA GLN A 3 29.14 2.12 -13.74
C GLN A 3 28.07 3.16 -13.42
N LEU A 4 26.94 2.67 -12.92
CA LEU A 4 25.87 3.51 -12.39
C LEU A 4 25.58 3.07 -10.97
N VAL A 5 25.72 3.98 -10.02
CA VAL A 5 25.48 3.70 -8.60
C VAL A 5 24.14 4.32 -8.22
N GLN A 6 23.22 3.50 -7.74
CA GLN A 6 21.90 3.95 -7.31
C GLN A 6 21.84 4.00 -5.79
N SER A 7 21.03 4.91 -5.27
CA SER A 7 20.85 5.05 -3.83
C SER A 7 20.11 3.84 -3.26
N GLY A 8 20.15 3.71 -1.93
CA GLY A 8 19.73 2.51 -1.25
C GLY A 8 18.22 2.34 -1.16
N ALA A 9 17.83 1.18 -0.61
CA ALA A 9 16.42 0.79 -0.51
C ALA A 9 15.62 1.78 0.33
N GLU A 10 14.35 1.95 -0.05
CA GLU A 10 13.46 2.92 0.58
C GLU A 10 12.18 2.23 1.05
N VAL A 11 11.78 2.52 2.29
CA VAL A 11 10.51 2.06 2.86
C VAL A 11 9.73 3.30 3.29
N LYS A 12 8.65 3.62 2.57
CA LYS A 12 7.91 4.85 2.80
C LYS A 12 6.43 4.55 3.04
N LYS A 13 5.72 5.55 3.59
CA LYS A 13 4.29 5.45 3.74
C LYS A 13 3.57 6.23 2.65
N PRO A 14 2.35 5.83 2.28
CA PRO A 14 1.60 6.57 1.26
C PRO A 14 1.45 8.04 1.64
N GLY A 15 1.56 8.91 0.64
CA GLY A 15 1.51 10.34 0.84
C GLY A 15 2.86 11.00 0.98
N GLU A 16 3.91 10.24 1.31
CA GLU A 16 5.24 10.81 1.47
C GLU A 16 5.90 11.05 0.12
N SER A 17 6.81 12.01 0.09
CA SER A 17 7.60 12.27 -1.10
C SER A 17 8.85 11.40 -1.08
N LEU A 18 9.47 11.24 -2.25
CA LEU A 18 10.66 10.43 -2.37
C LEU A 18 11.46 10.87 -3.58
N LYS A 19 12.78 10.92 -3.42
CA LYS A 19 13.70 11.23 -4.51
C LYS A 19 14.84 10.22 -4.46
N ILE A 20 15.05 9.48 -5.55
CA ILE A 20 16.14 8.52 -5.65
C ILE A 20 17.08 8.99 -6.75
N SER A 21 18.32 8.49 -6.69
CA SER A 21 19.42 9.03 -7.48
C SER A 21 20.18 7.92 -8.19
N CYS A 22 20.98 8.35 -9.16
CA CYS A 22 21.71 7.46 -10.06
C CYS A 22 22.96 8.20 -10.52
N LYS A 23 24.13 7.82 -10.03
CA LYS A 23 25.38 8.50 -10.31
C LYS A 23 26.27 7.64 -11.20
N GLY A 24 26.70 8.19 -12.33
CA GLY A 24 27.54 7.47 -13.26
C GLY A 24 29.02 7.78 -13.08
N SER A 25 29.87 6.80 -13.39
CA SER A 25 31.31 7.03 -13.38
C SER A 25 31.96 6.17 -14.45
N GLY A 26 33.20 6.53 -14.79
CA GLY A 26 33.95 5.83 -15.81
C GLY A 26 33.68 6.26 -17.24
N TYR A 27 32.83 7.27 -17.44
CA TYR A 27 32.55 7.78 -18.78
C TYR A 27 31.99 9.18 -18.62
N ILE A 28 31.84 9.88 -19.75
CA ILE A 28 31.31 11.24 -19.74
C ILE A 28 29.81 11.14 -19.51
N PHE A 29 29.39 11.33 -18.26
CA PHE A 29 27.99 11.12 -17.87
C PHE A 29 27.05 12.09 -18.57
N ALA A 30 27.51 13.32 -18.84
CA ALA A 30 26.62 14.36 -19.33
C ALA A 30 26.14 14.12 -20.76
N THR A 31 26.85 13.31 -21.55
CA THR A 31 26.57 13.19 -22.98
C THR A 31 25.99 11.84 -23.38
N TYR A 32 25.30 11.17 -22.45
CA TYR A 32 24.48 10.00 -22.75
C TYR A 32 23.16 10.13 -22.02
N TRP A 33 22.07 9.75 -22.70
CA TRP A 33 20.77 9.74 -22.04
C TRP A 33 20.79 8.76 -20.87
N ILE A 34 20.09 9.14 -19.79
CA ILE A 34 19.86 8.26 -18.65
C ILE A 34 18.37 7.97 -18.56
N GLY A 35 18.02 6.70 -18.50
CA GLY A 35 16.63 6.31 -18.39
C GLY A 35 16.28 5.70 -17.05
N TRP A 36 14.99 5.62 -16.75
CA TRP A 36 14.47 4.95 -15.56
C TRP A 36 13.51 3.86 -16.00
N VAL A 37 13.58 2.71 -15.34
CA VAL A 37 12.80 1.53 -15.70
C VAL A 37 12.16 0.99 -14.42
N ARG A 38 10.85 0.73 -14.46
CA ARG A 38 10.15 0.17 -13.33
C ARG A 38 9.90 -1.33 -13.51
N GLN A 39 10.06 -2.09 -12.43
CA GLN A 39 9.70 -3.50 -12.41
C GLN A 39 8.89 -3.76 -11.14
N MET A 40 7.58 -3.96 -11.32
CA MET A 40 6.69 -4.26 -10.23
C MET A 40 6.94 -5.68 -9.71
N PRO A 41 6.59 -5.95 -8.45
CA PRO A 41 6.85 -7.28 -7.87
C PRO A 41 6.25 -8.39 -8.72
N GLY A 42 7.12 -9.26 -9.25
CA GLY A 42 6.70 -10.37 -10.07
C GLY A 42 6.33 -10.03 -11.49
N LYS A 43 6.61 -8.81 -11.95
CA LYS A 43 6.18 -8.33 -13.27
C LYS A 43 7.39 -8.06 -14.14
N GLY A 44 7.12 -7.60 -15.36
CA GLY A 44 8.12 -7.26 -16.34
C GLY A 44 8.62 -5.83 -16.18
N LEU A 45 9.23 -5.33 -17.25
CA LEU A 45 9.89 -4.03 -17.26
C LEU A 45 9.00 -2.98 -17.93
N GLU A 46 9.01 -1.76 -17.39
CA GLU A 46 8.28 -0.63 -17.97
C GLU A 46 9.20 0.57 -18.05
N TRP A 47 9.27 1.20 -19.22
CA TRP A 47 10.08 2.41 -19.38
C TRP A 47 9.34 3.62 -18.82
N MET A 48 10.04 4.43 -18.02
CA MET A 48 9.40 5.59 -17.40
C MET A 48 9.75 6.90 -18.10
N GLY A 49 11.02 7.10 -18.47
CA GLY A 49 11.44 8.32 -19.10
C GLY A 49 12.95 8.36 -19.23
N ILE A 50 13.43 9.38 -19.94
CA ILE A 50 14.86 9.59 -20.17
C ILE A 50 15.18 11.06 -19.97
N ILE A 51 16.45 11.33 -19.65
CA ILE A 51 16.95 12.69 -19.56
C ILE A 51 18.35 12.74 -20.13
N TYR A 52 18.65 13.81 -20.87
CA TYR A 52 20.00 14.08 -21.35
C TYR A 52 20.67 15.04 -20.38
N PRO A 53 21.63 14.57 -19.57
CA PRO A 53 22.09 15.40 -18.43
C PRO A 53 22.72 16.72 -18.85
N ASN A 54 23.33 16.79 -20.03
CA ASN A 54 24.07 18.00 -20.39
C ASN A 54 23.16 19.22 -20.51
N ASP A 55 21.90 19.03 -20.91
CA ASP A 55 20.98 20.14 -21.06
C ASP A 55 19.62 19.87 -20.41
N SER A 56 19.48 18.75 -19.71
CA SER A 56 18.24 18.38 -19.00
C SER A 56 17.05 18.26 -19.93
N ASP A 57 17.29 17.88 -21.18
CA ASP A 57 16.22 17.47 -22.09
C ASP A 57 15.54 16.23 -21.53
N THR A 58 14.26 16.36 -21.15
CA THR A 58 13.54 15.33 -20.41
C THR A 58 12.37 14.85 -21.26
N ARG A 59 12.25 13.53 -21.43
CA ARG A 59 11.17 12.94 -22.21
C ARG A 59 10.59 11.77 -21.44
N TYR A 60 9.28 11.80 -21.19
CA TYR A 60 8.60 10.80 -20.38
C TYR A 60 7.82 9.82 -21.25
N SER A 61 7.64 8.63 -20.72
CA SER A 61 6.58 7.78 -21.23
C SER A 61 5.23 8.40 -20.90
N PRO A 62 4.27 8.36 -21.82
CA PRO A 62 2.93 8.89 -21.49
C PRO A 62 2.28 8.23 -20.30
N SER A 63 2.70 7.00 -19.95
CA SER A 63 2.16 6.32 -18.79
C SER A 63 2.66 6.92 -17.48
N PHE A 64 3.75 7.70 -17.52
CA PHE A 64 4.34 8.25 -16.30
C PHE A 64 4.46 9.78 -16.30
N GLN A 65 4.23 10.44 -17.43
CA GLN A 65 4.34 11.90 -17.47
C GLN A 65 3.30 12.54 -16.56
N GLY A 66 3.74 13.50 -15.73
CA GLY A 66 2.87 14.09 -14.75
C GLY A 66 2.74 13.32 -13.45
N GLN A 67 3.28 12.10 -13.38
CA GLN A 67 3.25 11.27 -12.18
C GLN A 67 4.56 11.30 -11.41
N VAL A 68 5.69 11.43 -12.11
CA VAL A 68 7.01 11.52 -11.53
C VAL A 68 7.75 12.64 -12.26
N THR A 69 8.82 13.13 -11.64
CA THR A 69 9.69 14.11 -12.25
C THR A 69 11.10 13.55 -12.32
N ILE A 70 11.69 13.59 -13.51
CA ILE A 70 13.07 13.17 -13.74
C ILE A 70 13.92 14.42 -13.90
N SER A 71 15.07 14.45 -13.24
CA SER A 71 15.95 15.61 -13.25
C SER A 71 17.40 15.14 -13.25
N ALA A 72 18.31 16.10 -13.38
CA ALA A 72 19.74 15.78 -13.38
C ALA A 72 20.51 16.95 -12.77
N ASP A 73 21.57 16.61 -12.03
CA ASP A 73 22.54 17.55 -11.51
C ASP A 73 23.84 17.24 -12.26
N LYS A 74 24.03 17.91 -13.39
CA LYS A 74 25.14 17.57 -14.27
C LYS A 74 26.49 17.79 -13.60
N SER A 75 26.58 18.75 -12.67
CA SER A 75 27.85 19.04 -12.03
C SER A 75 28.35 17.90 -11.15
N ILE A 76 27.49 16.96 -10.77
CA ILE A 76 27.92 15.83 -9.94
C ILE A 76 27.50 14.51 -10.57
N ASN A 77 27.24 14.53 -11.87
CA ASN A 77 27.05 13.31 -12.66
C ASN A 77 25.93 12.42 -12.09
N THR A 78 24.81 13.04 -11.72
CA THR A 78 23.74 12.33 -11.06
C THR A 78 22.42 12.65 -11.74
N ALA A 79 21.60 11.62 -11.95
CA ALA A 79 20.23 11.77 -12.42
C ALA A 79 19.29 11.35 -11.31
N TYR A 80 18.09 11.93 -11.30
CA TYR A 80 17.15 11.72 -10.22
C TYR A 80 15.78 11.30 -10.75
N LEU A 81 15.00 10.68 -9.88
CA LEU A 81 13.61 10.33 -10.12
C LEU A 81 12.85 10.57 -8.82
N GLN A 82 11.80 11.37 -8.87
CA GLN A 82 11.13 11.74 -7.62
C GLN A 82 9.62 11.73 -7.77
N TRP A 83 8.97 11.46 -6.64
CA TRP A 83 7.52 11.47 -6.48
C TRP A 83 7.16 12.56 -5.48
N SER A 84 6.08 13.28 -5.76
CA SER A 84 5.61 14.25 -4.77
C SER A 84 4.77 13.59 -3.68
N SER A 85 4.06 12.51 -4.01
CA SER A 85 3.16 11.86 -3.06
C SER A 85 3.04 10.39 -3.46
N LEU A 86 3.63 9.50 -2.66
CA LEU A 86 3.68 8.10 -3.02
C LEU A 86 2.35 7.39 -2.76
N LYS A 87 2.12 6.34 -3.53
CA LYS A 87 1.01 5.43 -3.31
C LYS A 87 1.55 4.01 -3.13
N ALA A 88 0.72 3.14 -2.53
CA ALA A 88 1.13 1.76 -2.35
C ALA A 88 1.47 1.09 -3.67
N SER A 89 0.81 1.51 -4.75
CA SER A 89 1.04 1.00 -6.10
C SER A 89 2.42 1.36 -6.65
N ASP A 90 3.17 2.23 -5.98
CA ASP A 90 4.52 2.58 -6.41
C ASP A 90 5.57 1.57 -5.95
N THR A 91 5.17 0.56 -5.15
CA THR A 91 6.10 -0.47 -4.69
C THR A 91 6.68 -1.23 -5.87
N ALA A 92 7.99 -1.10 -6.07
CA ALA A 92 8.64 -1.72 -7.21
C ALA A 92 10.14 -1.59 -7.07
N MET A 93 10.85 -2.23 -7.99
CA MET A 93 12.27 -1.99 -8.20
C MET A 93 12.42 -0.94 -9.29
N TYR A 94 13.31 0.03 -9.06
CA TYR A 94 13.56 1.11 -10.01
C TYR A 94 15.01 1.05 -10.46
N TYR A 95 15.21 0.81 -11.75
CA TYR A 95 16.53 0.79 -12.36
C TYR A 95 16.75 2.08 -13.13
N CYS A 96 17.98 2.58 -13.08
CA CYS A 96 18.44 3.54 -14.08
C CYS A 96 19.36 2.84 -15.06
N ALA A 97 19.37 3.33 -16.29
CA ALA A 97 20.17 2.70 -17.31
C ALA A 97 20.56 3.73 -18.35
N ARG A 98 21.81 3.64 -18.82
CA ARG A 98 22.24 4.48 -19.93
C ARG A 98 21.46 4.07 -21.18
N THR A 99 20.91 5.04 -21.89
CA THR A 99 19.91 4.78 -22.93
C THR A 99 20.40 5.29 -24.28
N ARG A 100 20.39 4.40 -25.28
CA ARG A 100 21.15 4.63 -26.52
C ARG A 100 20.36 4.79 -27.83
N TRP A 101 19.09 4.39 -27.96
CA TRP A 101 18.04 4.26 -26.95
C TRP A 101 17.66 2.81 -26.58
N TYR A 102 18.57 1.87 -26.82
CA TYR A 102 18.54 0.61 -26.09
C TYR A 102 19.31 0.82 -24.78
N PHE A 103 19.10 -0.08 -23.82
CA PHE A 103 19.66 0.07 -22.47
C PHE A 103 20.93 -0.77 -22.36
N ASP A 104 22.10 -0.11 -22.40
CA ASP A 104 23.36 -0.83 -22.49
C ASP A 104 24.14 -0.90 -21.18
N LEU A 105 23.79 -0.10 -20.18
CA LEU A 105 24.47 -0.08 -18.89
C LEU A 105 23.41 0.12 -17.82
N TRP A 106 23.31 -0.82 -16.88
CA TRP A 106 22.24 -0.82 -15.88
C TRP A 106 22.81 -0.65 -14.48
N GLY A 107 22.15 0.16 -13.67
CA GLY A 107 22.39 0.13 -12.24
C GLY A 107 21.79 -1.12 -11.62
N ARG A 108 22.10 -1.33 -10.34
CA ARG A 108 21.61 -2.51 -9.64
C ARG A 108 20.17 -2.37 -9.17
N GLY A 109 19.57 -1.21 -9.30
CA GLY A 109 18.17 -1.05 -8.89
C GLY A 109 18.03 -0.52 -7.48
N THR A 110 16.96 0.23 -7.27
CA THR A 110 16.56 0.73 -5.96
C THR A 110 15.19 0.13 -5.63
N LEU A 111 15.12 -0.63 -4.53
CA LEU A 111 13.86 -1.23 -4.09
C LEU A 111 13.05 -0.21 -3.29
N VAL A 112 11.85 0.11 -3.76
CA VAL A 112 10.98 1.08 -3.09
C VAL A 112 9.75 0.34 -2.59
N THR A 113 9.54 0.39 -1.27
CA THR A 113 8.38 -0.25 -0.65
C THR A 113 7.52 0.84 -0.03
N VAL A 114 6.29 0.97 -0.53
CA VAL A 114 5.32 1.95 -0.05
C VAL A 114 4.20 1.20 0.64
N SER A 115 4.03 1.45 1.94
CA SER A 115 3.05 0.71 2.73
C SER A 115 2.69 1.53 3.96
N SER A 116 1.47 1.30 4.46
CA SER A 116 1.01 1.92 5.69
C SER A 116 1.47 1.17 6.93
N ALA A 117 1.96 -0.06 6.78
CA ALA A 117 2.39 -0.84 7.93
C ALA A 117 3.65 -0.21 8.55
N SER A 118 3.88 -0.55 9.81
CA SER A 118 5.09 -0.17 10.51
C SER A 118 5.91 -1.42 10.82
N THR A 119 7.17 -1.20 11.18
CA THR A 119 8.10 -2.29 11.46
C THR A 119 7.57 -3.24 12.52
N LYS A 120 7.63 -4.53 12.24
CA LYS A 120 7.21 -5.57 13.17
C LYS A 120 7.96 -6.86 12.89
N GLY A 121 8.53 -7.46 13.94
CA GLY A 121 9.18 -8.75 13.83
C GLY A 121 8.18 -9.87 13.68
N PRO A 122 8.61 -11.00 13.12
CA PRO A 122 7.67 -12.08 12.85
C PRO A 122 7.40 -12.95 14.07
N SER A 123 6.25 -13.61 14.04
CA SER A 123 5.96 -14.73 14.92
C SER A 123 6.34 -16.02 14.20
N VAL A 124 6.94 -16.95 14.93
CA VAL A 124 7.47 -18.18 14.34
C VAL A 124 6.77 -19.38 14.97
N PHE A 125 6.11 -20.19 14.13
CA PHE A 125 5.34 -21.33 14.59
C PHE A 125 5.87 -22.61 13.94
N PRO A 126 5.94 -23.70 14.69
CA PRO A 126 6.48 -24.95 14.12
C PRO A 126 5.44 -25.64 13.25
N LEU A 127 5.91 -26.28 12.18
CA LEU A 127 5.11 -27.18 11.37
C LEU A 127 5.60 -28.60 11.66
N ALA A 128 4.98 -29.24 12.65
CA ALA A 128 5.49 -30.50 13.17
C ALA A 128 5.32 -31.63 12.16
N PRO A 129 6.28 -32.57 12.13
CA PRO A 129 6.10 -33.76 11.29
C PRO A 129 4.98 -34.62 11.84
N SER A 130 4.16 -35.15 10.93
CA SER A 130 3.01 -35.99 11.33
C SER A 130 3.46 -37.25 12.04
N THR A 138 10.06 -40.77 4.28
CA THR A 138 10.31 -39.34 4.23
C THR A 138 9.24 -38.57 5.00
N ALA A 139 9.68 -37.74 5.95
CA ALA A 139 8.79 -36.87 6.70
C ALA A 139 9.11 -35.41 6.39
N ALA A 140 8.06 -34.59 6.39
CA ALA A 140 8.18 -33.16 6.13
C ALA A 140 7.89 -32.40 7.40
N LEU A 141 8.71 -31.40 7.69
CA LEU A 141 8.53 -30.51 8.82
C LEU A 141 8.90 -29.10 8.37
N GLY A 142 8.60 -28.12 9.21
CA GLY A 142 8.97 -26.77 8.85
C GLY A 142 8.61 -25.78 9.93
N CYS A 143 8.64 -24.51 9.56
CA CYS A 143 8.17 -23.50 10.50
C CYS A 143 7.54 -22.35 9.71
N LEU A 144 6.59 -21.69 10.36
CA LEU A 144 5.77 -20.66 9.74
C LEU A 144 6.18 -19.31 10.31
N VAL A 145 6.61 -18.41 9.43
CA VAL A 145 7.13 -17.10 9.80
C VAL A 145 6.06 -16.09 9.36
N LYS A 146 5.25 -15.63 10.31
CA LYS A 146 4.03 -14.91 10.00
C LYS A 146 4.08 -13.47 10.51
N ASP A 147 3.48 -12.56 9.74
CA ASP A 147 3.16 -11.20 10.18
C ASP A 147 4.41 -10.39 10.54
N TYR A 148 5.20 -10.09 9.52
CA TYR A 148 6.36 -9.22 9.68
C TYR A 148 6.34 -8.15 8.61
N PHE A 149 7.10 -7.07 8.87
CA PHE A 149 7.25 -5.97 7.93
C PHE A 149 8.45 -5.15 8.35
N PRO A 150 9.29 -4.68 7.42
CA PRO A 150 9.22 -4.98 5.99
C PRO A 150 10.03 -6.20 5.60
N GLU A 151 10.13 -6.45 4.31
CA GLU A 151 11.06 -7.46 3.82
C GLU A 151 12.49 -6.98 4.07
N PRO A 152 13.45 -7.92 4.20
CA PRO A 152 13.35 -9.37 4.14
C PRO A 152 13.46 -10.08 5.49
N VAL A 153 13.24 -11.39 5.46
CA VAL A 153 13.53 -12.29 6.56
C VAL A 153 14.50 -13.36 6.05
N THR A 154 15.41 -13.79 6.91
CA THR A 154 16.32 -14.89 6.62
C THR A 154 15.96 -16.10 7.46
N VAL A 155 16.00 -17.28 6.84
CA VAL A 155 15.72 -18.53 7.52
C VAL A 155 16.84 -19.51 7.25
N SER A 156 17.36 -20.12 8.31
N SER A 156 17.37 -20.12 8.31
CA SER A 156 18.30 -21.22 8.24
CA SER A 156 18.31 -21.22 8.20
C SER A 156 17.75 -22.40 9.03
C SER A 156 17.82 -22.36 9.09
N TRP A 157 18.42 -23.54 8.92
CA TRP A 157 18.09 -24.71 9.71
C TRP A 157 19.36 -25.21 10.37
N ASN A 158 19.27 -25.46 11.68
CA ASN A 158 20.40 -25.95 12.48
C ASN A 158 21.64 -25.10 12.25
N SER A 159 21.45 -23.78 12.34
CA SER A 159 22.52 -22.79 12.23
C SER A 159 23.30 -22.91 10.92
N GLY A 160 22.59 -23.29 9.85
CA GLY A 160 23.19 -23.42 8.55
C GLY A 160 23.73 -24.80 8.20
N ALA A 161 23.69 -25.74 9.14
CA ALA A 161 24.21 -27.07 8.84
C ALA A 161 23.27 -27.86 7.95
N LEU A 162 21.97 -27.58 7.99
CA LEU A 162 20.98 -28.32 7.21
C LEU A 162 20.47 -27.43 6.09
N THR A 163 20.78 -27.81 4.84
CA THR A 163 20.34 -27.10 3.64
C THR A 163 19.71 -28.05 2.64
N SER A 164 20.12 -29.32 2.63
CA SER A 164 19.60 -30.26 1.66
C SER A 164 18.15 -30.59 1.98
N GLY A 165 17.30 -30.52 0.96
CA GLY A 165 15.88 -30.72 1.14
C GLY A 165 15.13 -29.53 1.71
N VAL A 166 15.80 -28.40 1.92
CA VAL A 166 15.18 -27.22 2.51
C VAL A 166 14.56 -26.36 1.41
N HIS A 167 13.31 -25.96 1.61
CA HIS A 167 12.66 -25.01 0.71
C HIS A 167 12.12 -23.86 1.55
N THR A 168 12.68 -22.68 1.34
CA THR A 168 12.19 -21.45 1.95
C THR A 168 11.47 -20.68 0.86
N PHE A 169 10.14 -20.56 1.00
CA PHE A 169 9.29 -20.02 -0.06
C PHE A 169 9.36 -18.49 -0.10
N PRO A 170 9.18 -17.89 -1.28
CA PRO A 170 9.02 -16.43 -1.35
C PRO A 170 7.89 -15.96 -0.44
N ALA A 171 8.11 -14.81 0.20
CA ALA A 171 7.11 -14.24 1.09
C ALA A 171 5.86 -13.85 0.31
N VAL A 172 4.73 -13.87 0.99
CA VAL A 172 3.47 -13.40 0.44
C VAL A 172 3.02 -12.21 1.27
N LEU A 173 2.47 -11.20 0.60
CA LEU A 173 1.93 -10.02 1.26
C LEU A 173 0.48 -10.28 1.60
N GLN A 174 0.16 -10.30 2.89
CA GLN A 174 -1.21 -10.55 3.30
C GLN A 174 -2.08 -9.30 3.15
N SER A 175 -3.39 -9.48 3.25
CA SER A 175 -4.31 -8.36 3.15
C SER A 175 -4.15 -7.39 4.31
N SER A 176 -3.57 -7.84 5.41
CA SER A 176 -3.30 -6.98 6.56
C SER A 176 -2.14 -6.02 6.32
N GLY A 177 -1.35 -6.22 5.26
CA GLY A 177 -0.16 -5.45 5.01
C GLY A 177 1.14 -6.08 5.48
N LEU A 178 1.07 -7.12 6.29
CA LEU A 178 2.27 -7.80 6.76
C LEU A 178 2.62 -8.98 5.87
N TYR A 179 3.91 -9.34 5.86
CA TYR A 179 4.38 -10.46 5.07
C TYR A 179 4.33 -11.75 5.87
N SER A 180 4.37 -12.86 5.16
CA SER A 180 4.40 -14.19 5.77
C SER A 180 5.06 -15.17 4.80
N LEU A 181 5.80 -16.12 5.34
CA LEU A 181 6.41 -17.18 4.54
C LEU A 181 6.56 -18.43 5.38
N SER A 182 6.80 -19.55 4.71
CA SER A 182 7.12 -20.81 5.37
C SER A 182 8.44 -21.37 4.85
N SER A 183 9.15 -22.08 5.71
CA SER A 183 10.34 -22.84 5.32
C SER A 183 10.16 -24.29 5.72
N VAL A 184 10.37 -25.20 4.77
CA VAL A 184 10.14 -26.62 5.01
C VAL A 184 11.40 -27.40 4.65
N VAL A 185 11.50 -28.60 5.22
CA VAL A 185 12.60 -29.52 4.92
C VAL A 185 12.05 -30.94 5.03
N THR A 186 12.53 -31.82 4.17
CA THR A 186 12.16 -33.22 4.21
C THR A 186 13.35 -34.02 4.73
N VAL A 187 13.08 -34.91 5.67
CA VAL A 187 14.11 -35.71 6.34
C VAL A 187 13.63 -37.14 6.46
N PRO A 188 14.54 -38.08 6.65
CA PRO A 188 14.12 -39.46 6.90
C PRO A 188 13.21 -39.55 8.12
N SER A 189 12.18 -40.39 8.00
CA SER A 189 11.26 -40.56 9.12
C SER A 189 11.96 -41.14 10.34
N SER A 190 13.01 -41.94 10.14
CA SER A 190 13.72 -42.54 11.27
C SER A 190 14.57 -41.55 12.04
N SER A 191 14.74 -40.32 11.53
CA SER A 191 15.56 -39.33 12.20
C SER A 191 14.80 -38.49 13.20
N LEU A 192 13.46 -38.47 13.14
CA LEU A 192 12.69 -37.59 14.02
C LEU A 192 12.87 -37.93 15.49
N GLY A 193 13.23 -39.17 15.81
CA GLY A 193 13.41 -39.53 17.21
C GLY A 193 14.78 -39.20 17.78
N THR A 194 15.76 -38.93 16.91
CA THR A 194 17.13 -38.73 17.38
C THR A 194 17.74 -37.40 16.96
N GLN A 195 17.37 -36.85 15.80
CA GLN A 195 17.97 -35.62 15.30
C GLN A 195 17.14 -34.41 15.70
N THR A 196 17.82 -33.34 16.08
CA THR A 196 17.18 -32.08 16.45
C THR A 196 17.07 -31.17 15.24
N TYR A 197 15.90 -30.55 15.06
CA TYR A 197 15.63 -29.64 13.96
C TYR A 197 15.19 -28.30 14.52
N ILE A 198 15.99 -27.26 14.27
CA ILE A 198 15.73 -25.92 14.76
C ILE A 198 15.81 -24.97 13.58
N CYS A 199 14.77 -24.17 13.37
CA CYS A 199 14.78 -23.18 12.31
C CYS A 199 15.14 -21.82 12.93
N ASN A 200 16.12 -21.15 12.31
CA ASN A 200 16.66 -19.90 12.79
C ASN A 200 16.12 -18.78 11.91
N VAL A 201 15.47 -17.80 12.53
CA VAL A 201 14.78 -16.74 11.81
C VAL A 201 15.38 -15.40 12.23
N ASN A 202 15.80 -14.61 11.25
CA ASN A 202 16.40 -13.31 11.46
C ASN A 202 15.62 -12.25 10.69
N HIS A 203 15.15 -11.22 11.41
CA HIS A 203 14.46 -10.09 10.79
C HIS A 203 15.23 -8.84 11.23
N LYS A 204 16.19 -8.43 10.42
CA LYS A 204 17.06 -7.33 10.78
C LYS A 204 16.33 -6.00 11.01
N PRO A 205 15.34 -5.59 10.21
CA PRO A 205 14.73 -4.26 10.44
C PRO A 205 14.15 -4.09 11.83
N SER A 206 13.68 -5.17 12.47
CA SER A 206 13.21 -5.10 13.84
C SER A 206 14.19 -5.72 14.84
N ASN A 207 15.34 -6.21 14.35
CA ASN A 207 16.35 -6.84 15.19
C ASN A 207 15.75 -8.01 15.99
N THR A 208 14.87 -8.79 15.35
CA THR A 208 14.29 -9.96 16.00
C THR A 208 14.98 -11.21 15.49
N LYS A 209 15.34 -12.10 16.42
CA LYS A 209 15.99 -13.35 16.12
C LYS A 209 15.33 -14.45 16.96
N VAL A 210 14.80 -15.46 16.27
CA VAL A 210 14.07 -16.56 16.90
C VAL A 210 14.69 -17.88 16.46
N ASP A 211 14.91 -18.77 17.41
CA ASP A 211 15.32 -20.14 17.12
C ASP A 211 14.17 -21.05 17.56
N LYS A 212 13.52 -21.71 16.60
CA LYS A 212 12.34 -22.52 16.88
C LYS A 212 12.65 -23.99 16.68
N ARG A 213 12.66 -24.75 17.76
CA ARG A 213 12.82 -26.19 17.66
C ARG A 213 11.51 -26.80 17.18
N VAL A 214 11.59 -27.67 16.17
CA VAL A 214 10.43 -28.32 15.59
C VAL A 214 10.50 -29.80 15.94
N GLU A 215 9.60 -30.26 16.78
CA GLU A 215 9.56 -31.60 17.33
C GLU A 215 8.27 -32.30 16.91
N PRO A 216 8.25 -33.63 16.90
CA PRO A 216 6.96 -34.33 16.74
C PRO A 216 6.06 -34.04 17.92
N LYS A 217 4.76 -34.00 17.66
CA LYS A 217 3.80 -33.66 18.71
C LYS A 217 3.84 -34.68 19.85
N SER A 218 3.38 -34.24 21.02
CA SER A 218 3.46 -35.08 22.21
C SER A 218 2.50 -36.27 22.14
N CYS A 219 1.41 -36.13 21.38
CA CYS A 219 0.46 -37.24 21.22
C CYS A 219 1.02 -38.36 20.35
N ASP A 220 2.13 -38.14 19.65
CA ASP A 220 2.76 -39.15 18.81
C ASP A 220 3.18 -40.37 19.62
N GLU B 1 1.33 3.27 -29.20
CA GLU B 1 2.38 2.43 -28.63
C GLU B 1 2.49 1.12 -29.40
N ILE B 2 3.73 0.69 -29.64
CA ILE B 2 3.97 -0.62 -30.23
C ILE B 2 3.95 -1.67 -29.14
N VAL B 3 3.02 -2.61 -29.24
CA VAL B 3 2.93 -3.71 -28.29
C VAL B 3 3.83 -4.85 -28.76
N LEU B 4 4.66 -5.35 -27.85
CA LEU B 4 5.54 -6.48 -28.13
C LEU B 4 5.01 -7.72 -27.41
N THR B 5 4.74 -8.77 -28.18
CA THR B 5 4.26 -10.04 -27.65
C THR B 5 5.38 -11.07 -27.75
N GLN B 6 5.71 -11.68 -26.62
CA GLN B 6 6.73 -12.72 -26.53
C GLN B 6 6.08 -14.07 -26.31
N SER B 7 6.41 -15.02 -27.18
CA SER B 7 5.89 -16.37 -27.12
C SER B 7 7.04 -17.37 -27.18
N PRO B 8 6.93 -18.50 -26.46
CA PRO B 8 5.87 -18.75 -25.48
C PRO B 8 6.25 -18.12 -24.17
N GLY B 9 5.38 -18.17 -23.16
CA GLY B 9 5.75 -17.64 -21.87
C GLY B 9 6.88 -18.43 -21.22
N THR B 10 6.96 -19.73 -21.52
CA THR B 10 7.97 -20.60 -20.94
C THR B 10 8.50 -21.57 -21.99
N LEU B 11 9.83 -21.67 -22.09
CA LEU B 11 10.49 -22.72 -22.86
C LEU B 11 11.09 -23.73 -21.89
N SER B 12 10.86 -25.01 -22.15
CA SER B 12 11.40 -26.09 -21.35
C SER B 12 12.39 -26.86 -22.22
N LEU B 13 13.68 -26.73 -21.90
CA LEU B 13 14.74 -27.33 -22.70
C LEU B 13 15.82 -27.90 -21.81
N SER B 14 16.59 -28.82 -22.36
CA SER B 14 17.73 -29.41 -21.66
C SER B 14 19.00 -28.64 -22.00
N PRO B 15 20.02 -28.73 -21.14
CA PRO B 15 21.31 -28.13 -21.48
C PRO B 15 21.88 -28.73 -22.77
N GLY B 16 22.55 -27.88 -23.55
CA GLY B 16 23.07 -28.26 -24.84
C GLY B 16 22.09 -28.14 -25.99
N GLU B 17 20.84 -27.82 -25.71
CA GLU B 17 19.77 -27.76 -26.69
C GLU B 17 19.72 -26.36 -27.32
N ARG B 18 19.03 -26.29 -28.47
CA ARG B 18 18.83 -25.03 -29.17
C ARG B 18 17.55 -24.35 -28.66
N ALA B 19 17.66 -23.05 -28.37
CA ALA B 19 16.52 -22.26 -27.90
C ALA B 19 16.15 -21.20 -28.93
N THR B 20 14.84 -21.07 -29.18
CA THR B 20 14.31 -20.07 -30.10
C THR B 20 13.19 -19.30 -29.42
N LEU B 21 13.38 -17.99 -29.28
CA LEU B 21 12.44 -17.12 -28.59
C LEU B 21 11.85 -16.14 -29.60
N SER B 22 10.55 -15.91 -29.50
CA SER B 22 9.83 -15.07 -30.45
C SER B 22 9.44 -13.75 -29.82
N CYS B 23 9.61 -12.66 -30.58
CA CYS B 23 9.15 -11.33 -30.21
C CYS B 23 8.45 -10.73 -31.42
N ARG B 24 7.17 -10.39 -31.25
CA ARG B 24 6.34 -9.89 -32.34
C ARG B 24 5.73 -8.55 -31.97
N ALA B 25 5.81 -7.60 -32.88
CA ALA B 25 5.40 -6.21 -32.66
C ALA B 25 4.07 -5.94 -33.35
N SER B 26 3.26 -5.09 -32.72
CA SER B 26 1.97 -4.69 -33.29
C SER B 26 2.12 -3.79 -34.51
N GLN B 27 3.29 -3.19 -34.71
CA GLN B 27 3.59 -2.38 -35.88
C GLN B 27 5.04 -2.63 -36.27
N SER B 28 5.36 -2.32 -37.53
CA SER B 28 6.71 -2.56 -38.03
C SER B 28 7.71 -1.73 -37.24
N VAL B 29 8.82 -2.35 -36.82
CA VAL B 29 9.81 -1.69 -36.00
C VAL B 29 10.83 -1.00 -36.90
N SER B 30 10.92 0.32 -36.77
CA SER B 30 11.78 1.10 -37.66
C SER B 30 13.25 0.74 -37.49
N SER B 31 13.94 0.59 -38.62
CA SER B 31 15.37 0.31 -38.67
C SER B 31 15.78 -0.92 -37.84
N SER B 32 14.84 -1.84 -37.60
CA SER B 32 15.10 -3.04 -36.81
C SER B 32 15.69 -2.71 -35.45
N TYR B 33 15.20 -1.60 -34.88
CA TYR B 33 15.66 -1.12 -33.57
C TYR B 33 14.99 -1.97 -32.50
N LEU B 34 15.53 -3.17 -32.31
CA LEU B 34 14.98 -4.19 -31.41
C LEU B 34 16.12 -4.74 -30.59
N ALA B 35 15.97 -4.71 -29.27
CA ALA B 35 16.99 -5.17 -28.34
C ALA B 35 16.46 -6.33 -27.52
N TRP B 36 17.38 -7.18 -27.05
CA TRP B 36 17.06 -8.32 -26.21
C TRP B 36 17.85 -8.22 -24.90
N TYR B 37 17.23 -8.63 -23.80
CA TYR B 37 17.86 -8.56 -22.48
C TYR B 37 17.70 -9.89 -21.76
N GLN B 38 18.65 -10.18 -20.89
CA GLN B 38 18.58 -11.33 -19.99
C GLN B 38 18.44 -10.86 -18.55
N GLN B 39 17.57 -11.51 -17.79
CA GLN B 39 17.44 -11.18 -16.37
C GLN B 39 17.33 -12.46 -15.56
N LYS B 40 18.17 -12.58 -14.54
CA LYS B 40 18.15 -13.65 -13.57
C LYS B 40 17.56 -13.15 -12.26
N PRO B 41 16.98 -14.05 -11.46
CA PRO B 41 16.32 -13.62 -10.22
C PRO B 41 17.25 -12.83 -9.31
N GLY B 42 16.78 -11.65 -8.91
CA GLY B 42 17.52 -10.81 -7.99
C GLY B 42 18.62 -9.98 -8.61
N GLN B 43 18.71 -9.95 -9.94
CA GLN B 43 19.74 -9.19 -10.63
C GLN B 43 19.11 -8.26 -11.66
N ALA B 44 19.83 -7.19 -11.98
CA ALA B 44 19.39 -6.27 -13.01
C ALA B 44 19.38 -6.95 -14.37
N PRO B 45 18.57 -6.45 -15.31
CA PRO B 45 18.64 -6.95 -16.69
C PRO B 45 20.00 -6.65 -17.32
N ARG B 46 20.30 -7.40 -18.39
CA ARG B 46 21.59 -7.27 -19.06
C ARG B 46 21.37 -7.28 -20.56
N LEU B 47 21.95 -6.29 -21.25
CA LEU B 47 21.79 -6.17 -22.69
C LEU B 47 22.55 -7.30 -23.40
N LEU B 48 21.84 -8.03 -24.26
CA LEU B 48 22.44 -9.09 -25.07
C LEU B 48 22.63 -8.66 -26.52
N ILE B 49 21.61 -8.08 -27.12
CA ILE B 49 21.57 -7.81 -28.55
C ILE B 49 20.86 -6.47 -28.75
N TYR B 50 21.37 -5.67 -29.68
CA TYR B 50 20.72 -4.44 -30.12
C TYR B 50 20.68 -4.43 -31.64
N GLY B 51 19.87 -3.54 -32.20
CA GLY B 51 19.73 -3.47 -33.64
C GLY B 51 19.28 -4.77 -34.26
N ALA B 52 18.46 -5.54 -33.54
CA ALA B 52 17.94 -6.84 -33.94
C ALA B 52 19.01 -7.94 -33.96
N SER B 53 20.24 -7.61 -34.39
CA SER B 53 21.24 -8.65 -34.60
C SER B 53 22.65 -8.33 -34.12
N SER B 54 22.92 -7.13 -33.60
CA SER B 54 24.25 -6.78 -33.11
C SER B 54 24.43 -7.23 -31.67
N ARG B 55 25.54 -7.89 -31.39
CA ARG B 55 25.76 -8.46 -30.07
C ARG B 55 26.52 -7.46 -29.21
N ALA B 56 26.06 -7.26 -27.97
CA ALA B 56 26.71 -6.31 -27.10
C ALA B 56 28.08 -6.81 -26.66
N THR B 57 28.91 -5.88 -26.21
CA THR B 57 30.30 -6.19 -25.87
C THR B 57 30.40 -7.29 -24.82
N GLY B 58 31.16 -8.33 -25.12
CA GLY B 58 31.41 -9.41 -24.18
C GLY B 58 30.36 -10.50 -24.13
N ILE B 59 29.23 -10.33 -24.82
CA ILE B 59 28.17 -11.34 -24.83
C ILE B 59 28.61 -12.49 -25.74
N PRO B 60 28.43 -13.74 -25.32
CA PRO B 60 28.89 -14.86 -26.16
C PRO B 60 28.08 -14.97 -27.44
N ASP B 61 28.74 -15.41 -28.52
CA ASP B 61 28.09 -15.46 -29.82
C ASP B 61 27.13 -16.64 -29.97
N ARG B 62 26.93 -17.43 -28.91
CA ARG B 62 25.83 -18.39 -28.95
C ARG B 62 24.48 -17.70 -28.88
N PHE B 63 24.45 -16.44 -28.42
CA PHE B 63 23.27 -15.60 -28.53
C PHE B 63 23.29 -14.89 -29.87
N SER B 64 22.24 -15.09 -30.68
CA SER B 64 22.12 -14.36 -31.93
C SER B 64 20.67 -13.93 -32.11
N GLY B 65 20.51 -12.75 -32.71
CA GLY B 65 19.19 -12.22 -33.00
C GLY B 65 19.02 -12.10 -34.50
N SER B 66 17.77 -12.18 -34.95
CA SER B 66 17.43 -11.98 -36.35
C SER B 66 16.00 -11.47 -36.44
N GLY B 67 15.56 -11.22 -37.66
CA GLY B 67 14.22 -10.74 -37.93
C GLY B 67 14.21 -9.27 -38.31
N SER B 68 13.04 -8.85 -38.79
CA SER B 68 12.81 -7.47 -39.21
C SER B 68 11.31 -7.25 -39.31
N GLY B 69 10.93 -5.98 -39.43
CA GLY B 69 9.52 -5.65 -39.50
C GLY B 69 8.83 -5.91 -38.17
N THR B 70 7.96 -6.92 -38.11
CA THR B 70 7.26 -7.23 -36.87
C THR B 70 7.69 -8.53 -36.21
N ASP B 71 8.56 -9.33 -36.83
CA ASP B 71 8.88 -10.68 -36.35
C ASP B 71 10.37 -10.77 -36.07
N PHE B 72 10.73 -10.93 -34.80
CA PHE B 72 12.12 -11.00 -34.38
C PHE B 72 12.36 -12.26 -33.54
N THR B 73 13.59 -12.73 -33.55
CA THR B 73 13.96 -14.00 -32.93
C THR B 73 15.27 -13.86 -32.17
N LEU B 74 15.30 -14.38 -30.96
CA LEU B 74 16.54 -14.60 -30.20
C LEU B 74 16.82 -16.09 -30.20
N THR B 75 17.99 -16.48 -30.68
CA THR B 75 18.40 -17.88 -30.74
C THR B 75 19.57 -18.08 -29.78
N ILE B 76 19.46 -19.08 -28.92
CA ILE B 76 20.59 -19.54 -28.12
C ILE B 76 20.99 -20.89 -28.69
N SER B 77 22.12 -20.91 -29.41
CA SER B 77 22.45 -22.08 -30.24
C SER B 77 22.66 -23.33 -29.38
N ARG B 78 23.28 -23.18 -28.21
CA ARG B 78 23.54 -24.32 -27.34
C ARG B 78 23.45 -23.84 -25.91
N LEU B 79 22.43 -24.30 -25.19
CA LEU B 79 22.13 -23.76 -23.87
C LEU B 79 23.17 -24.20 -22.84
N GLU B 80 23.73 -23.23 -22.14
CA GLU B 80 24.58 -23.49 -20.98
C GLU B 80 23.74 -23.42 -19.70
N PRO B 81 24.21 -24.03 -18.62
CA PRO B 81 23.47 -23.93 -17.35
C PRO B 81 23.15 -22.50 -16.93
N GLU B 82 23.99 -21.53 -17.28
CA GLU B 82 23.75 -20.16 -16.87
C GLU B 82 22.81 -19.40 -17.81
N ASP B 83 22.29 -20.04 -18.87
CA ASP B 83 21.40 -19.36 -19.80
C ASP B 83 19.93 -19.49 -19.42
N PHE B 84 19.58 -20.36 -18.48
CA PHE B 84 18.20 -20.54 -18.06
C PHE B 84 17.80 -19.36 -17.18
N ALA B 85 16.93 -18.51 -17.71
CA ALA B 85 16.60 -17.23 -17.10
C ALA B 85 15.42 -16.65 -17.87
N VAL B 86 15.09 -15.39 -17.58
CA VAL B 86 14.03 -14.68 -18.27
C VAL B 86 14.64 -13.74 -19.29
N TYR B 87 14.05 -13.69 -20.48
CA TYR B 87 14.52 -12.87 -21.59
C TYR B 87 13.44 -11.90 -22.03
N TYR B 88 13.82 -10.64 -22.25
CA TYR B 88 12.93 -9.55 -22.63
C TYR B 88 13.36 -8.94 -23.95
N CYS B 89 12.41 -8.56 -24.79
CA CYS B 89 12.70 -7.75 -25.96
C CYS B 89 12.22 -6.32 -25.73
N GLN B 90 12.83 -5.38 -26.46
CA GLN B 90 12.54 -3.96 -26.32
C GLN B 90 12.74 -3.31 -27.68
N GLN B 91 11.77 -2.50 -28.11
CA GLN B 91 11.90 -1.76 -29.35
C GLN B 91 12.18 -0.31 -29.04
N TYR B 92 13.03 0.31 -29.87
CA TYR B 92 13.30 1.74 -29.79
C TYR B 92 13.19 2.38 -31.16
N GLY B 93 12.40 1.76 -32.05
CA GLY B 93 12.12 2.33 -33.35
C GLY B 93 11.05 3.39 -33.34
N SER B 94 10.24 3.47 -32.28
CA SER B 94 9.24 4.52 -32.15
C SER B 94 9.01 4.81 -30.68
N SER B 95 8.57 6.04 -30.40
CA SER B 95 8.25 6.43 -29.02
C SER B 95 6.79 6.13 -28.70
N PRO B 96 6.46 5.70 -27.49
CA PRO B 96 7.41 5.44 -26.39
C PRO B 96 8.15 4.12 -26.53
N LEU B 97 9.32 4.02 -25.87
CA LEU B 97 10.02 2.75 -25.78
C LEU B 97 9.17 1.72 -25.04
N THR B 98 9.10 0.50 -25.57
CA THR B 98 8.26 -0.52 -24.95
C THR B 98 9.02 -1.83 -24.84
N PHE B 99 8.63 -2.63 -23.85
CA PHE B 99 9.20 -3.95 -23.58
C PHE B 99 8.18 -5.04 -23.89
N GLY B 100 8.69 -6.20 -24.27
CA GLY B 100 7.88 -7.40 -24.28
C GLY B 100 7.63 -7.91 -22.88
N GLY B 101 6.69 -8.85 -22.77
CA GLY B 101 6.32 -9.43 -21.49
C GLY B 101 7.27 -10.45 -20.92
N GLY B 102 8.24 -10.90 -21.71
CA GLY B 102 9.25 -11.80 -21.19
C GLY B 102 8.95 -13.27 -21.45
N THR B 103 10.02 -14.05 -21.66
CA THR B 103 9.94 -15.50 -21.81
C THR B 103 10.90 -16.11 -20.81
N LYS B 104 10.41 -17.06 -20.01
CA LYS B 104 11.26 -17.81 -19.10
C LYS B 104 11.75 -19.09 -19.78
N VAL B 105 13.06 -19.31 -19.76
CA VAL B 105 13.66 -20.53 -20.26
C VAL B 105 14.06 -21.39 -19.07
N GLU B 106 13.37 -22.50 -18.87
CA GLU B 106 13.57 -23.39 -17.74
C GLU B 106 14.09 -24.74 -18.20
N ILE B 107 14.62 -25.51 -17.24
CA ILE B 107 15.21 -26.82 -17.53
C ILE B 107 14.11 -27.86 -17.66
N LYS B 108 14.11 -28.59 -18.77
CA LYS B 108 13.20 -29.71 -18.92
C LYS B 108 13.75 -30.92 -18.18
N ARG B 109 12.83 -31.70 -17.62
CA ARG B 109 13.15 -32.96 -16.97
C ARG B 109 11.92 -33.85 -17.01
N THR B 110 12.07 -35.07 -16.50
CA THR B 110 10.95 -36.01 -16.44
C THR B 110 9.85 -35.47 -15.53
N VAL B 111 8.60 -35.78 -15.89
CA VAL B 111 7.47 -35.46 -15.03
C VAL B 111 7.66 -36.12 -13.67
N ALA B 112 7.44 -35.34 -12.61
CA ALA B 112 7.47 -35.86 -11.24
C ALA B 112 6.24 -35.37 -10.50
N ALA B 113 5.44 -36.31 -10.01
CA ALA B 113 4.26 -35.95 -9.25
C ALA B 113 4.66 -35.40 -7.88
N PRO B 114 3.90 -34.43 -7.35
CA PRO B 114 4.24 -33.89 -6.04
C PRO B 114 3.95 -34.88 -4.93
N SER B 115 4.78 -34.81 -3.89
CA SER B 115 4.45 -35.41 -2.60
C SER B 115 3.68 -34.36 -1.80
N VAL B 116 2.46 -34.68 -1.41
CA VAL B 116 1.60 -33.72 -0.72
C VAL B 116 1.66 -33.98 0.78
N PHE B 117 1.88 -32.91 1.54
CA PHE B 117 1.85 -32.94 2.99
C PHE B 117 0.91 -31.84 3.45
N ILE B 118 0.11 -32.12 4.49
CA ILE B 118 -0.80 -31.13 5.06
C ILE B 118 -0.41 -30.92 6.52
N PHE B 119 -0.43 -29.66 6.95
CA PHE B 119 -0.02 -29.28 8.30
C PHE B 119 -1.16 -28.55 9.01
N PRO B 120 -1.77 -29.14 10.05
CA PRO B 120 -2.75 -28.41 10.85
C PRO B 120 -2.11 -27.26 11.60
N PRO B 121 -2.90 -26.30 12.09
CA PRO B 121 -2.32 -25.20 12.87
C PRO B 121 -1.64 -25.74 14.10
N SER B 122 -0.49 -25.15 14.45
CA SER B 122 0.19 -25.54 15.67
C SER B 122 -0.59 -25.08 16.89
N ASP B 123 -0.41 -25.77 18.01
CA ASP B 123 -1.09 -25.36 19.23
C ASP B 123 -0.63 -23.99 19.69
N GLU B 124 0.63 -23.64 19.45
CA GLU B 124 1.10 -22.31 19.84
C GLU B 124 0.44 -21.22 19.00
N GLN B 125 0.21 -21.49 17.70
CA GLN B 125 -0.46 -20.48 16.88
C GLN B 125 -1.91 -20.29 17.31
N LEU B 126 -2.62 -21.40 17.58
CA LEU B 126 -4.01 -21.30 18.02
C LEU B 126 -4.13 -20.45 19.28
N LYS B 127 -3.10 -20.45 20.14
CA LYS B 127 -3.13 -19.59 21.32
C LYS B 127 -2.98 -18.12 20.93
N SER B 128 -2.33 -17.83 19.80
CA SER B 128 -2.25 -16.46 19.32
C SER B 128 -3.54 -15.97 18.68
N GLY B 129 -4.53 -16.83 18.47
CA GLY B 129 -5.83 -16.45 17.98
C GLY B 129 -6.09 -16.73 16.51
N THR B 130 -5.10 -17.23 15.77
CA THR B 130 -5.21 -17.48 14.35
C THR B 130 -4.90 -18.94 14.04
N ALA B 131 -5.37 -19.40 12.89
CA ALA B 131 -5.17 -20.78 12.46
C ALA B 131 -4.77 -20.79 11.00
N SER B 132 -3.53 -21.20 10.72
CA SER B 132 -3.03 -21.37 9.37
C SER B 132 -2.90 -22.87 9.10
N VAL B 133 -3.51 -23.32 8.01
CA VAL B 133 -3.39 -24.69 7.53
C VAL B 133 -2.51 -24.64 6.29
N VAL B 134 -1.41 -25.39 6.29
CA VAL B 134 -0.42 -25.35 5.21
C VAL B 134 -0.48 -26.66 4.44
N CYS B 135 -0.59 -26.56 3.12
CA CYS B 135 -0.52 -27.69 2.20
C CYS B 135 0.75 -27.58 1.37
N LEU B 136 1.58 -28.62 1.42
CA LEU B 136 2.89 -28.62 0.78
C LEU B 136 2.90 -29.56 -0.42
N LEU B 137 3.29 -29.05 -1.58
CA LEU B 137 3.54 -29.86 -2.78
C LEU B 137 5.05 -29.82 -3.01
N ASN B 138 5.72 -30.97 -2.83
CA ASN B 138 7.17 -30.99 -2.78
C ASN B 138 7.75 -31.69 -4.01
N ASN B 139 8.71 -31.02 -4.65
CA ASN B 139 9.59 -31.60 -5.67
C ASN B 139 8.78 -32.19 -6.84
N PHE B 140 8.08 -31.31 -7.54
CA PHE B 140 7.30 -31.72 -8.70
C PHE B 140 7.78 -31.01 -9.95
N TYR B 141 7.44 -31.60 -11.09
CA TYR B 141 7.72 -31.04 -12.39
C TYR B 141 6.66 -31.58 -13.32
N PRO B 142 6.06 -30.74 -14.18
CA PRO B 142 6.36 -29.30 -14.36
C PRO B 142 5.71 -28.40 -13.32
N ARG B 143 5.88 -27.09 -13.51
CA ARG B 143 5.48 -26.14 -12.48
C ARG B 143 3.96 -26.06 -12.33
N GLU B 144 3.20 -26.28 -13.40
CA GLU B 144 1.78 -26.05 -13.31
C GLU B 144 1.14 -27.04 -12.33
N ALA B 145 0.41 -26.50 -11.37
CA ALA B 145 -0.29 -27.30 -10.39
C ALA B 145 -1.49 -26.51 -9.90
N LYS B 146 -2.47 -27.22 -9.38
CA LYS B 146 -3.70 -26.63 -8.91
C LYS B 146 -3.98 -27.19 -7.53
N VAL B 147 -4.27 -26.28 -6.58
CA VAL B 147 -4.60 -26.63 -5.21
C VAL B 147 -5.94 -25.98 -4.89
N GLN B 148 -6.85 -26.77 -4.35
CA GLN B 148 -8.13 -26.26 -3.86
C GLN B 148 -8.37 -26.76 -2.43
N TRP B 149 -8.86 -25.87 -1.59
CA TRP B 149 -9.14 -26.20 -0.20
C TRP B 149 -10.61 -26.54 -0.04
N LYS B 150 -10.88 -27.53 0.80
CA LYS B 150 -12.24 -27.88 1.19
C LYS B 150 -12.28 -27.99 2.71
N VAL B 151 -13.27 -27.34 3.30
CA VAL B 151 -13.51 -27.39 4.74
C VAL B 151 -14.91 -27.97 4.92
N ASP B 152 -14.99 -29.17 5.50
CA ASP B 152 -16.25 -29.92 5.60
C ASP B 152 -16.95 -30.04 4.26
N ASN B 153 -16.16 -30.33 3.22
CA ASN B 153 -16.60 -30.50 1.83
C ASN B 153 -17.10 -29.21 1.21
N ALA B 154 -16.89 -28.06 1.86
CA ALA B 154 -17.22 -26.77 1.27
C ALA B 154 -15.98 -26.19 0.60
N LEU B 155 -16.11 -25.89 -0.69
CA LEU B 155 -14.99 -25.38 -1.46
C LEU B 155 -14.68 -23.94 -1.07
N GLN B 156 -13.44 -23.67 -0.68
CA GLN B 156 -13.04 -22.37 -0.20
C GLN B 156 -12.74 -21.42 -1.36
N SER B 157 -12.74 -20.13 -1.05
CA SER B 157 -12.42 -19.13 -2.06
C SER B 157 -11.97 -17.85 -1.38
N GLY B 158 -10.85 -17.30 -1.82
CA GLY B 158 -10.40 -16.00 -1.37
C GLY B 158 -9.73 -15.97 -0.01
N ASN B 159 -9.52 -17.12 0.63
CA ASN B 159 -8.88 -17.14 1.95
C ASN B 159 -7.61 -17.99 1.96
N SER B 160 -6.98 -18.21 0.81
CA SER B 160 -5.71 -18.91 0.75
C SER B 160 -4.74 -18.17 -0.16
N GLN B 161 -3.45 -18.37 0.10
CA GLN B 161 -2.39 -17.78 -0.72
C GLN B 161 -1.33 -18.83 -1.03
N GLU B 162 -0.76 -18.74 -2.23
CA GLU B 162 0.24 -19.69 -2.70
C GLU B 162 1.61 -19.01 -2.85
N SER B 163 2.65 -19.82 -2.75
CA SER B 163 4.02 -19.38 -2.96
C SER B 163 4.77 -20.53 -3.61
N VAL B 164 5.63 -20.21 -4.59
CA VAL B 164 6.36 -21.19 -5.38
C VAL B 164 7.85 -20.85 -5.35
N THR B 165 8.68 -21.88 -5.19
CA THR B 165 10.12 -21.71 -5.24
C THR B 165 10.59 -21.62 -6.70
N GLU B 166 11.82 -21.12 -6.86
CA GLU B 166 12.49 -21.23 -8.14
C GLU B 166 12.84 -22.69 -8.42
N GLN B 167 13.14 -22.98 -9.68
CA GLN B 167 13.49 -24.33 -10.08
C GLN B 167 14.78 -24.76 -9.37
N ASP B 168 14.77 -25.95 -8.80
CA ASP B 168 15.90 -26.42 -8.01
C ASP B 168 17.12 -26.67 -8.88
N SER B 169 18.29 -26.27 -8.39
CA SER B 169 19.50 -26.40 -9.19
C SER B 169 19.97 -27.85 -9.31
N LYS B 170 19.60 -28.71 -8.36
CA LYS B 170 20.06 -30.10 -8.37
C LYS B 170 19.13 -31.02 -9.17
N ASP B 171 17.84 -31.01 -8.86
CA ASP B 171 16.91 -31.93 -9.49
C ASP B 171 15.90 -31.26 -10.41
N SER B 172 15.98 -29.94 -10.57
CA SER B 172 15.15 -29.20 -11.53
C SER B 172 13.66 -29.29 -11.21
N THR B 173 13.31 -29.50 -9.93
CA THR B 173 11.91 -29.56 -9.53
C THR B 173 11.50 -28.25 -8.86
N TYR B 174 10.19 -28.11 -8.68
CA TYR B 174 9.57 -26.99 -7.98
C TYR B 174 8.90 -27.51 -6.72
N SER B 175 8.68 -26.59 -5.77
CA SER B 175 7.85 -26.87 -4.62
C SER B 175 6.88 -25.73 -4.42
N LEU B 176 5.72 -26.04 -3.88
CA LEU B 176 4.66 -25.05 -3.72
C LEU B 176 4.02 -25.22 -2.35
N SER B 177 3.66 -24.10 -1.74
CA SER B 177 2.90 -24.10 -0.50
C SER B 177 1.62 -23.31 -0.69
N SER B 178 0.53 -23.84 -0.14
CA SER B 178 -0.75 -23.16 -0.08
C SER B 178 -1.16 -23.06 1.38
N THR B 179 -1.50 -21.86 1.82
CA THR B 179 -1.76 -21.55 3.22
C THR B 179 -3.20 -21.03 3.35
N LEU B 180 -4.06 -21.82 3.99
CA LEU B 180 -5.43 -21.42 4.29
C LEU B 180 -5.44 -20.77 5.66
N THR B 181 -5.94 -19.54 5.74
CA THR B 181 -5.89 -18.75 6.97
C THR B 181 -7.29 -18.44 7.47
N LEU B 182 -7.53 -18.69 8.75
CA LEU B 182 -8.77 -18.33 9.39
C LEU B 182 -8.53 -18.20 10.89
N SER B 183 -9.50 -17.59 11.58
CA SER B 183 -9.34 -17.32 13.00
C SER B 183 -9.46 -18.61 13.82
N LYS B 184 -8.97 -18.55 15.05
CA LYS B 184 -9.10 -19.67 15.98
C LYS B 184 -10.57 -20.05 16.16
N ALA B 185 -11.44 -19.06 16.31
CA ALA B 185 -12.87 -19.34 16.54
C ALA B 185 -13.48 -20.05 15.35
N ASP B 186 -13.13 -19.62 14.13
CA ASP B 186 -13.68 -20.26 12.94
C ASP B 186 -13.12 -21.66 12.75
N TYR B 187 -11.86 -21.88 13.12
CA TYR B 187 -11.25 -23.20 12.98
C TYR B 187 -12.00 -24.24 13.80
N GLU B 188 -12.40 -23.89 15.02
CA GLU B 188 -13.06 -24.83 15.91
C GLU B 188 -14.48 -25.17 15.46
N LYS B 189 -15.04 -24.46 14.48
CA LYS B 189 -16.40 -24.70 14.00
C LYS B 189 -16.46 -25.71 12.86
N HIS B 190 -15.34 -26.34 12.51
CA HIS B 190 -15.30 -27.25 11.37
C HIS B 190 -14.49 -28.47 11.74
N LYS B 191 -14.72 -29.57 11.02
CA LYS B 191 -14.09 -30.84 11.36
C LYS B 191 -13.01 -31.26 10.36
N VAL B 192 -13.35 -31.39 9.08
CA VAL B 192 -12.44 -31.94 8.07
C VAL B 192 -11.78 -30.80 7.30
N TYR B 193 -10.46 -30.83 7.22
CA TYR B 193 -9.69 -29.87 6.44
C TYR B 193 -8.92 -30.63 5.37
N ALA B 194 -9.06 -30.21 4.11
CA ALA B 194 -8.52 -30.96 2.99
C ALA B 194 -7.99 -30.02 1.91
N CYS B 195 -6.84 -30.37 1.33
CA CYS B 195 -6.38 -29.75 0.10
C CYS B 195 -6.36 -30.78 -1.01
N GLU B 196 -6.85 -30.39 -2.19
CA GLU B 196 -6.94 -31.26 -3.35
C GLU B 196 -5.95 -30.77 -4.39
N VAL B 197 -5.06 -31.67 -4.82
CA VAL B 197 -3.94 -31.34 -5.68
C VAL B 197 -4.16 -31.96 -7.06
N THR B 198 -4.07 -31.13 -8.10
CA THR B 198 -4.15 -31.58 -9.48
C THR B 198 -2.80 -31.31 -10.14
N HIS B 199 -2.27 -32.32 -10.82
CA HIS B 199 -0.96 -32.17 -11.44
C HIS B 199 -0.78 -33.24 -12.50
N GLN B 200 0.02 -32.89 -13.52
CA GLN B 200 0.19 -33.80 -14.66
C GLN B 200 0.67 -35.18 -14.22
N GLY B 201 1.49 -35.24 -13.17
CA GLY B 201 2.02 -36.50 -12.69
C GLY B 201 1.06 -37.36 -11.88
N LEU B 202 -0.18 -36.92 -11.69
CA LEU B 202 -1.18 -37.68 -10.93
C LEU B 202 -2.26 -38.18 -11.87
N SER B 203 -2.62 -39.45 -11.72
CA SER B 203 -3.69 -40.03 -12.53
C SER B 203 -5.00 -39.27 -12.33
N SER B 204 -5.29 -38.91 -11.09
CA SER B 204 -6.48 -38.14 -10.73
C SER B 204 -6.11 -37.29 -9.52
N PRO B 205 -6.90 -36.24 -9.24
CA PRO B 205 -6.54 -35.32 -8.14
C PRO B 205 -6.35 -36.05 -6.81
N VAL B 206 -5.34 -35.63 -6.07
CA VAL B 206 -4.98 -36.24 -4.79
C VAL B 206 -5.40 -35.31 -3.66
N THR B 207 -6.16 -35.84 -2.71
CA THR B 207 -6.65 -35.10 -1.54
C THR B 207 -5.87 -35.54 -0.31
N LYS B 208 -5.32 -34.57 0.42
CA LYS B 208 -4.74 -34.78 1.73
C LYS B 208 -5.60 -34.04 2.75
N SER B 209 -5.96 -34.72 3.83
CA SER B 209 -6.93 -34.16 4.76
C SER B 209 -6.63 -34.62 6.18
N PHE B 210 -7.23 -33.91 7.14
CA PHE B 210 -7.15 -34.31 8.53
C PHE B 210 -8.43 -33.91 9.25
N ASN B 211 -8.69 -34.56 10.38
CA ASN B 211 -9.80 -34.20 11.26
C ASN B 211 -9.24 -33.33 12.37
N ARG B 212 -9.84 -32.15 12.56
CA ARG B 212 -9.38 -31.23 13.60
C ARG B 212 -9.33 -31.94 14.95
N GLY B 213 -8.17 -31.87 15.60
CA GLY B 213 -7.96 -32.46 16.90
C GLY B 213 -7.12 -33.73 16.90
N GLU B 214 -6.82 -34.29 15.73
CA GLU B 214 -6.00 -35.51 15.63
C GLU B 214 -4.72 -35.45 16.46
N MET C 2 -25.81 6.63 30.42
CA MET C 2 -24.72 5.71 30.18
C MET C 2 -23.51 6.49 29.64
N GLN C 3 -22.33 6.12 30.11
CA GLN C 3 -21.15 6.92 29.82
C GLN C 3 -19.90 6.08 30.05
N LEU C 4 -18.88 6.35 29.25
CA LEU C 4 -17.54 5.78 29.42
C LEU C 4 -16.56 6.94 29.51
N VAL C 5 -15.84 7.03 30.61
CA VAL C 5 -14.88 8.09 30.88
C VAL C 5 -13.48 7.51 30.69
N GLN C 6 -12.69 8.10 29.80
CA GLN C 6 -11.31 7.68 29.57
C GLN C 6 -10.33 8.65 30.20
N SER C 7 -9.18 8.14 30.59
CA SER C 7 -8.16 8.99 31.18
C SER C 7 -7.59 9.94 30.13
N GLY C 8 -6.92 10.98 30.61
CA GLY C 8 -6.52 12.10 29.79
C GLY C 8 -5.37 11.81 28.84
N ALA C 9 -5.04 12.82 28.04
CA ALA C 9 -4.00 12.68 27.03
C ALA C 9 -2.65 12.34 27.67
N GLU C 10 -1.87 11.56 26.94
CA GLU C 10 -0.59 11.06 27.44
C GLU C 10 0.51 11.47 26.47
N VAL C 11 1.60 11.98 27.03
CA VAL C 11 2.80 12.31 26.27
C VAL C 11 3.93 11.52 26.93
N LYS C 12 4.46 10.52 26.23
CA LYS C 12 5.45 9.61 26.79
C LYS C 12 6.69 9.59 25.91
N LYS C 13 7.78 9.05 26.47
CA LYS C 13 9.00 8.84 25.72
C LYS C 13 9.12 7.37 25.30
N PRO C 14 9.80 7.10 24.18
CA PRO C 14 9.97 5.72 23.74
C PRO C 14 10.64 4.89 24.83
N GLY C 15 10.18 3.65 24.98
CA GLY C 15 10.67 2.76 26.01
C GLY C 15 9.86 2.75 27.28
N GLU C 16 9.06 3.78 27.54
CA GLU C 16 8.29 3.84 28.77
C GLU C 16 7.04 2.98 28.66
N SER C 17 6.57 2.51 29.82
CA SER C 17 5.31 1.79 29.89
C SER C 17 4.16 2.78 30.07
N LEU C 18 2.95 2.31 29.74
CA LEU C 18 1.76 3.16 29.79
C LEU C 18 0.56 2.27 30.04
N LYS C 19 -0.33 2.74 30.91
CA LYS C 19 -1.59 2.06 31.21
C LYS C 19 -2.69 3.12 31.18
N ILE C 20 -3.66 2.97 30.29
CA ILE C 20 -4.77 3.90 30.18
C ILE C 20 -6.06 3.17 30.54
N SER C 21 -7.06 3.94 30.92
CA SER C 21 -8.23 3.42 31.60
C SER C 21 -9.52 3.92 30.98
N CYS C 22 -10.60 3.22 31.32
CA CYS C 22 -11.92 3.46 30.74
C CYS C 22 -12.94 3.05 31.81
N LYS C 23 -13.61 4.05 32.41
CA LYS C 23 -14.53 3.81 33.51
C LYS C 23 -15.96 4.08 33.06
N GLY C 24 -16.82 3.07 33.22
CA GLY C 24 -18.21 3.18 32.82
C GLY C 24 -19.10 3.57 33.99
N SER C 25 -20.17 4.29 33.68
CA SER C 25 -21.18 4.64 34.66
C SER C 25 -22.54 4.71 33.98
N GLY C 26 -23.59 4.65 34.78
CA GLY C 26 -24.95 4.69 34.26
C GLY C 26 -25.51 3.36 33.80
N TYR C 27 -24.73 2.28 33.90
CA TYR C 27 -25.21 0.96 33.52
C TYR C 27 -24.37 -0.07 34.28
N ILE C 28 -24.77 -1.33 34.18
CA ILE C 28 -24.06 -2.43 34.86
C ILE C 28 -22.80 -2.73 34.05
N PHE C 29 -21.67 -2.15 34.48
CA PHE C 29 -20.45 -2.22 33.69
C PHE C 29 -19.92 -3.64 33.53
N ALA C 30 -20.12 -4.49 34.54
CA ALA C 30 -19.47 -5.80 34.56
C ALA C 30 -20.03 -6.76 33.52
N THR C 31 -21.24 -6.55 33.03
CA THR C 31 -21.91 -7.53 32.18
C THR C 31 -22.06 -7.07 30.74
N TYR C 32 -21.16 -6.21 30.26
CA TYR C 32 -21.06 -5.90 28.84
C TYR C 32 -19.58 -5.94 28.47
N TRP C 33 -19.28 -6.51 27.30
CA TRP C 33 -17.92 -6.49 26.79
C TRP C 33 -17.46 -5.06 26.61
N ILE C 34 -16.20 -4.80 26.90
CA ILE C 34 -15.56 -3.53 26.64
C ILE C 34 -14.47 -3.74 25.60
N GLY C 35 -14.51 -2.96 24.53
CA GLY C 35 -13.50 -3.08 23.49
C GLY C 35 -12.56 -1.90 23.41
N TRP C 36 -11.43 -2.07 22.71
CA TRP C 36 -10.49 -1.00 22.44
C TRP C 36 -10.30 -0.87 20.94
N VAL C 37 -10.21 0.36 20.46
CA VAL C 37 -10.10 0.69 19.03
C VAL C 37 -9.00 1.73 18.84
N ARG C 38 -8.08 1.47 17.90
CA ARG C 38 -7.02 2.40 17.59
C ARG C 38 -7.35 3.19 16.33
N GLN C 39 -7.02 4.49 16.35
CA GLN C 39 -7.10 5.33 15.17
C GLN C 39 -5.82 6.14 15.05
N MET C 40 -4.98 5.78 14.09
CA MET C 40 -3.74 6.50 13.84
C MET C 40 -4.04 7.88 13.26
N PRO C 41 -3.13 8.84 13.43
CA PRO C 41 -3.38 10.20 12.92
C PRO C 41 -3.71 10.21 11.44
N GLY C 42 -4.93 10.66 11.12
CA GLY C 42 -5.39 10.72 9.75
C GLY C 42 -5.81 9.41 9.12
N LYS C 43 -5.94 8.35 9.91
CA LYS C 43 -6.23 7.01 9.40
C LYS C 43 -7.60 6.55 9.91
N GLY C 44 -7.97 5.31 9.54
CA GLY C 44 -9.22 4.73 9.96
C GLY C 44 -9.14 4.00 11.29
N LEU C 45 -10.13 3.16 11.54
CA LEU C 45 -10.30 2.49 12.82
C LEU C 45 -9.77 1.06 12.76
N GLU C 46 -9.14 0.61 13.84
CA GLU C 46 -8.68 -0.76 13.95
C GLU C 46 -9.10 -1.33 15.30
N TRP C 47 -9.71 -2.51 15.28
CA TRP C 47 -10.10 -3.17 16.52
C TRP C 47 -8.91 -3.87 17.15
N MET C 48 -8.71 -3.67 18.46
CA MET C 48 -7.59 -4.23 19.20
C MET C 48 -7.97 -5.45 20.04
N GLY C 49 -9.10 -5.42 20.73
CA GLY C 49 -9.49 -6.52 21.58
C GLY C 49 -10.70 -6.16 22.42
N ILE C 50 -11.22 -7.16 23.11
CA ILE C 50 -12.38 -6.99 23.98
C ILE C 50 -12.13 -7.75 25.27
N ILE C 51 -12.81 -7.33 26.33
CA ILE C 51 -12.77 -8.01 27.61
C ILE C 51 -14.16 -7.97 28.23
N TYR C 52 -14.54 -9.10 28.84
CA TYR C 52 -15.79 -9.16 29.61
C TYR C 52 -15.44 -8.96 31.06
N PRO C 53 -15.75 -7.80 31.67
CA PRO C 53 -15.16 -7.49 32.98
C PRO C 53 -15.57 -8.43 34.08
N ASN C 54 -16.75 -9.06 33.99
CA ASN C 54 -17.24 -9.87 35.10
C ASN C 54 -16.33 -11.06 35.39
N ASP C 55 -15.67 -11.61 34.36
CA ASP C 55 -14.76 -12.73 34.54
C ASP C 55 -13.43 -12.52 33.83
N SER C 56 -13.20 -11.34 33.25
CA SER C 56 -11.95 -11.01 32.57
C SER C 56 -11.68 -11.94 31.39
N ASP C 57 -12.74 -12.44 30.75
CA ASP C 57 -12.62 -13.12 29.47
C ASP C 57 -12.08 -12.12 28.46
N THR C 58 -10.87 -12.36 27.96
CA THR C 58 -10.14 -11.41 27.14
C THR C 58 -9.85 -12.02 25.77
N ARG C 59 -10.22 -11.31 24.70
CA ARG C 59 -9.97 -11.78 23.35
C ARG C 59 -9.38 -10.65 22.52
N TYR C 60 -8.23 -10.93 21.91
CA TYR C 60 -7.51 -9.91 21.17
C TYR C 60 -7.71 -10.06 19.67
N SER C 61 -7.57 -8.94 18.97
CA SER C 61 -7.34 -9.02 17.54
C SER C 61 -5.99 -9.68 17.31
N PRO C 62 -5.86 -10.54 16.29
CA PRO C 62 -4.54 -11.10 15.97
C PRO C 62 -3.52 -10.05 15.63
N SER C 63 -3.96 -8.86 15.21
CA SER C 63 -3.03 -7.79 14.90
C SER C 63 -2.41 -7.17 16.15
N PHE C 64 -3.01 -7.37 17.33
CA PHE C 64 -2.52 -6.75 18.55
C PHE C 64 -2.20 -7.73 19.67
N GLN C 65 -2.56 -9.01 19.54
CA GLN C 65 -2.23 -9.94 20.60
C GLN C 65 -0.71 -10.09 20.71
N GLY C 66 -0.21 -10.07 21.94
CA GLY C 66 1.22 -10.05 22.19
C GLY C 66 1.87 -8.69 22.14
N GLN C 67 1.13 -7.67 21.71
CA GLN C 67 1.58 -6.28 21.64
C GLN C 67 1.12 -5.45 22.82
N VAL C 68 -0.11 -5.70 23.29
CA VAL C 68 -0.72 -4.98 24.39
C VAL C 68 -1.41 -5.96 25.33
N THR C 69 -1.70 -5.48 26.54
CA THR C 69 -2.49 -6.24 27.50
C THR C 69 -3.75 -5.46 27.82
N ILE C 70 -4.89 -6.12 27.72
CA ILE C 70 -6.19 -5.57 28.10
C ILE C 70 -6.59 -6.24 29.41
N SER C 71 -7.05 -5.44 30.37
CA SER C 71 -7.44 -5.96 31.67
C SER C 71 -8.64 -5.16 32.19
N ALA C 72 -9.18 -5.60 33.32
CA ALA C 72 -10.31 -4.93 33.93
C ALA C 72 -10.27 -5.09 35.44
N ASP C 73 -10.69 -4.05 36.15
CA ASP C 73 -10.90 -4.07 37.60
C ASP C 73 -12.41 -3.92 37.80
N LYS C 74 -13.12 -5.05 37.87
CA LYS C 74 -14.58 -4.95 37.89
C LYS C 74 -15.08 -4.24 39.15
N SER C 75 -14.32 -4.30 40.25
CA SER C 75 -14.78 -3.68 41.49
C SER C 75 -14.93 -2.16 41.36
N ILE C 76 -14.29 -1.53 40.38
CA ILE C 76 -14.40 -0.08 40.20
C ILE C 76 -14.80 0.27 38.77
N ASN C 77 -15.40 -0.69 38.07
CA ASN C 77 -16.01 -0.46 36.75
C ASN C 77 -15.02 0.12 35.74
N THR C 78 -13.82 -0.46 35.68
CA THR C 78 -12.78 0.09 34.83
C THR C 78 -12.13 -1.01 34.00
N ALA C 79 -11.90 -0.70 32.73
CA ALA C 79 -11.12 -1.52 31.82
C ALA C 79 -9.84 -0.79 31.46
N TYR C 80 -8.78 -1.55 31.17
CA TYR C 80 -7.46 -0.98 30.95
C TYR C 80 -6.86 -1.50 29.65
N LEU C 81 -5.90 -0.71 29.14
CA LEU C 81 -5.09 -1.07 27.98
C LEU C 81 -3.68 -0.60 28.27
N GLN C 82 -2.71 -1.52 28.21
CA GLN C 82 -1.36 -1.17 28.65
C GLN C 82 -0.29 -1.72 27.71
N TRP C 83 0.80 -0.97 27.62
CA TRP C 83 1.99 -1.33 26.87
C TRP C 83 3.17 -1.43 27.83
N SER C 84 4.00 -2.45 27.65
CA SER C 84 5.19 -2.54 28.49
C SER C 84 6.32 -1.62 28.00
N SER C 85 6.37 -1.35 26.70
CA SER C 85 7.46 -0.55 26.12
C SER C 85 6.93 0.14 24.86
N LEU C 86 6.70 1.45 24.96
CA LEU C 86 6.08 2.19 23.87
C LEU C 86 7.10 2.49 22.76
N LYS C 87 6.59 2.64 21.54
CA LYS C 87 7.36 3.12 20.39
C LYS C 87 6.67 4.35 19.81
N ALA C 88 7.44 5.10 19.02
CA ALA C 88 6.87 6.27 18.35
C ALA C 88 5.69 5.89 17.46
N SER C 89 5.71 4.67 16.92
CA SER C 89 4.64 4.13 16.09
C SER C 89 3.34 3.94 16.85
N ASP C 90 3.37 4.00 18.19
CA ASP C 90 2.15 3.87 18.98
C ASP C 90 1.37 5.18 19.08
N THR C 91 1.89 6.28 18.52
CA THR C 91 1.19 7.56 18.55
C THR C 91 -0.16 7.43 17.83
N ALA C 92 -1.25 7.57 18.58
CA ALA C 92 -2.58 7.40 18.01
C ALA C 92 -3.61 7.85 19.03
N MET C 93 -4.86 7.87 18.59
CA MET C 93 -6.01 7.99 19.47
C MET C 93 -6.50 6.59 19.82
N TYR C 94 -6.80 6.38 21.11
CA TYR C 94 -7.28 5.09 21.59
C TYR C 94 -8.66 5.26 22.19
N TYR C 95 -9.66 4.62 21.57
CA TYR C 95 -11.02 4.64 22.07
C TYR C 95 -11.34 3.34 22.79
N CYS C 96 -12.11 3.45 23.87
CA CYS C 96 -12.81 2.29 24.40
C CYS C 96 -14.28 2.40 24.05
N ALA C 97 -14.90 1.24 23.81
CA ALA C 97 -16.28 1.24 23.41
C ALA C 97 -16.93 -0.06 23.89
N ARG C 98 -18.17 0.06 24.34
CA ARG C 98 -18.96 -1.11 24.70
C ARG C 98 -19.25 -1.93 23.45
N THR C 99 -19.03 -3.24 23.54
CA THR C 99 -18.99 -4.12 22.37
C THR C 99 -20.08 -5.18 22.49
N ARG C 100 -20.93 -5.28 21.45
CA ARG C 100 -22.20 -6.00 21.55
C ARG C 100 -22.38 -7.25 20.66
N TRP C 101 -21.59 -7.48 19.61
CA TRP C 101 -20.21 -7.07 19.35
C TRP C 101 -20.04 -5.96 18.29
N TYR C 102 -21.09 -5.18 18.06
CA TYR C 102 -20.95 -3.86 17.48
C TYR C 102 -20.72 -2.85 18.61
N PHE C 103 -20.17 -1.68 18.25
CA PHE C 103 -19.73 -0.69 19.24
C PHE C 103 -20.81 0.37 19.41
N ASP C 104 -21.57 0.27 20.51
CA ASP C 104 -22.75 1.12 20.65
C ASP C 104 -22.55 2.30 21.60
N LEU C 105 -21.47 2.31 22.39
CA LEU C 105 -21.19 3.39 23.33
C LEU C 105 -19.70 3.65 23.31
N TRP C 106 -19.30 4.88 22.97
CA TRP C 106 -17.89 5.20 22.77
C TRP C 106 -17.42 6.19 23.82
N GLY C 107 -16.19 5.98 24.31
CA GLY C 107 -15.51 7.02 25.05
C GLY C 107 -15.06 8.12 24.11
N ARG C 108 -14.55 9.21 24.71
CA ARG C 108 -14.04 10.31 23.91
C ARG C 108 -12.65 10.05 23.35
N GLY C 109 -11.98 8.99 23.78
CA GLY C 109 -10.66 8.71 23.27
C GLY C 109 -9.57 9.29 24.16
N THR C 110 -8.43 8.59 24.17
CA THR C 110 -7.22 9.04 24.84
C THR C 110 -6.15 9.24 23.78
N LEU C 111 -5.64 10.46 23.67
CA LEU C 111 -4.58 10.75 22.71
C LEU C 111 -3.24 10.37 23.33
N VAL C 112 -2.52 9.46 22.69
CA VAL C 112 -1.22 9.00 23.17
C VAL C 112 -0.15 9.51 22.20
N THR C 113 0.78 10.31 22.72
CA THR C 113 1.88 10.86 21.94
C THR C 113 3.20 10.32 22.48
N VAL C 114 3.93 9.59 21.66
CA VAL C 114 5.20 9.00 22.04
C VAL C 114 6.30 9.75 21.31
N SER C 115 7.15 10.44 22.07
CA SER C 115 8.16 11.31 21.49
C SER C 115 9.30 11.49 22.47
N SER C 116 10.49 11.80 21.92
CA SER C 116 11.67 12.18 22.69
C SER C 116 11.71 13.67 23.00
N ALA C 117 10.86 14.48 22.37
CA ALA C 117 10.87 15.92 22.56
C ALA C 117 10.43 16.29 23.98
N SER C 118 10.80 17.50 24.38
CA SER C 118 10.37 18.09 25.64
C SER C 118 9.47 19.28 25.35
N THR C 119 8.72 19.69 26.38
CA THR C 119 7.78 20.79 26.25
C THR C 119 8.49 22.07 25.81
N LYS C 120 7.93 22.73 24.80
CA LYS C 120 8.53 23.96 24.29
C LYS C 120 7.44 24.86 23.72
N GLY C 121 7.43 26.12 24.16
CA GLY C 121 6.53 27.10 23.60
C GLY C 121 6.93 27.52 22.21
N PRO C 122 5.98 28.01 21.42
CA PRO C 122 6.26 28.32 20.02
C PRO C 122 6.90 29.69 19.85
N SER C 123 7.62 29.83 18.75
CA SER C 123 8.00 31.14 18.22
C SER C 123 6.99 31.56 17.18
N VAL C 124 6.63 32.84 17.18
CA VAL C 124 5.60 33.35 16.28
C VAL C 124 6.24 34.42 15.40
N PHE C 125 6.17 34.20 14.08
CA PHE C 125 6.79 35.08 13.09
C PHE C 125 5.73 35.62 12.14
N PRO C 126 5.83 36.90 11.76
CA PRO C 126 4.80 37.49 10.89
C PRO C 126 4.99 37.08 9.45
N LEU C 127 3.88 36.86 8.76
CA LEU C 127 3.83 36.63 7.32
C LEU C 127 3.25 37.91 6.70
N ALA C 128 4.13 38.82 6.33
CA ALA C 128 3.71 40.17 5.93
C ALA C 128 2.97 40.15 4.60
N PRO C 129 1.96 40.98 4.42
CA PRO C 129 1.30 41.08 3.12
C PRO C 129 2.22 41.71 2.09
N SER C 130 2.18 41.17 0.88
CA SER C 130 3.00 41.65 -0.23
C SER C 130 2.67 43.09 -0.58
N THR C 138 -7.51 42.09 -2.94
CA THR C 138 -7.37 41.14 -1.84
C THR C 138 -5.91 40.82 -1.52
N ALA C 139 -5.53 41.02 -0.27
CA ALA C 139 -4.19 40.67 0.21
C ALA C 139 -4.27 39.54 1.23
N ALA C 140 -3.24 38.72 1.24
CA ALA C 140 -3.12 37.63 2.20
C ALA C 140 -1.97 37.93 3.16
N LEU C 141 -2.22 37.71 4.44
CA LEU C 141 -1.21 37.85 5.48
C LEU C 141 -1.42 36.74 6.48
N GLY C 142 -0.48 36.57 7.40
CA GLY C 142 -0.64 35.55 8.42
C GLY C 142 0.47 35.54 9.44
N CYS C 143 0.58 34.44 10.18
N CYS C 143 0.55 34.42 10.17
CA CYS C 143 1.69 34.31 11.11
CA CYS C 143 1.57 34.19 11.17
C CYS C 143 2.06 32.84 11.30
C CYS C 143 2.11 32.77 11.01
N LEU C 144 3.38 32.60 11.35
CA LEU C 144 3.98 31.28 11.40
C LEU C 144 4.27 30.91 12.85
N VAL C 145 3.68 29.81 13.30
CA VAL C 145 3.80 29.35 14.68
C VAL C 145 4.68 28.11 14.66
N LYS C 146 5.95 28.28 15.02
CA LYS C 146 6.98 27.29 14.75
C LYS C 146 7.59 26.74 16.02
N ASP C 147 7.92 25.44 15.99
CA ASP C 147 8.77 24.75 16.96
C ASP C 147 8.16 24.75 18.37
N TYR C 148 7.04 24.03 18.49
CA TYR C 148 6.41 23.86 19.80
C TYR C 148 6.12 22.39 20.04
N PHE C 149 5.94 22.04 21.32
CA PHE C 149 5.61 20.69 21.71
C PHE C 149 5.10 20.72 23.14
N PRO C 150 4.03 19.97 23.47
CA PRO C 150 3.28 19.17 22.51
C PRO C 150 2.14 19.96 21.88
N GLU C 151 1.29 19.27 21.14
CA GLU C 151 0.04 19.86 20.71
C GLU C 151 -0.89 19.99 21.92
N PRO C 152 -1.86 20.92 21.87
CA PRO C 152 -2.17 21.85 20.78
C PRO C 152 -1.78 23.30 21.01
N VAL C 153 -1.99 24.09 19.97
N VAL C 153 -1.89 24.11 19.96
CA VAL C 153 -1.83 25.54 19.97
CA VAL C 153 -1.88 25.55 20.10
C VAL C 153 -3.12 26.15 19.42
C VAL C 153 -3.21 26.06 19.58
N THR C 154 -3.52 27.29 19.99
CA THR C 154 -4.72 27.99 19.56
C THR C 154 -4.30 29.29 18.89
N VAL C 155 -4.98 29.64 17.81
CA VAL C 155 -4.71 30.87 17.07
C VAL C 155 -6.00 31.64 16.91
N SER C 156 -5.99 32.91 17.29
CA SER C 156 -7.04 33.87 17.01
C SER C 156 -6.45 35.05 16.26
N TRP C 157 -7.33 35.88 15.70
CA TRP C 157 -6.93 37.14 15.08
C TRP C 157 -7.71 38.27 15.73
N ASN C 158 -6.99 39.31 16.13
CA ASN C 158 -7.58 40.48 16.79
C ASN C 158 -8.46 40.06 17.95
N SER C 159 -7.90 39.20 18.81
CA SER C 159 -8.55 38.75 20.04
C SER C 159 -9.90 38.09 19.74
N GLY C 160 -10.01 37.42 18.61
CA GLY C 160 -11.22 36.72 18.25
C GLY C 160 -12.23 37.51 17.45
N ALA C 161 -11.99 38.81 17.21
CA ALA C 161 -12.95 39.61 16.45
C ALA C 161 -12.89 39.31 14.97
N LEU C 162 -11.75 38.83 14.46
CA LEU C 162 -11.57 38.56 13.04
C LEU C 162 -11.56 37.05 12.83
N THR C 163 -12.58 36.54 12.12
CA THR C 163 -12.68 35.11 11.85
C THR C 163 -12.94 34.79 10.38
N SER C 164 -13.62 35.68 9.66
CA SER C 164 -13.97 35.41 8.27
C SER C 164 -12.73 35.47 7.38
N GLY C 165 -12.56 34.47 6.52
CA GLY C 165 -11.39 34.38 5.69
C GLY C 165 -10.16 33.84 6.38
N VAL C 166 -10.27 33.42 7.63
CA VAL C 166 -9.13 32.92 8.39
C VAL C 166 -9.00 31.43 8.13
N HIS C 167 -7.79 31.00 7.84
CA HIS C 167 -7.45 29.58 7.72
C HIS C 167 -6.28 29.30 8.65
N THR C 168 -6.52 28.49 9.67
CA THR C 168 -5.48 27.99 10.55
C THR C 168 -5.26 26.53 10.20
N PHE C 169 -4.08 26.21 9.65
CA PHE C 169 -3.84 24.88 9.11
C PHE C 169 -3.51 23.89 10.22
N PRO C 170 -3.85 22.62 10.03
CA PRO C 170 -3.38 21.57 10.95
C PRO C 170 -1.87 21.60 11.11
N ALA C 171 -1.41 21.34 12.33
CA ALA C 171 0.01 21.31 12.62
C ALA C 171 0.68 20.14 11.90
N VAL C 172 1.96 20.34 11.58
CA VAL C 172 2.79 19.30 10.99
C VAL C 172 3.95 19.02 11.95
N LEU C 173 4.34 17.75 12.03
CA LEU C 173 5.47 17.34 12.85
C LEU C 173 6.75 17.44 12.03
N GLN C 174 7.68 18.27 12.48
CA GLN C 174 8.95 18.44 11.79
C GLN C 174 9.92 17.31 12.16
N SER C 175 11.01 17.21 11.41
CA SER C 175 12.00 16.18 11.69
C SER C 175 12.66 16.39 13.05
N SER C 176 12.59 17.60 13.59
CA SER C 176 13.16 17.86 14.91
C SER C 176 12.33 17.28 16.05
N GLY C 177 11.09 16.85 15.78
CA GLY C 177 10.18 16.43 16.82
C GLY C 177 9.22 17.50 17.29
N LEU C 178 9.44 18.76 16.88
CA LEU C 178 8.58 19.86 17.23
C LEU C 178 7.54 20.11 16.14
N TYR C 179 6.40 20.67 16.55
CA TYR C 179 5.31 20.97 15.62
C TYR C 179 5.43 22.39 15.08
N SER C 180 4.72 22.64 13.99
CA SER C 180 4.69 23.95 13.36
C SER C 180 3.39 24.09 12.59
N LEU C 181 2.83 25.30 12.56
CA LEU C 181 1.66 25.58 11.76
C LEU C 181 1.67 27.05 11.34
N SER C 182 0.84 27.36 10.36
CA SER C 182 0.57 28.73 9.96
C SER C 182 -0.92 29.02 10.04
N SER C 183 -1.24 30.28 10.32
CA SER C 183 -2.60 30.77 10.23
C SER C 183 -2.59 31.99 9.32
N VAL C 184 -3.47 32.00 8.32
CA VAL C 184 -3.50 33.06 7.32
C VAL C 184 -4.91 33.64 7.27
N VAL C 185 -4.99 34.85 6.72
CA VAL C 185 -6.27 35.52 6.52
C VAL C 185 -6.16 36.40 5.28
N THR C 186 -7.25 36.52 4.53
CA THR C 186 -7.32 37.40 3.37
C THR C 186 -8.17 38.61 3.71
N VAL C 187 -7.67 39.79 3.33
CA VAL C 187 -8.30 41.07 3.64
C VAL C 187 -8.22 41.96 2.42
N PRO C 188 -9.07 42.99 2.34
CA PRO C 188 -8.93 43.98 1.26
C PRO C 188 -7.57 44.67 1.32
N SER C 189 -6.97 44.85 0.14
CA SER C 189 -5.66 45.51 0.08
C SER C 189 -5.71 46.95 0.56
N SER C 190 -6.84 47.63 0.39
CA SER C 190 -6.95 49.02 0.82
C SER C 190 -7.03 49.17 2.34
N SER C 191 -7.20 48.08 3.08
CA SER C 191 -7.30 48.14 4.53
C SER C 191 -5.95 48.03 5.22
N LEU C 192 -4.90 47.62 4.50
CA LEU C 192 -3.59 47.41 5.12
C LEU C 192 -3.03 48.70 5.68
N GLY C 193 -3.45 49.85 5.16
CA GLY C 193 -2.95 51.12 5.65
C GLY C 193 -3.65 51.66 6.88
N THR C 194 -4.82 51.12 7.22
CA THR C 194 -5.61 51.64 8.32
C THR C 194 -5.97 50.60 9.39
N GLN C 195 -6.19 49.34 9.02
CA GLN C 195 -6.60 48.33 9.99
C GLN C 195 -5.40 47.57 10.53
N THR C 196 -5.45 47.27 11.83
CA THR C 196 -4.41 46.51 12.50
C THR C 196 -4.77 45.03 12.53
N TYR C 197 -3.79 44.19 12.22
CA TYR C 197 -3.97 42.73 12.21
C TYR C 197 -2.97 42.11 13.17
N ILE C 198 -3.47 41.45 14.21
CA ILE C 198 -2.65 40.86 15.26
C ILE C 198 -3.11 39.42 15.45
N CYS C 199 -2.17 38.48 15.41
CA CYS C 199 -2.48 37.09 15.65
C CYS C 199 -2.12 36.73 17.09
N ASN C 200 -3.07 36.10 17.79
CA ASN C 200 -2.92 35.74 19.19
C ASN C 200 -2.70 34.24 19.26
N VAL C 201 -1.60 33.82 19.87
CA VAL C 201 -1.20 32.43 19.91
C VAL C 201 -1.07 32.00 21.36
N ASN C 202 -1.78 30.92 21.71
CA ASN C 202 -1.81 30.38 23.06
C ASN C 202 -1.32 28.94 23.02
N HIS C 203 -0.35 28.62 23.88
CA HIS C 203 0.17 27.26 24.04
C HIS C 203 0.09 26.92 25.52
N LYS C 204 -1.00 26.27 25.93
CA LYS C 204 -1.22 26.00 27.34
C LYS C 204 -0.13 25.17 28.02
N PRO C 205 0.42 24.10 27.42
CA PRO C 205 1.40 23.30 28.15
C PRO C 205 2.64 24.07 28.60
N SER C 206 3.01 25.12 27.87
CA SER C 206 4.16 25.95 28.25
C SER C 206 3.76 27.29 28.83
N ASN C 207 2.45 27.56 28.99
CA ASN C 207 1.98 28.85 29.52
C ASN C 207 2.50 30.02 28.69
N THR C 208 2.55 29.85 27.36
CA THR C 208 2.98 30.92 26.48
C THR C 208 1.77 31.54 25.79
N LYS C 209 1.72 32.87 25.79
CA LYS C 209 0.70 33.64 25.09
C LYS C 209 1.38 34.80 24.38
N VAL C 210 1.29 34.85 23.06
CA VAL C 210 1.99 35.82 22.24
C VAL C 210 1.00 36.57 21.35
N ASP C 211 1.18 37.88 21.23
CA ASP C 211 0.44 38.71 20.29
C ASP C 211 1.42 39.30 19.28
N LYS C 212 1.29 38.90 18.01
CA LYS C 212 2.19 39.34 16.94
C LYS C 212 1.43 40.19 15.93
N ARG C 213 1.81 41.47 15.85
CA ARG C 213 1.27 42.38 14.84
C ARG C 213 1.91 42.11 13.49
N VAL C 214 1.08 41.97 12.45
CA VAL C 214 1.54 41.69 11.10
C VAL C 214 1.26 42.91 10.24
N GLU C 215 2.33 43.60 9.83
CA GLU C 215 2.24 44.88 9.11
C GLU C 215 2.84 44.75 7.70
N PRO C 216 2.40 45.60 6.76
CA PRO C 216 3.01 45.72 5.43
C PRO C 216 4.42 46.30 5.42
N GLU D 1 -9.41 -13.48 8.14
CA GLU D 1 -10.04 -12.19 8.37
C GLU D 1 -10.98 -11.83 7.23
N ILE D 2 -12.16 -11.30 7.56
CA ILE D 2 -13.04 -10.77 6.53
C ILE D 2 -12.61 -9.34 6.22
N VAL D 3 -12.20 -9.10 4.99
CA VAL D 3 -11.78 -7.78 4.55
C VAL D 3 -13.01 -7.03 4.06
N LEU D 4 -13.19 -5.82 4.56
CA LEU D 4 -14.28 -4.94 4.15
C LEU D 4 -13.72 -3.82 3.29
N THR D 5 -14.20 -3.71 2.05
CA THR D 5 -13.74 -2.68 1.13
C THR D 5 -14.86 -1.65 0.96
N GLN D 6 -14.55 -0.39 1.25
CA GLN D 6 -15.48 0.70 1.03
C GLN D 6 -14.96 1.51 -0.15
N SER D 7 -15.72 1.51 -1.24
CA SER D 7 -15.33 2.26 -2.43
C SER D 7 -16.52 3.09 -2.88
N PRO D 8 -16.28 4.31 -3.38
CA PRO D 8 -14.92 4.89 -3.37
C PRO D 8 -14.55 5.49 -2.03
N GLY D 9 -13.31 5.95 -1.91
CA GLY D 9 -12.87 6.61 -0.69
C GLY D 9 -13.56 7.94 -0.45
N THR D 10 -14.03 8.59 -1.51
CA THR D 10 -14.68 9.90 -1.39
C THR D 10 -15.89 9.97 -2.31
N LEU D 11 -17.01 10.40 -1.73
CA LEU D 11 -18.22 10.78 -2.47
C LEU D 11 -18.36 12.30 -2.40
N SER D 12 -18.64 12.92 -3.53
CA SER D 12 -18.87 14.37 -3.62
C SER D 12 -20.33 14.58 -3.99
N LEU D 13 -21.11 15.10 -3.05
CA LEU D 13 -22.55 15.24 -3.26
C LEU D 13 -23.02 16.60 -2.77
N SER D 14 -24.19 17.02 -3.27
CA SER D 14 -24.76 18.30 -2.89
C SER D 14 -25.70 18.12 -1.71
N PRO D 15 -25.92 19.18 -0.93
CA PRO D 15 -26.94 19.11 0.12
C PRO D 15 -28.31 18.83 -0.47
N GLY D 16 -29.10 18.05 0.26
CA GLY D 16 -30.40 17.63 -0.21
C GLY D 16 -30.39 16.43 -1.13
N GLU D 17 -29.21 15.95 -1.50
CA GLU D 17 -29.04 14.85 -2.45
C GLU D 17 -29.09 13.51 -1.71
N ARG D 18 -29.30 12.47 -2.48
CA ARG D 18 -29.29 11.10 -1.96
C ARG D 18 -27.87 10.57 -1.98
N ALA D 19 -27.45 9.95 -0.89
CA ALA D 19 -26.14 9.35 -0.77
C ALA D 19 -26.27 7.84 -0.63
N THR D 20 -25.43 7.10 -1.36
CA THR D 20 -25.40 5.64 -1.33
C THR D 20 -23.97 5.19 -1.12
N LEU D 21 -23.73 4.49 -0.01
CA LEU D 21 -22.38 4.06 0.35
C LEU D 21 -22.31 2.53 0.34
N SER D 22 -21.24 2.01 -0.25
CA SER D 22 -21.06 0.59 -0.47
C SER D 22 -20.03 0.03 0.50
N CYS D 23 -20.34 -1.13 1.06
CA CYS D 23 -19.41 -1.88 1.90
C CYS D 23 -19.45 -3.32 1.43
N ARG D 24 -18.30 -3.85 1.00
CA ARG D 24 -18.26 -5.19 0.43
C ARG D 24 -17.26 -6.06 1.18
N ALA D 25 -17.70 -7.27 1.49
CA ALA D 25 -16.94 -8.20 2.30
C ALA D 25 -16.33 -9.27 1.41
N SER D 26 -15.12 -9.70 1.78
CA SER D 26 -14.42 -10.74 1.05
C SER D 26 -15.07 -12.10 1.20
N GLN D 27 -15.92 -12.28 2.22
CA GLN D 27 -16.71 -13.49 2.33
C GLN D 27 -18.02 -13.13 3.04
N SER D 28 -19.01 -14.03 2.92
CA SER D 28 -20.34 -13.76 3.41
C SER D 28 -20.32 -13.44 4.91
N VAL D 29 -21.03 -12.38 5.29
CA VAL D 29 -21.07 -11.92 6.68
C VAL D 29 -22.23 -12.60 7.39
N SER D 30 -21.92 -13.37 8.43
CA SER D 30 -22.94 -14.20 9.08
C SER D 30 -24.03 -13.36 9.73
N SER D 31 -25.28 -13.80 9.53
CA SER D 31 -26.49 -13.20 10.11
C SER D 31 -26.59 -11.70 9.85
N SER D 32 -25.95 -11.24 8.78
CA SER D 32 -25.97 -9.82 8.40
C SER D 32 -25.51 -8.94 9.56
N TYR D 33 -24.52 -9.44 10.29
CA TYR D 33 -23.94 -8.72 11.43
C TYR D 33 -22.99 -7.66 10.88
N LEU D 34 -23.59 -6.56 10.42
CA LEU D 34 -22.88 -5.47 9.76
C LEU D 34 -23.35 -4.17 10.36
N ALA D 35 -22.41 -3.35 10.85
CA ALA D 35 -22.72 -2.09 11.49
C ALA D 35 -22.10 -0.95 10.70
N TRP D 36 -22.70 0.24 10.82
CA TRP D 36 -22.23 1.47 10.18
C TRP D 36 -21.98 2.54 11.23
N TYR D 37 -20.96 3.37 11.01
CA TYR D 37 -20.58 4.42 11.95
C TYR D 37 -20.34 5.74 11.21
N GLN D 38 -20.61 6.84 11.91
CA GLN D 38 -20.30 8.18 11.42
C GLN D 38 -19.22 8.80 12.30
N GLN D 39 -18.26 9.48 11.68
CA GLN D 39 -17.23 10.19 12.43
C GLN D 39 -16.92 11.54 11.80
N LYS D 40 -16.96 12.58 12.59
CA LYS D 40 -16.60 13.93 12.21
C LYS D 40 -15.23 14.31 12.78
N PRO D 41 -14.54 15.26 12.16
CA PRO D 41 -13.19 15.61 12.63
C PRO D 41 -13.18 16.00 14.10
N GLY D 42 -12.29 15.36 14.85
CA GLY D 42 -12.10 15.67 16.26
C GLY D 42 -13.09 15.04 17.21
N GLN D 43 -13.95 14.15 16.74
CA GLN D 43 -14.97 13.50 17.57
C GLN D 43 -14.84 11.99 17.47
N ALA D 44 -15.38 11.31 18.48
CA ALA D 44 -15.43 9.86 18.47
C ALA D 44 -16.40 9.37 17.40
N PRO D 45 -16.22 8.14 16.91
CA PRO D 45 -17.22 7.55 16.02
C PRO D 45 -18.54 7.36 16.73
N ARG D 46 -19.61 7.24 15.94
CA ARG D 46 -20.96 7.16 16.46
C ARG D 46 -21.72 6.06 15.72
N LEU D 47 -22.34 5.15 16.48
CA LEU D 47 -23.08 4.05 15.87
C LEU D 47 -24.36 4.57 15.22
N LEU D 48 -24.54 4.23 13.94
CA LEU D 48 -25.73 4.57 13.17
C LEU D 48 -26.66 3.37 13.00
N ILE D 49 -26.11 2.23 12.60
CA ILE D 49 -26.89 1.08 12.20
C ILE D 49 -26.16 -0.17 12.66
N TYR D 50 -26.92 -1.15 13.15
CA TYR D 50 -26.40 -2.46 13.46
C TYR D 50 -27.29 -3.51 12.80
N GLY D 51 -26.78 -4.73 12.73
CA GLY D 51 -27.53 -5.79 12.08
C GLY D 51 -27.92 -5.49 10.65
N ALA D 52 -27.06 -4.75 9.94
CA ALA D 52 -27.25 -4.32 8.55
C ALA D 52 -28.36 -3.29 8.38
N SER D 53 -29.46 -3.40 9.11
CA SER D 53 -30.60 -2.52 8.84
C SER D 53 -31.28 -1.97 10.08
N SER D 54 -30.87 -2.35 11.29
CA SER D 54 -31.47 -1.82 12.51
C SER D 54 -30.78 -0.52 12.89
N ARG D 55 -31.59 0.51 13.15
CA ARG D 55 -31.09 1.85 13.43
C ARG D 55 -30.95 2.05 14.93
N ALA D 56 -29.81 2.62 15.34
CA ALA D 56 -29.54 2.82 16.76
C ALA D 56 -30.43 3.91 17.35
N THR D 57 -30.52 3.90 18.67
CA THR D 57 -31.40 4.83 19.37
C THR D 57 -31.07 6.27 19.03
N GLY D 58 -32.08 7.02 18.59
CA GLY D 58 -31.94 8.43 18.29
C GLY D 58 -31.40 8.76 16.92
N ILE D 59 -30.96 7.78 16.15
CA ILE D 59 -30.43 8.04 14.81
C ILE D 59 -31.58 8.37 13.87
N PRO D 60 -31.49 9.43 13.06
CA PRO D 60 -32.61 9.80 12.18
C PRO D 60 -32.84 8.76 11.09
N ASP D 61 -34.11 8.58 10.72
CA ASP D 61 -34.47 7.53 9.77
C ASP D 61 -34.13 7.89 8.32
N ARG D 62 -33.50 9.03 8.06
CA ARG D 62 -32.92 9.25 6.74
C ARG D 62 -31.68 8.38 6.52
N PHE D 63 -31.09 7.86 7.60
CA PHE D 63 -30.08 6.82 7.52
C PHE D 63 -30.77 5.46 7.51
N SER D 64 -30.53 4.68 6.46
CA SER D 64 -31.06 3.33 6.39
C SER D 64 -29.99 2.41 5.84
N GLY D 65 -29.99 1.17 6.33
CA GLY D 65 -29.06 0.15 5.86
C GLY D 65 -29.81 -0.98 5.19
N SER D 66 -29.15 -1.62 4.23
CA SER D 66 -29.71 -2.79 3.58
C SER D 66 -28.57 -3.67 3.09
N GLY D 67 -28.94 -4.80 2.51
CA GLY D 67 -27.98 -5.74 1.96
C GLY D 67 -27.82 -6.96 2.84
N SER D 68 -27.09 -7.93 2.29
CA SER D 68 -26.80 -9.20 2.96
C SER D 68 -25.69 -9.89 2.19
N GLY D 69 -25.13 -10.94 2.78
CA GLY D 69 -24.04 -11.68 2.17
C GLY D 69 -22.74 -10.90 2.13
N THR D 70 -22.32 -10.49 0.92
CA THR D 70 -21.10 -9.73 0.73
C THR D 70 -21.34 -8.28 0.35
N ASP D 71 -22.59 -7.86 0.15
CA ASP D 71 -22.92 -6.53 -0.36
C ASP D 71 -23.85 -5.80 0.61
N PHE D 72 -23.36 -4.73 1.21
CA PHE D 72 -24.15 -3.93 2.14
C PHE D 72 -24.13 -2.47 1.70
N THR D 73 -25.18 -1.74 2.08
CA THR D 73 -25.38 -0.37 1.62
C THR D 73 -25.88 0.48 2.78
N LEU D 74 -25.28 1.67 2.93
CA LEU D 74 -25.81 2.72 3.79
C LEU D 74 -26.38 3.80 2.88
N THR D 75 -27.66 4.10 3.07
CA THR D 75 -28.34 5.10 2.28
C THR D 75 -28.69 6.29 3.17
N ILE D 76 -28.30 7.48 2.73
CA ILE D 76 -28.74 8.73 3.34
C ILE D 76 -29.72 9.35 2.34
N SER D 77 -31.01 9.32 2.68
CA SER D 77 -32.03 9.66 1.70
C SER D 77 -31.95 11.12 1.26
N ARG D 78 -31.63 12.02 2.20
CA ARG D 78 -31.54 13.44 1.88
C ARG D 78 -30.44 14.03 2.76
N LEU D 79 -29.35 14.48 2.13
CA LEU D 79 -28.18 14.92 2.89
C LEU D 79 -28.43 16.25 3.57
N GLU D 80 -28.22 16.28 4.88
CA GLU D 80 -28.20 17.50 5.67
C GLU D 80 -26.78 18.02 5.80
N PRO D 81 -26.61 19.31 6.11
CA PRO D 81 -25.24 19.82 6.32
C PRO D 81 -24.43 19.03 7.32
N GLU D 82 -25.08 18.45 8.33
CA GLU D 82 -24.36 17.70 9.35
C GLU D 82 -24.09 16.25 8.94
N ASP D 83 -24.49 15.84 7.74
CA ASP D 83 -24.23 14.48 7.29
C ASP D 83 -22.91 14.32 6.54
N PHE D 84 -22.28 15.44 6.16
CA PHE D 84 -21.00 15.39 5.44
C PHE D 84 -19.90 15.06 6.46
N ALA D 85 -19.36 13.86 6.36
CA ALA D 85 -18.43 13.31 7.36
C ALA D 85 -17.89 11.99 6.79
N VAL D 86 -17.14 11.27 7.61
CA VAL D 86 -16.57 9.98 7.22
C VAL D 86 -17.44 8.86 7.79
N TYR D 87 -17.68 7.84 6.98
CA TYR D 87 -18.54 6.72 7.34
C TYR D 87 -17.76 5.41 7.27
N TYR D 88 -17.94 4.57 8.28
CA TYR D 88 -17.24 3.30 8.40
C TYR D 88 -18.23 2.15 8.55
N CYS D 89 -17.93 1.02 7.91
CA CYS D 89 -18.65 -0.22 8.18
C CYS D 89 -17.78 -1.13 9.04
N GLN D 90 -18.45 -2.05 9.74
CA GLN D 90 -17.80 -3.01 10.64
C GLN D 90 -18.61 -4.29 10.64
N GLN D 91 -17.94 -5.43 10.47
CA GLN D 91 -18.61 -6.72 10.55
C GLN D 91 -18.28 -7.39 11.88
N TYR D 92 -19.28 -8.06 12.44
CA TYR D 92 -19.11 -8.89 13.63
C TYR D 92 -19.76 -10.24 13.42
N GLY D 93 -19.88 -10.67 12.16
CA GLY D 93 -20.38 -12.00 11.85
C GLY D 93 -19.33 -13.09 12.00
N SER D 94 -18.06 -12.73 12.05
CA SER D 94 -17.00 -13.71 12.26
C SER D 94 -15.82 -13.03 12.97
N SER D 95 -15.05 -13.82 13.70
CA SER D 95 -13.85 -13.29 14.36
C SER D 95 -12.65 -13.38 13.44
N PRO D 96 -11.74 -12.40 13.47
CA PRO D 96 -11.80 -11.18 14.27
C PRO D 96 -12.74 -10.11 13.71
N LEU D 97 -13.22 -9.21 14.57
CA LEU D 97 -13.96 -8.04 14.12
C LEU D 97 -13.08 -7.17 13.24
N THR D 98 -13.64 -6.68 12.14
CA THR D 98 -12.88 -5.86 11.21
C THR D 98 -13.70 -4.64 10.78
N PHE D 99 -12.99 -3.59 10.39
CA PHE D 99 -13.56 -2.34 9.88
C PHE D 99 -13.27 -2.20 8.40
N GLY D 100 -14.18 -1.52 7.70
CA GLY D 100 -13.89 -1.03 6.38
C GLY D 100 -12.94 0.15 6.44
N GLY D 101 -12.39 0.51 5.28
CA GLY D 101 -11.43 1.62 5.23
C GLY D 101 -12.02 3.00 5.32
N GLY D 102 -13.33 3.14 5.18
CA GLY D 102 -14.02 4.42 5.36
C GLY D 102 -14.27 5.15 4.06
N THR D 103 -15.40 5.86 4.00
CA THR D 103 -15.77 6.71 2.88
C THR D 103 -16.06 8.11 3.39
N LYS D 104 -15.41 9.11 2.80
CA LYS D 104 -15.68 10.50 3.12
C LYS D 104 -16.75 11.05 2.19
N VAL D 105 -17.79 11.66 2.76
CA VAL D 105 -18.83 12.35 2.00
C VAL D 105 -18.55 13.84 2.13
N GLU D 106 -18.15 14.47 1.02
CA GLU D 106 -17.80 15.89 0.98
C GLU D 106 -18.82 16.63 0.13
N ILE D 107 -18.82 17.95 0.28
CA ILE D 107 -19.78 18.79 -0.43
C ILE D 107 -19.33 19.00 -1.86
N LYS D 108 -20.22 18.75 -2.81
CA LYS D 108 -19.98 19.08 -4.20
C LYS D 108 -20.15 20.58 -4.42
N ARG D 109 -19.31 21.15 -5.29
CA ARG D 109 -19.44 22.53 -5.71
C ARG D 109 -18.71 22.70 -7.03
N THR D 110 -18.77 23.92 -7.57
CA THR D 110 -18.06 24.27 -8.80
C THR D 110 -16.54 24.21 -8.59
N VAL D 111 -15.82 23.81 -9.65
CA VAL D 111 -14.37 23.85 -9.65
C VAL D 111 -13.91 25.27 -9.37
N ALA D 112 -12.93 25.42 -8.48
CA ALA D 112 -12.35 26.72 -8.15
C ALA D 112 -10.83 26.62 -8.16
N ALA D 113 -10.20 27.46 -8.97
CA ALA D 113 -8.77 27.50 -9.00
C ALA D 113 -8.22 28.18 -7.75
N PRO D 114 -7.08 27.75 -7.25
CA PRO D 114 -6.50 28.40 -6.06
C PRO D 114 -5.94 29.77 -6.38
N SER D 115 -6.02 30.66 -5.40
CA SER D 115 -5.26 31.90 -5.39
C SER D 115 -3.92 31.62 -4.71
N VAL D 116 -2.83 31.85 -5.43
CA VAL D 116 -1.50 31.48 -4.93
C VAL D 116 -0.81 32.72 -4.38
N PHE D 117 -0.30 32.60 -3.16
CA PHE D 117 0.48 33.63 -2.50
C PHE D 117 1.78 33.01 -1.98
N ILE D 118 2.88 33.75 -2.09
CA ILE D 118 4.17 33.29 -1.58
C ILE D 118 4.67 34.26 -0.52
N PHE D 119 5.21 33.72 0.56
CA PHE D 119 5.69 34.53 1.69
C PHE D 119 7.17 34.27 1.92
N PRO D 120 8.05 35.22 1.62
CA PRO D 120 9.47 35.04 1.96
C PRO D 120 9.66 35.00 3.46
N PRO D 121 10.80 34.51 3.95
CA PRO D 121 11.03 34.51 5.39
C PRO D 121 11.03 35.93 5.93
N SER D 122 10.43 36.11 7.10
CA SER D 122 10.46 37.40 7.75
C SER D 122 11.85 37.67 8.32
N ASP D 123 12.17 38.96 8.47
CA ASP D 123 13.45 39.34 9.08
C ASP D 123 13.55 38.85 10.52
N GLU D 124 12.42 38.78 11.23
CA GLU D 124 12.44 38.29 12.59
C GLU D 124 12.83 36.82 12.64
N GLN D 125 12.33 36.01 11.70
CA GLN D 125 12.71 34.60 11.67
C GLN D 125 14.16 34.43 11.24
N LEU D 126 14.61 35.19 10.24
CA LEU D 126 15.99 35.07 9.80
C LEU D 126 16.95 35.38 10.94
N LYS D 127 16.57 36.28 11.85
CA LYS D 127 17.44 36.58 12.99
C LYS D 127 17.49 35.42 13.98
N SER D 128 16.43 34.61 14.06
CA SER D 128 16.46 33.43 14.92
C SER D 128 17.26 32.28 14.31
N GLY D 129 17.69 32.41 13.06
CA GLY D 129 18.56 31.43 12.41
C GLY D 129 17.90 30.52 11.39
N THR D 130 16.58 30.59 11.21
CA THR D 130 15.89 29.70 10.29
C THR D 130 15.14 30.52 9.24
N ALA D 131 14.85 29.87 8.12
CA ALA D 131 14.15 30.51 7.01
C ALA D 131 13.07 29.58 6.48
N SER D 132 11.82 29.96 6.66
CA SER D 132 10.69 29.22 6.13
C SER D 132 10.06 30.02 5.00
N VAL D 133 9.91 29.40 3.83
CA VAL D 133 9.21 30.01 2.70
C VAL D 133 7.84 29.34 2.61
N VAL D 134 6.77 30.14 2.67
CA VAL D 134 5.41 29.62 2.73
C VAL D 134 4.71 29.93 1.41
N CYS D 135 4.15 28.90 0.79
CA CYS D 135 3.35 29.02 -0.41
C CYS D 135 1.92 28.69 -0.04
N LEU D 136 1.01 29.64 -0.26
CA LEU D 136 -0.38 29.52 0.16
C LEU D 136 -1.27 29.34 -1.07
N LEU D 137 -2.07 28.28 -1.06
CA LEU D 137 -3.10 28.02 -2.07
C LEU D 137 -4.44 28.22 -1.38
N ASN D 138 -5.16 29.26 -1.76
CA ASN D 138 -6.34 29.67 -1.02
C ASN D 138 -7.62 29.39 -1.79
N ASN D 139 -8.57 28.73 -1.12
CA ASN D 139 -9.98 28.64 -1.54
C ASN D 139 -10.12 27.98 -2.92
N PHE D 140 -9.73 26.70 -2.98
CA PHE D 140 -9.83 25.93 -4.21
C PHE D 140 -10.73 24.72 -4.04
N TYR D 141 -11.20 24.18 -5.17
CA TYR D 141 -11.99 22.96 -5.24
C TYR D 141 -11.77 22.33 -6.61
N PRO D 142 -11.53 21.01 -6.70
CA PRO D 142 -11.48 19.99 -5.64
C PRO D 142 -10.17 19.95 -4.84
N ARG D 143 -10.07 18.96 -3.95
CA ARG D 143 -8.99 18.94 -2.96
C ARG D 143 -7.63 18.63 -3.57
N GLU D 144 -7.57 17.87 -4.65
CA GLU D 144 -6.28 17.46 -5.19
C GLU D 144 -5.50 18.68 -5.66
N ALA D 145 -4.26 18.80 -5.19
CA ALA D 145 -3.38 19.89 -5.61
C ALA D 145 -1.95 19.41 -5.47
N LYS D 146 -1.05 20.05 -6.21
CA LYS D 146 0.35 19.66 -6.25
C LYS D 146 1.22 20.91 -6.14
N VAL D 147 2.21 20.86 -5.25
CA VAL D 147 3.14 21.97 -5.07
C VAL D 147 4.56 21.45 -5.21
N GLN D 148 5.36 22.12 -6.04
CA GLN D 148 6.77 21.80 -6.21
C GLN D 148 7.61 23.06 -5.99
N TRP D 149 8.70 22.90 -5.26
CA TRP D 149 9.60 24.01 -4.96
C TRP D 149 10.82 23.96 -5.87
N LYS D 150 11.27 25.15 -6.29
CA LYS D 150 12.51 25.30 -7.04
C LYS D 150 13.31 26.44 -6.42
N VAL D 151 14.58 26.20 -6.18
CA VAL D 151 15.52 27.19 -5.66
C VAL D 151 16.59 27.39 -6.71
N ASP D 152 16.67 28.61 -7.26
CA ASP D 152 17.55 28.92 -8.38
C ASP D 152 17.38 27.92 -9.51
N ASN D 153 16.12 27.56 -9.79
CA ASN D 153 15.69 26.63 -10.82
C ASN D 153 16.12 25.20 -10.56
N ALA D 154 16.62 24.90 -9.36
CA ALA D 154 16.95 23.53 -8.98
C ALA D 154 15.76 22.94 -8.25
N LEU D 155 15.25 21.81 -8.75
CA LEU D 155 14.06 21.20 -8.18
C LEU D 155 14.37 20.56 -6.83
N GLN D 156 13.60 20.94 -5.81
CA GLN D 156 13.75 20.47 -4.45
C GLN D 156 13.02 19.16 -4.22
N SER D 157 13.35 18.49 -3.12
CA SER D 157 12.60 17.33 -2.65
C SER D 157 12.97 17.04 -1.20
N GLY D 158 11.95 16.76 -0.39
CA GLY D 158 12.14 16.29 0.97
C GLY D 158 12.39 17.37 2.00
N ASN D 159 12.34 18.65 1.62
CA ASN D 159 12.55 19.76 2.54
C ASN D 159 11.34 20.68 2.59
N SER D 160 10.17 20.18 2.24
CA SER D 160 8.94 20.93 2.35
C SER D 160 7.86 20.06 2.98
N GLN D 161 6.92 20.70 3.67
CA GLN D 161 5.80 20.01 4.29
C GLN D 161 4.51 20.74 3.96
N GLU D 162 3.45 19.98 3.74
CA GLU D 162 2.15 20.51 3.36
C GLU D 162 1.12 20.25 4.45
N SER D 163 0.11 21.12 4.47
CA SER D 163 -1.03 21.00 5.39
C SER D 163 -2.27 21.50 4.67
N VAL D 164 -3.39 20.82 4.87
CA VAL D 164 -4.64 21.15 4.18
C VAL D 164 -5.75 21.33 5.21
N THR D 165 -6.58 22.35 4.99
CA THR D 165 -7.71 22.57 5.87
C THR D 165 -8.84 21.59 5.55
N GLU D 166 -9.75 21.45 6.51
CA GLU D 166 -11.01 20.78 6.25
C GLU D 166 -11.84 21.61 5.28
N GLN D 167 -12.85 20.97 4.69
CA GLN D 167 -13.71 21.69 3.75
C GLN D 167 -14.45 22.80 4.48
N ASP D 168 -14.43 23.99 3.89
CA ASP D 168 -15.06 25.14 4.54
C ASP D 168 -16.58 24.99 4.53
N SER D 169 -17.20 25.34 5.66
CA SER D 169 -18.65 25.18 5.79
C SER D 169 -19.41 26.23 4.98
N LYS D 170 -18.79 27.37 4.67
CA LYS D 170 -19.49 28.45 3.99
C LYS D 170 -19.44 28.33 2.48
N ASP D 171 -18.24 28.15 1.91
CA ASP D 171 -18.05 28.13 0.47
C ASP D 171 -17.59 26.78 -0.08
N SER D 172 -17.42 25.77 0.77
CA SER D 172 -17.10 24.40 0.38
C SER D 172 -15.72 24.26 -0.28
N THR D 173 -14.78 25.16 -0.01
CA THR D 173 -13.44 25.08 -0.60
C THR D 173 -12.43 24.55 0.40
N TYR D 174 -11.25 24.25 -0.11
CA TYR D 174 -10.08 23.85 0.66
C TYR D 174 -8.99 24.91 0.53
N SER D 175 -8.07 24.90 1.49
CA SER D 175 -6.85 25.69 1.40
C SER D 175 -5.66 24.83 1.79
N LEU D 176 -4.50 25.15 1.23
CA LEU D 176 -3.29 24.38 1.44
C LEU D 176 -2.13 25.34 1.67
N SER D 177 -1.23 24.96 2.57
CA SER D 177 0.03 25.66 2.78
C SER D 177 1.17 24.67 2.54
N SER D 178 2.20 25.14 1.85
CA SER D 178 3.44 24.38 1.67
C SER D 178 4.57 25.22 2.22
N THR D 179 5.39 24.63 3.08
CA THR D 179 6.43 25.35 3.80
C THR D 179 7.77 24.71 3.44
N LEU D 180 8.60 25.46 2.72
CA LEU D 180 9.98 25.05 2.46
C LEU D 180 10.85 25.60 3.55
N THR D 181 11.54 24.73 4.28
CA THR D 181 12.30 25.15 5.45
C THR D 181 13.77 24.84 5.23
N LEU D 182 14.62 25.83 5.49
CA LEU D 182 16.06 25.68 5.48
C LEU D 182 16.65 26.77 6.37
N SER D 183 17.93 26.61 6.70
CA SER D 183 18.56 27.52 7.64
C SER D 183 18.82 28.88 6.98
N LYS D 184 19.02 29.89 7.83
CA LYS D 184 19.37 31.21 7.35
C LYS D 184 20.62 31.17 6.48
N ALA D 185 21.61 30.37 6.87
CA ALA D 185 22.86 30.31 6.11
C ALA D 185 22.63 29.75 4.70
N ASP D 186 21.84 28.69 4.59
CA ASP D 186 21.56 28.14 3.26
C ASP D 186 20.67 29.08 2.44
N TYR D 187 19.77 29.80 3.10
CA TYR D 187 18.88 30.73 2.40
C TYR D 187 19.65 31.83 1.68
N GLU D 188 20.70 32.35 2.32
CA GLU D 188 21.47 33.45 1.74
C GLU D 188 22.30 33.03 0.54
N LYS D 189 22.46 31.74 0.28
CA LYS D 189 23.29 31.28 -0.83
C LYS D 189 22.52 31.17 -2.14
N HIS D 190 21.27 31.59 -2.17
CA HIS D 190 20.44 31.48 -3.37
C HIS D 190 19.60 32.74 -3.53
N LYS D 191 19.18 32.98 -4.76
CA LYS D 191 18.47 34.20 -5.13
C LYS D 191 16.99 33.96 -5.40
N VAL D 192 16.63 33.05 -6.30
CA VAL D 192 15.26 32.87 -6.76
C VAL D 192 14.61 31.73 -6.00
N TYR D 193 13.46 31.99 -5.40
CA TYR D 193 12.65 31.01 -4.68
C TYR D 193 11.27 30.96 -5.32
N ALA D 194 10.83 29.76 -5.70
CA ALA D 194 9.59 29.61 -6.46
C ALA D 194 8.84 28.36 -6.03
N CYS D 195 7.51 28.48 -5.90
CA CYS D 195 6.63 27.33 -5.79
C CYS D 195 5.77 27.23 -7.04
N GLU D 196 5.64 26.02 -7.56
CA GLU D 196 4.86 25.78 -8.77
C GLU D 196 3.63 24.97 -8.38
N VAL D 197 2.45 25.49 -8.72
CA VAL D 197 1.17 24.93 -8.29
C VAL D 197 0.48 24.31 -9.51
N THR D 198 0.10 23.04 -9.37
CA THR D 198 -0.69 22.34 -10.37
C THR D 198 -2.05 22.05 -9.75
N HIS D 199 -3.12 22.33 -10.51
CA HIS D 199 -4.47 22.13 -10.02
C HIS D 199 -5.43 22.08 -11.20
N GLN D 200 -6.49 21.29 -11.04
CA GLN D 200 -7.45 21.06 -12.11
C GLN D 200 -8.04 22.36 -12.65
N GLY D 201 -8.26 23.35 -11.78
CA GLY D 201 -8.86 24.60 -12.21
C GLY D 201 -7.92 25.55 -12.93
N LEU D 202 -6.67 25.18 -13.15
CA LEU D 202 -5.69 26.03 -13.82
C LEU D 202 -5.38 25.48 -15.21
N SER D 203 -5.32 26.39 -16.19
CA SER D 203 -4.99 25.98 -17.55
C SER D 203 -3.62 25.31 -17.60
N SER D 204 -2.66 25.84 -16.87
CA SER D 204 -1.32 25.26 -16.76
C SER D 204 -0.76 25.63 -15.40
N PRO D 205 0.26 24.92 -14.92
CA PRO D 205 0.79 25.19 -13.59
C PRO D 205 1.17 26.66 -13.40
N VAL D 206 0.87 27.18 -12.22
CA VAL D 206 1.10 28.58 -11.88
C VAL D 206 2.31 28.68 -10.96
N THR D 207 3.27 29.52 -11.32
CA THR D 207 4.48 29.74 -10.55
C THR D 207 4.43 31.10 -9.87
N LYS D 208 4.62 31.10 -8.55
CA LYS D 208 4.82 32.33 -7.78
C LYS D 208 6.25 32.31 -7.25
N SER D 209 6.96 33.42 -7.40
CA SER D 209 8.38 33.47 -7.08
C SER D 209 8.77 34.85 -6.56
N PHE D 210 9.93 34.90 -5.92
CA PHE D 210 10.53 36.17 -5.51
C PHE D 210 12.05 36.02 -5.52
N ASN D 211 12.73 37.16 -5.58
CA ASN D 211 14.17 37.22 -5.45
C ASN D 211 14.52 37.61 -4.02
N ARG D 212 15.36 36.81 -3.37
CA ARG D 212 15.73 37.09 -1.99
C ARG D 212 16.24 38.51 -1.83
N GLY D 213 15.64 39.25 -0.89
CA GLY D 213 16.05 40.61 -0.62
C GLY D 213 15.10 41.66 -1.16
N LEU E 7 87.35 26.66 -43.28
CA LEU E 7 87.14 25.24 -43.53
C LEU E 7 87.50 24.42 -42.30
N ASP E 8 87.56 25.08 -41.14
CA ASP E 8 87.79 24.39 -39.87
C ASP E 8 87.24 25.21 -38.70
N ASN E 11 88.73 29.33 -38.92
CA ASN E 11 88.64 30.40 -39.92
C ASN E 11 87.27 30.45 -40.58
N SER E 12 86.30 29.74 -39.99
CA SER E 12 84.96 29.68 -40.55
C SER E 12 83.94 29.61 -39.43
N VAL E 13 82.69 29.93 -39.78
CA VAL E 13 81.57 29.91 -38.85
C VAL E 13 80.53 28.92 -39.38
N SER E 14 80.01 28.07 -38.50
CA SER E 14 79.03 27.07 -38.88
C SER E 14 77.62 27.60 -38.70
N VAL E 15 76.76 27.33 -39.69
CA VAL E 15 75.38 27.78 -39.69
C VAL E 15 74.48 26.56 -39.89
N ASP E 16 73.52 26.37 -38.99
CA ASP E 16 72.55 25.29 -39.15
C ASP E 16 71.52 25.67 -40.20
N LEU E 17 71.09 24.69 -40.99
CA LEU E 17 70.23 24.91 -42.13
C LEU E 17 69.02 23.98 -42.08
N PRO E 18 67.94 24.32 -42.78
CA PRO E 18 66.82 23.39 -42.92
C PRO E 18 67.22 22.15 -43.70
N GLY E 19 66.53 21.05 -43.41
CA GLY E 19 66.87 19.79 -44.05
C GLY E 19 68.02 19.04 -43.42
N GLU E 20 68.30 19.28 -42.15
CA GLU E 20 69.37 18.59 -41.41
C GLU E 20 70.74 18.87 -42.01
N MET E 21 70.96 20.11 -42.44
CA MET E 21 72.21 20.49 -43.08
C MET E 21 72.95 21.55 -42.27
N LYS E 22 74.24 21.70 -42.58
CA LYS E 22 75.10 22.72 -41.99
C LYS E 22 75.99 23.29 -43.08
N VAL E 23 76.23 24.60 -43.02
CA VAL E 23 77.10 25.28 -43.96
C VAL E 23 78.17 26.02 -43.17
N LEU E 24 79.41 26.01 -43.69
CA LEU E 24 80.52 26.73 -43.09
C LEU E 24 80.83 27.97 -43.92
N VAL E 25 80.95 29.12 -43.27
CA VAL E 25 81.10 30.40 -43.94
C VAL E 25 82.43 31.02 -43.52
N SER E 26 83.21 31.45 -44.52
CA SER E 26 84.50 32.07 -44.26
C SER E 26 84.35 33.35 -43.44
N LYS E 27 85.35 33.61 -42.60
CA LYS E 27 85.45 34.85 -41.85
C LYS E 27 86.16 35.99 -42.60
N GLU E 28 86.96 35.67 -43.63
CA GLU E 28 87.91 36.63 -44.18
C GLU E 28 87.72 36.98 -45.66
N LYS E 29 86.85 36.28 -46.39
CA LYS E 29 86.60 36.52 -47.82
C LYS E 29 87.77 36.00 -48.65
N ASN E 30 87.49 35.51 -49.85
CA ASN E 30 88.49 34.85 -50.68
C ASN E 30 89.25 35.86 -51.54
N LYS E 31 89.92 35.37 -52.58
CA LYS E 31 90.78 36.19 -53.42
C LYS E 31 90.01 37.28 -54.16
N ASP E 32 88.71 37.07 -54.42
CA ASP E 32 87.93 38.02 -55.20
C ASP E 32 86.75 38.58 -54.40
N GLY E 33 86.90 38.72 -53.08
CA GLY E 33 85.99 39.49 -52.27
C GLY E 33 84.79 38.74 -51.72
N LYS E 34 84.47 37.56 -52.26
CA LYS E 34 83.28 36.84 -51.82
C LYS E 34 83.62 35.85 -50.72
N TYR E 35 82.61 35.51 -49.92
CA TYR E 35 82.75 34.44 -48.95
C TYR E 35 82.56 33.10 -49.64
N ASP E 36 83.38 32.12 -49.27
CA ASP E 36 83.24 30.78 -49.79
C ASP E 36 82.46 29.91 -48.80
N LEU E 37 81.73 28.93 -49.34
CA LEU E 37 80.87 28.08 -48.54
C LEU E 37 81.24 26.62 -48.74
N ILE E 38 81.14 25.84 -47.67
CA ILE E 38 81.34 24.40 -47.72
C ILE E 38 80.20 23.74 -46.94
N ALA E 39 79.45 22.89 -47.61
CA ALA E 39 78.34 22.17 -47.00
C ALA E 39 78.36 20.73 -47.50
N THR E 40 78.43 19.78 -46.58
CA THR E 40 78.49 18.37 -46.93
C THR E 40 77.08 17.81 -47.04
N VAL E 41 76.75 17.25 -48.21
CA VAL E 41 75.43 16.70 -48.48
C VAL E 41 75.56 15.26 -48.99
N LEU E 44 78.55 13.83 -49.97
CA LEU E 44 79.15 14.56 -51.08
C LEU E 44 79.30 16.03 -50.68
N GLU E 45 80.54 16.51 -50.70
CA GLU E 45 80.84 17.86 -50.25
C GLU E 45 80.58 18.87 -51.37
N LEU E 46 79.73 19.87 -51.09
CA LEU E 46 79.42 20.93 -52.02
C LEU E 46 80.10 22.22 -51.57
N LYS E 47 80.62 22.98 -52.53
CA LYS E 47 81.23 24.26 -52.24
C LYS E 47 80.73 25.31 -53.22
N GLY E 48 80.80 26.56 -52.79
CA GLY E 48 80.40 27.69 -53.59
C GLY E 48 80.93 28.97 -52.98
N THR E 49 80.55 30.09 -53.59
CA THR E 49 80.91 31.41 -53.10
C THR E 49 79.67 32.29 -53.10
N SER E 50 79.43 32.96 -51.98
CA SER E 50 78.33 33.91 -51.86
C SER E 50 78.87 35.28 -51.47
N ASP E 51 77.97 36.26 -51.41
CA ASP E 51 78.36 37.63 -51.09
C ASP E 51 78.10 37.99 -49.63
N LYS E 52 77.18 37.30 -48.96
CA LYS E 52 76.97 37.49 -47.54
C LYS E 52 77.78 36.46 -46.75
N ASN E 53 77.92 36.72 -45.44
CA ASN E 53 78.67 35.82 -44.56
C ASN E 53 77.74 35.08 -43.61
N ASN E 54 76.49 34.85 -44.04
CA ASN E 54 75.55 33.97 -43.36
C ASN E 54 75.45 32.68 -44.17
N GLY E 55 74.37 31.95 -43.97
CA GLY E 55 74.22 30.69 -44.68
C GLY E 55 73.83 30.82 -46.13
N SER E 56 73.30 31.96 -46.54
CA SER E 56 72.76 32.10 -47.89
C SER E 56 73.84 32.03 -48.95
N GLY E 57 73.46 31.52 -50.11
CA GLY E 57 74.33 31.42 -51.25
C GLY E 57 74.02 30.17 -52.06
N VAL E 58 74.82 29.96 -53.11
CA VAL E 58 74.68 28.82 -54.01
C VAL E 58 75.94 27.98 -53.91
N LEU E 59 75.76 26.67 -53.83
CA LEU E 59 76.89 25.75 -53.78
C LEU E 59 76.73 24.70 -54.87
N GLU E 60 77.82 24.42 -55.59
CA GLU E 60 77.83 23.43 -56.65
C GLU E 60 78.66 22.22 -56.24
N GLY E 61 78.48 21.13 -56.97
CA GLY E 61 79.23 19.92 -56.73
C GLY E 61 78.92 18.92 -57.83
N VAL E 62 79.71 17.86 -57.86
CA VAL E 62 79.61 16.80 -58.86
C VAL E 62 79.59 15.47 -58.13
N LYS E 63 78.60 14.64 -58.43
CA LYS E 63 78.55 13.32 -57.83
C LYS E 63 79.56 12.39 -58.50
N ALA E 64 79.84 11.27 -57.83
CA ALA E 64 80.71 10.26 -58.42
C ALA E 64 80.15 9.68 -59.71
N ASP E 65 78.83 9.76 -59.90
CA ASP E 65 78.18 9.28 -61.12
C ASP E 65 78.02 10.38 -62.16
N LYS E 66 78.79 11.47 -62.05
CA LYS E 66 78.88 12.61 -62.97
C LYS E 66 77.70 13.57 -62.84
N SER E 67 76.73 13.30 -61.96
CA SER E 67 75.61 14.22 -61.78
C SER E 67 76.06 15.47 -61.03
N LYS E 68 75.50 16.61 -61.41
CA LYS E 68 75.83 17.89 -60.80
C LYS E 68 74.78 18.27 -59.78
N VAL E 69 75.23 18.70 -58.60
CA VAL E 69 74.36 19.05 -57.49
C VAL E 69 74.41 20.55 -57.27
N LYS E 70 73.25 21.15 -57.02
CA LYS E 70 73.12 22.58 -56.77
C LYS E 70 72.27 22.79 -55.53
N LEU E 71 72.86 23.32 -54.47
CA LEU E 71 72.18 23.64 -53.24
C LEU E 71 72.02 25.15 -53.14
N THR E 72 70.77 25.60 -52.96
CA THR E 72 70.46 27.02 -52.87
C THR E 72 69.85 27.29 -51.50
N ILE E 73 70.56 28.06 -50.67
CA ILE E 73 70.12 28.40 -49.34
C ILE E 73 69.50 29.79 -49.39
N SER E 74 68.28 29.91 -48.88
CA SER E 74 67.54 31.16 -48.99
C SER E 74 68.24 32.28 -48.23
N ASP E 75 67.89 33.51 -48.60
CA ASP E 75 68.58 34.67 -48.05
C ASP E 75 68.31 34.85 -46.56
N ASP E 76 67.16 34.37 -46.07
CA ASP E 76 66.80 34.48 -44.66
C ASP E 76 67.03 33.18 -43.89
N LEU E 77 67.66 32.17 -44.51
CA LEU E 77 68.03 30.92 -43.83
C LEU E 77 66.80 30.11 -43.43
N GLY E 78 65.81 30.03 -44.33
CA GLY E 78 64.60 29.30 -44.02
C GLY E 78 64.12 28.40 -45.13
N GLN E 79 65.00 28.10 -46.08
CA GLN E 79 64.62 27.31 -47.25
C GLN E 79 65.84 26.84 -48.04
N THR E 80 66.10 25.54 -48.03
CA THR E 80 67.12 24.94 -48.88
C THR E 80 66.46 24.35 -50.11
N THR E 81 67.13 24.46 -51.25
CA THR E 81 66.64 23.91 -52.51
C THR E 81 67.75 23.03 -53.08
N LEU E 82 67.58 21.71 -52.99
CA LEU E 82 68.56 20.74 -53.45
C LEU E 82 68.13 20.25 -54.82
N GLU E 83 68.88 20.62 -55.85
CA GLU E 83 68.60 20.20 -57.22
C GLU E 83 69.71 19.30 -57.73
N VAL E 84 69.32 18.25 -58.45
CA VAL E 84 70.27 17.30 -59.02
C VAL E 84 70.02 17.26 -60.52
N PHE E 85 71.07 17.54 -61.29
CA PHE E 85 71.01 17.53 -62.75
C PHE E 85 71.91 16.43 -63.30
N LYS E 86 71.63 16.05 -64.55
CA LYS E 86 72.62 15.31 -65.32
C LYS E 86 73.69 16.30 -65.79
N GLU E 87 74.74 15.78 -66.43
CA GLU E 87 75.81 16.65 -66.89
C GLU E 87 75.35 17.71 -67.89
N ASP E 88 74.57 18.69 -67.40
CA ASP E 88 74.11 19.83 -68.19
C ASP E 88 73.24 20.74 -67.33
N THR E 91 69.32 19.56 -67.35
CA THR E 91 68.24 18.59 -67.27
C THR E 91 68.04 18.16 -65.83
N LEU E 92 66.84 18.40 -65.29
CA LEU E 92 66.57 18.13 -63.88
C LEU E 92 66.29 16.66 -63.65
N VAL E 93 66.75 16.14 -62.52
CA VAL E 93 66.43 14.78 -62.09
C VAL E 93 65.76 14.81 -60.73
N SER E 94 66.04 15.84 -59.93
CA SER E 94 65.54 15.90 -58.57
C SER E 94 65.47 17.35 -58.11
N LYS E 95 64.52 17.63 -57.20
CA LYS E 95 64.35 18.99 -56.69
C LYS E 95 63.63 18.89 -55.34
N LYS E 96 64.42 18.80 -54.27
CA LYS E 96 63.90 18.73 -52.91
C LYS E 96 64.01 20.10 -52.25
N VAL E 97 62.88 20.64 -51.82
CA VAL E 97 62.82 21.93 -51.14
C VAL E 97 62.39 21.68 -49.71
N THR E 98 63.33 21.79 -48.77
CA THR E 98 63.05 21.59 -47.35
C THR E 98 63.04 22.95 -46.64
N SER E 99 62.17 23.07 -45.65
CA SER E 99 61.95 24.33 -44.97
C SER E 99 62.28 24.19 -43.47
N LYS E 100 62.33 25.34 -42.79
CA LYS E 100 62.69 25.37 -41.37
C LYS E 100 61.66 24.64 -40.50
N ASP E 101 60.39 24.67 -40.90
CA ASP E 101 59.34 23.98 -40.15
C ASP E 101 59.23 22.50 -40.50
N LYS E 102 60.28 21.90 -41.04
CA LYS E 102 60.38 20.48 -41.41
C LYS E 102 59.52 20.14 -42.62
N SER E 103 58.76 21.08 -43.17
CA SER E 103 57.98 20.82 -44.36
C SER E 103 58.88 20.74 -45.58
N SER E 104 58.55 19.86 -46.52
CA SER E 104 59.36 19.69 -47.71
C SER E 104 58.52 19.14 -48.85
N THR E 105 58.89 19.50 -50.07
CA THR E 105 58.24 19.00 -51.27
C THR E 105 59.25 18.38 -52.22
N GLU E 107 60.65 16.35 -56.02
CA GLU E 107 59.98 16.12 -57.31
C GLU E 107 60.91 15.41 -58.29
N LYS E 108 60.35 14.54 -59.11
CA LYS E 108 61.07 13.87 -60.18
C LYS E 108 60.54 14.34 -61.52
N PHE E 109 61.43 14.42 -62.51
CA PHE E 109 61.10 14.96 -63.81
C PHE E 109 61.27 13.90 -64.89
N ASN E 110 60.56 14.11 -66.00
CA ASN E 110 60.63 13.22 -67.14
C ASN E 110 61.68 13.75 -68.12
N GLU E 111 61.72 13.16 -69.32
CA GLU E 111 62.68 13.60 -70.34
C GLU E 111 62.35 14.99 -70.86
N LYS E 112 61.07 15.37 -70.85
CA LYS E 112 60.64 16.68 -71.34
C LYS E 112 60.81 17.80 -70.31
N GLY E 113 61.45 17.53 -69.18
CA GLY E 113 61.61 18.56 -68.16
C GLY E 113 60.33 18.91 -67.44
N GLU E 114 59.31 18.06 -67.54
CA GLU E 114 58.04 18.27 -66.87
C GLU E 114 57.97 17.45 -65.59
N VAL E 115 57.08 17.86 -64.70
CA VAL E 115 56.95 17.19 -63.41
C VAL E 115 56.38 15.79 -63.63
N SER E 116 57.05 14.80 -63.06
CA SER E 116 56.63 13.40 -63.15
C SER E 116 56.12 12.83 -61.84
N GLU E 117 56.74 13.20 -60.71
CA GLU E 117 56.29 12.80 -59.39
C GLU E 117 56.49 13.95 -58.42
N LYS E 118 55.72 13.93 -57.33
CA LYS E 118 55.80 14.99 -56.33
C LYS E 118 55.34 14.44 -54.98
N ILE E 119 56.14 14.69 -53.95
CA ILE E 119 55.85 14.25 -52.59
C ILE E 119 55.85 15.47 -51.70
N ILE E 120 54.71 15.77 -51.10
CA ILE E 120 54.57 16.89 -50.18
C ILE E 120 54.57 16.31 -48.77
N THR E 121 55.64 16.56 -48.02
CA THR E 121 55.76 16.11 -46.64
C THR E 121 55.35 17.27 -45.74
N ARG E 122 54.25 17.07 -45.00
CA ARG E 122 53.79 18.09 -44.07
C ARG E 122 54.73 18.19 -42.87
N ALA E 123 54.60 19.30 -42.15
CA ALA E 123 55.44 19.53 -40.97
C ALA E 123 55.22 18.45 -39.91
N ASP E 124 54.03 17.87 -39.84
CA ASP E 124 53.71 16.88 -38.81
C ASP E 124 54.05 15.46 -39.22
N GLY E 125 54.54 15.24 -40.43
CA GLY E 125 54.96 13.93 -40.89
C GLY E 125 54.06 13.30 -41.93
N THR E 126 52.78 13.70 -41.98
CA THR E 126 51.88 13.16 -42.99
C THR E 126 52.33 13.61 -44.38
N ARG E 127 52.02 12.77 -45.38
CA ARG E 127 52.53 12.97 -46.73
C ARG E 127 51.41 12.96 -47.75
N LEU E 128 51.70 13.58 -48.89
CA LEU E 128 50.83 13.59 -50.06
C LEU E 128 51.70 13.22 -51.25
N GLU E 129 51.42 12.09 -51.88
CA GLU E 129 52.26 11.53 -52.93
C GLU E 129 51.50 11.50 -54.25
N TYR E 130 52.11 12.07 -55.29
CA TYR E 130 51.57 12.02 -56.64
C TYR E 130 52.53 11.25 -57.53
N THR E 131 51.99 10.27 -58.25
CA THR E 131 52.80 9.43 -59.14
C THR E 131 52.16 9.37 -60.52
N GLY E 132 53.00 9.19 -61.53
CA GLY E 132 52.52 9.08 -62.90
C GLY E 132 51.82 10.32 -63.42
N ILE E 133 52.37 11.50 -63.15
CA ILE E 133 51.74 12.74 -63.58
C ILE E 133 51.92 12.90 -65.09
N LYS E 134 50.83 13.25 -65.78
CA LYS E 134 50.85 13.48 -67.21
C LYS E 134 51.00 14.98 -67.51
N SER E 135 51.01 15.31 -68.79
CA SER E 135 51.20 16.69 -69.20
C SER E 135 50.00 17.57 -68.84
N ASP E 136 48.79 17.02 -68.93
CA ASP E 136 47.60 17.78 -68.57
C ASP E 136 47.49 18.01 -67.06
N GLY E 137 48.19 17.19 -66.26
CA GLY E 137 48.20 17.37 -64.82
C GLY E 137 47.57 16.25 -64.04
N SER E 138 47.09 15.18 -64.69
CA SER E 138 46.44 14.09 -63.97
C SER E 138 47.45 13.01 -63.58
N GLY E 139 47.08 12.24 -62.57
CA GLY E 139 47.96 11.19 -62.08
C GLY E 139 47.36 10.49 -60.89
N LYS E 140 48.15 9.58 -60.32
CA LYS E 140 47.75 8.80 -59.17
C LYS E 140 48.16 9.52 -57.90
N ALA E 141 47.24 9.61 -56.93
CA ALA E 141 47.48 10.34 -55.70
C ALA E 141 47.15 9.45 -54.49
N LYS E 142 47.92 9.66 -53.42
CA LYS E 142 47.59 9.02 -52.16
C LYS E 142 48.12 9.88 -51.01
N GLU E 143 47.41 9.84 -49.89
CA GLU E 143 47.80 10.58 -48.69
C GLU E 143 48.13 9.60 -47.58
N VAL E 144 49.31 9.77 -46.99
CA VAL E 144 49.80 8.90 -45.93
C VAL E 144 49.55 9.62 -44.61
N LEU E 145 48.58 9.10 -43.85
CA LEU E 145 48.28 9.61 -42.51
C LEU E 145 48.90 8.67 -41.48
N LYS E 146 48.70 8.99 -40.21
CA LYS E 146 49.20 8.16 -39.12
C LYS E 146 48.27 6.96 -38.95
N GLY E 147 48.69 5.80 -39.46
CA GLY E 147 47.96 4.56 -39.28
C GLY E 147 47.28 4.02 -40.51
N TYR E 148 47.12 4.82 -41.58
CA TYR E 148 46.40 4.37 -42.75
C TYR E 148 46.72 5.29 -43.92
N VAL E 149 46.31 4.85 -45.11
CA VAL E 149 46.60 5.54 -46.37
C VAL E 149 45.30 5.71 -47.14
N LEU E 150 45.03 6.94 -47.57
CA LEU E 150 43.92 7.23 -48.48
C LEU E 150 44.45 7.34 -49.89
N GLU E 151 43.78 6.69 -50.84
CA GLU E 151 44.20 6.69 -52.23
C GLU E 151 43.11 7.32 -53.10
N GLY E 152 43.54 7.89 -54.22
CA GLY E 152 42.65 8.53 -55.16
C GLY E 152 43.38 8.96 -56.42
N THR E 153 42.96 10.08 -57.00
CA THR E 153 43.54 10.58 -58.23
C THR E 153 43.86 12.06 -58.09
N LEU E 154 44.66 12.53 -59.03
CA LEU E 154 44.98 13.95 -59.19
C LEU E 154 44.51 14.39 -60.57
N THR E 155 43.96 15.60 -60.63
CA THR E 155 43.68 16.26 -61.89
C THR E 155 44.27 17.66 -61.83
N ALA E 156 44.28 18.33 -62.98
CA ALA E 156 44.73 19.72 -63.04
C ALA E 156 43.82 20.65 -62.23
N GLU E 157 42.69 20.15 -61.74
CA GLU E 157 41.77 20.93 -60.91
C GLU E 157 41.99 20.71 -59.42
N LYS E 158 41.98 19.45 -58.97
CA LYS E 158 42.05 19.17 -57.54
C LYS E 158 42.53 17.73 -57.32
N THR E 159 42.75 17.41 -56.05
CA THR E 159 43.09 16.07 -55.59
C THR E 159 41.86 15.45 -54.92
N THR E 160 41.52 14.23 -55.30
CA THR E 160 40.35 13.54 -54.75
C THR E 160 40.77 12.17 -54.22
N LEU E 161 40.63 11.99 -52.90
CA LEU E 161 40.88 10.71 -52.25
C LEU E 161 39.54 10.06 -51.89
N VAL E 162 39.44 8.76 -52.14
CA VAL E 162 38.16 8.05 -52.14
C VAL E 162 38.23 6.84 -51.23
N VAL E 163 37.20 6.66 -50.41
CA VAL E 163 37.04 5.47 -49.57
C VAL E 163 35.66 4.89 -49.85
N LYS E 164 35.61 3.61 -50.20
CA LYS E 164 34.38 2.94 -50.59
C LYS E 164 34.03 1.84 -49.59
N GLU E 165 32.73 1.71 -49.31
CA GLU E 165 32.20 0.63 -48.48
C GLU E 165 30.78 0.36 -48.95
N GLY E 166 30.54 -0.83 -49.49
CA GLY E 166 29.22 -1.11 -50.04
C GLY E 166 28.91 -0.17 -51.19
N THR E 167 27.72 0.43 -51.16
CA THR E 167 27.27 1.37 -52.17
C THR E 167 27.66 2.82 -51.86
N VAL E 168 28.35 3.06 -50.74
CA VAL E 168 28.69 4.40 -50.27
C VAL E 168 30.10 4.76 -50.70
N THR E 169 30.28 6.01 -51.12
CA THR E 169 31.59 6.53 -51.50
C THR E 169 31.87 7.82 -50.74
N LEU E 170 32.94 7.83 -49.97
CA LEU E 170 33.41 9.03 -49.29
C LEU E 170 34.53 9.65 -50.11
N SER E 171 34.40 10.94 -50.43
CA SER E 171 35.40 11.65 -51.22
C SER E 171 35.96 12.81 -50.42
N LYS E 172 37.28 12.79 -50.21
CA LYS E 172 38.00 13.88 -49.58
C LYS E 172 38.71 14.67 -50.69
N ASN E 173 38.34 15.93 -50.85
CA ASN E 173 38.91 16.77 -51.89
C ASN E 173 39.89 17.76 -51.29
N ILE E 174 41.03 17.91 -51.96
CA ILE E 174 42.07 18.87 -51.58
C ILE E 174 42.28 19.81 -52.77
N SER E 175 42.01 21.09 -52.57
CA SER E 175 42.22 22.06 -53.63
C SER E 175 43.72 22.33 -53.80
N LYS E 176 44.04 23.16 -54.80
CA LYS E 176 45.44 23.48 -55.08
C LYS E 176 46.12 24.11 -53.88
N SER E 177 45.42 25.02 -53.18
CA SER E 177 45.98 25.67 -52.01
C SER E 177 45.96 24.78 -50.77
N GLY E 178 45.37 23.59 -50.84
CA GLY E 178 45.28 22.69 -49.72
C GLY E 178 43.97 22.68 -48.95
N GLU E 179 42.94 23.37 -49.43
CA GLU E 179 41.67 23.41 -48.72
C GLU E 179 40.96 22.06 -48.82
N VAL E 180 40.55 21.53 -47.67
CA VAL E 180 39.91 20.23 -47.58
C VAL E 180 38.39 20.40 -47.56
N SER E 181 37.70 19.68 -48.44
CA SER E 181 36.25 19.59 -48.43
C SER E 181 35.87 18.12 -48.69
N VAL E 182 34.80 17.67 -48.05
CA VAL E 182 34.45 16.25 -48.06
C VAL E 182 33.02 16.08 -48.58
N GLU E 183 32.84 15.07 -49.44
CA GLU E 183 31.55 14.73 -50.04
C GLU E 183 31.25 13.27 -49.75
N LEU E 184 29.96 12.94 -49.78
CA LEU E 184 29.50 11.56 -49.68
C LEU E 184 28.40 11.33 -50.69
N ASN E 185 28.46 10.20 -51.38
CA ASN E 185 27.40 9.76 -52.29
C ASN E 185 27.09 8.30 -52.05
N ASP E 186 25.81 7.95 -52.12
CA ASP E 186 25.34 6.58 -51.94
C ASP E 186 24.42 6.24 -53.11
N THR E 187 24.75 5.16 -53.82
CA THR E 187 23.90 4.71 -54.92
C THR E 187 22.75 3.80 -54.43
N ASP E 188 22.58 3.67 -53.12
CA ASP E 188 21.46 2.91 -52.57
C ASP E 188 20.14 3.58 -52.92
N SER E 189 19.18 2.79 -53.36
CA SER E 189 17.86 3.30 -53.74
C SER E 189 16.89 3.38 -52.58
N SER E 190 17.12 2.64 -51.50
CA SER E 190 16.17 2.55 -50.40
C SER E 190 16.21 3.82 -49.56
N ALA E 191 15.05 4.47 -49.41
CA ALA E 191 14.97 5.62 -48.52
C ALA E 191 15.23 5.24 -47.06
N ALA E 192 15.15 3.94 -46.73
CA ALA E 192 15.38 3.49 -45.37
C ALA E 192 16.85 3.34 -45.03
N THR E 193 17.72 3.13 -46.03
CA THR E 193 19.13 2.87 -45.79
C THR E 193 20.09 3.80 -46.52
N LYS E 194 19.61 4.64 -47.44
CA LYS E 194 20.49 5.52 -48.19
C LYS E 194 21.16 6.56 -47.29
N LYS E 195 22.49 6.63 -47.37
CA LYS E 195 23.25 7.62 -46.61
C LYS E 195 23.40 8.89 -47.43
N THR E 196 23.10 10.02 -46.80
CA THR E 196 23.41 11.34 -47.33
C THR E 196 24.24 12.08 -46.29
N ALA E 197 24.86 13.18 -46.71
CA ALA E 197 25.73 13.90 -45.80
C ALA E 197 25.73 15.37 -46.17
N ALA E 198 26.00 16.21 -45.16
CA ALA E 198 26.14 17.65 -45.33
C ALA E 198 27.51 18.07 -44.81
N TRP E 199 28.16 18.99 -45.52
CA TRP E 199 29.50 19.43 -45.20
C TRP E 199 29.45 20.84 -44.61
N ASN E 200 29.94 20.98 -43.38
CA ASN E 200 30.05 22.27 -42.71
C ASN E 200 31.51 22.69 -42.83
N SER E 201 31.82 23.57 -43.79
CA SER E 201 33.21 23.95 -44.02
C SER E 201 33.74 24.82 -42.88
N GLY E 202 32.87 25.53 -42.18
CA GLY E 202 33.33 26.34 -41.05
C GLY E 202 33.95 25.50 -39.96
N THR E 203 33.27 24.44 -39.54
CA THR E 203 33.78 23.51 -38.53
C THR E 203 34.48 22.30 -39.14
N SER E 204 34.55 22.22 -40.48
CA SER E 204 35.23 21.13 -41.16
C SER E 204 34.65 19.77 -40.73
N THR E 205 33.31 19.69 -40.75
CA THR E 205 32.59 18.55 -40.21
C THR E 205 31.59 18.03 -41.22
N LEU E 206 31.58 16.72 -41.42
CA LEU E 206 30.62 16.04 -42.28
C LEU E 206 29.61 15.31 -41.41
N THR E 207 28.34 15.68 -41.54
CA THR E 207 27.25 15.06 -40.79
C THR E 207 26.49 14.10 -41.69
N ILE E 208 26.51 12.80 -41.35
CA ILE E 208 25.86 11.76 -42.13
C ILE E 208 24.45 11.54 -41.61
N THR E 209 23.49 11.35 -42.52
CA THR E 209 22.08 11.16 -42.19
C THR E 209 21.57 9.89 -42.86
N VAL E 210 20.77 9.11 -42.11
CA VAL E 210 20.09 7.94 -42.65
C VAL E 210 18.64 7.95 -42.18
N ASN E 211 17.72 7.78 -43.11
CA ASN E 211 16.28 7.71 -42.78
C ASN E 211 15.85 8.96 -42.01
N SER E 212 16.28 10.12 -42.51
CA SER E 212 15.97 11.45 -41.97
C SER E 212 16.40 11.61 -40.52
N LYS E 213 17.38 10.82 -40.06
CA LYS E 213 17.99 10.98 -38.75
C LYS E 213 19.51 11.11 -38.89
N LYS E 214 20.08 12.06 -38.16
CA LYS E 214 21.54 12.16 -38.08
C LYS E 214 22.12 10.94 -37.38
N THR E 215 23.23 10.43 -37.91
CA THR E 215 23.83 9.21 -37.38
C THR E 215 25.23 9.43 -36.82
N LYS E 216 26.06 10.25 -37.47
CA LYS E 216 27.41 10.47 -36.96
C LYS E 216 28.00 11.72 -37.60
N ASP E 217 28.98 12.30 -36.90
CA ASP E 217 29.80 13.41 -37.40
C ASP E 217 31.21 12.92 -37.63
N LEU E 218 31.76 13.23 -38.80
CA LEU E 218 33.17 13.01 -39.13
C LEU E 218 33.87 14.36 -39.19
N VAL E 219 34.86 14.55 -38.32
CA VAL E 219 35.59 15.81 -38.23
C VAL E 219 36.99 15.62 -38.82
N PHE E 220 37.34 16.48 -39.77
CA PHE E 220 38.64 16.43 -40.45
C PHE E 220 39.46 17.58 -39.90
N THR E 221 40.36 17.26 -38.97
CA THR E 221 41.01 18.26 -38.15
C THR E 221 42.17 18.92 -38.89
N LYS E 222 42.68 20.01 -38.29
CA LYS E 222 43.86 20.69 -38.82
C LYS E 222 45.13 19.86 -38.64
N GLU E 223 45.11 18.88 -37.75
CA GLU E 223 46.24 17.98 -37.55
C GLU E 223 46.25 16.83 -38.53
N ASN E 224 45.45 16.90 -39.60
CA ASN E 224 45.36 15.85 -40.61
C ASN E 224 44.92 14.52 -40.00
N THR E 225 43.95 14.58 -39.11
CA THR E 225 43.34 13.38 -38.55
C THR E 225 41.84 13.41 -38.76
N ILE E 226 41.20 12.28 -38.48
CA ILE E 226 39.76 12.14 -38.60
C ILE E 226 39.21 11.61 -37.28
N THR E 227 38.12 12.19 -36.82
CA THR E 227 37.41 11.72 -35.63
C THR E 227 35.97 11.40 -36.00
N VAL E 228 35.39 10.46 -35.25
CA VAL E 228 34.00 10.06 -35.44
C VAL E 228 33.26 10.21 -34.13
N GLN E 229 32.03 10.69 -34.20
CA GLN E 229 31.16 10.75 -33.04
C GLN E 229 29.74 10.41 -33.48
N GLN E 230 29.09 9.52 -32.74
CA GLN E 230 27.76 9.05 -33.10
C GLN E 230 26.69 9.91 -32.44
N TYR E 231 25.54 10.01 -33.11
CA TYR E 231 24.34 10.52 -32.48
C TYR E 231 23.60 9.36 -31.81
N ASP E 232 22.66 9.70 -30.94
CA ASP E 232 21.84 8.63 -30.38
C ASP E 232 20.93 8.03 -31.45
N SER E 233 20.28 6.93 -31.07
CA SER E 233 19.39 6.19 -31.96
C SER E 233 18.28 7.06 -32.55
N ASN E 234 17.91 8.15 -31.89
CA ASN E 234 16.87 9.06 -32.38
C ASN E 234 17.45 10.19 -33.22
N GLY E 235 18.77 10.31 -33.28
CA GLY E 235 19.40 11.39 -34.02
C GLY E 235 19.35 12.74 -33.34
N THR E 236 19.18 12.77 -32.02
CA THR E 236 18.95 14.03 -31.31
C THR E 236 20.25 14.64 -30.79
N LYS E 237 21.02 13.88 -30.01
CA LYS E 237 22.21 14.39 -29.35
C LYS E 237 23.44 13.60 -29.80
N LEU E 238 24.56 14.31 -29.94
CA LEU E 238 25.85 13.65 -29.99
C LEU E 238 26.13 13.01 -28.64
N GLU E 239 26.67 11.79 -28.66
CA GLU E 239 26.94 11.08 -27.42
C GLU E 239 28.43 10.83 -27.24
N GLY E 240 28.85 10.78 -25.97
CA GLY E 240 30.24 10.49 -25.67
C GLY E 240 31.18 11.61 -26.09
N SER E 241 32.33 11.20 -26.64
CA SER E 241 33.32 12.12 -27.18
C SER E 241 33.77 11.62 -28.54
N ALA E 242 34.30 12.54 -29.34
CA ALA E 242 34.87 12.18 -30.63
C ALA E 242 36.04 11.23 -30.43
N VAL E 243 36.06 10.15 -31.21
CA VAL E 243 37.13 9.16 -31.18
C VAL E 243 37.96 9.29 -32.44
N GLU E 244 39.28 9.36 -32.28
CA GLU E 244 40.19 9.48 -33.40
C GLU E 244 40.24 8.19 -34.20
N ILE E 245 40.18 8.30 -35.52
CA ILE E 245 40.34 7.16 -36.41
C ILE E 245 41.82 6.86 -36.55
N THR E 246 42.19 5.58 -36.38
CA THR E 246 43.58 5.16 -36.52
C THR E 246 43.77 4.06 -37.57
N LYS E 247 42.69 3.53 -38.14
CA LYS E 247 42.76 2.45 -39.11
C LYS E 247 41.78 2.71 -40.25
N LEU E 248 42.13 2.23 -41.44
CA LEU E 248 41.27 2.41 -42.60
C LEU E 248 39.94 1.67 -42.42
N ASP E 249 39.95 0.54 -41.72
CA ASP E 249 38.70 -0.20 -41.51
C ASP E 249 37.73 0.60 -40.66
N GLU E 250 38.22 1.49 -39.79
CA GLU E 250 37.33 2.31 -38.98
C GLU E 250 36.59 3.33 -39.83
N ILE E 251 37.22 3.82 -40.91
CA ILE E 251 36.50 4.70 -41.83
C ILE E 251 35.42 3.93 -42.56
N LYS E 252 35.73 2.71 -43.03
CA LYS E 252 34.74 1.91 -43.72
C LYS E 252 33.60 1.53 -42.78
N ASN E 253 33.92 1.23 -41.51
CA ASN E 253 32.87 0.92 -40.54
C ASN E 253 31.92 2.10 -40.37
N ALA E 254 32.47 3.32 -40.27
CA ALA E 254 31.62 4.50 -40.19
C ALA E 254 30.74 4.66 -41.41
N LEU E 255 31.16 4.12 -42.56
CA LEU E 255 30.37 4.23 -43.78
C LEU E 255 29.38 3.10 -43.97
N LYS E 256 29.46 2.04 -43.16
CA LYS E 256 28.53 0.93 -43.26
C LYS E 256 27.13 1.39 -42.89
N LEU F 7 -75.27 -12.00 69.12
CA LEU F 7 -75.97 -11.07 68.24
C LEU F 7 -75.64 -9.62 68.62
N ASP F 8 -74.81 -9.45 69.65
CA ASP F 8 -74.33 -8.15 70.06
C ASP F 8 -72.99 -8.35 70.78
N GLU F 9 -72.37 -7.23 71.16
CA GLU F 9 -71.03 -7.25 71.73
C GLU F 9 -71.01 -7.67 73.19
N LYS F 10 -72.17 -7.81 73.85
CA LYS F 10 -72.21 -8.21 75.24
C LYS F 10 -72.31 -9.72 75.43
N ASN F 11 -72.96 -10.42 74.51
CA ASN F 11 -73.22 -11.85 74.66
C ASN F 11 -72.55 -12.70 73.58
N SER F 12 -71.65 -12.13 72.80
CA SER F 12 -70.99 -12.88 71.74
C SER F 12 -69.58 -12.35 71.52
N VAL F 13 -68.77 -13.18 70.86
CA VAL F 13 -67.39 -12.88 70.51
C VAL F 13 -67.26 -12.95 68.99
N SER F 14 -66.57 -11.97 68.41
CA SER F 14 -66.35 -11.90 66.97
C SER F 14 -65.05 -12.59 66.60
N VAL F 15 -65.08 -13.40 65.54
CA VAL F 15 -63.93 -14.17 65.09
C VAL F 15 -63.65 -13.83 63.62
N ASP F 16 -62.42 -13.43 63.33
CA ASP F 16 -62.01 -13.16 61.96
C ASP F 16 -61.81 -14.47 61.19
N LEU F 17 -62.20 -14.47 59.93
CA LEU F 17 -62.20 -15.66 59.09
C LEU F 17 -61.49 -15.36 57.78
N PRO F 18 -61.00 -16.41 57.09
CA PRO F 18 -60.44 -16.21 55.75
C PRO F 18 -61.48 -15.69 54.78
N GLY F 19 -61.03 -14.91 53.80
CA GLY F 19 -61.92 -14.29 52.85
C GLY F 19 -62.58 -13.02 53.33
N GLU F 20 -61.96 -12.32 54.29
CA GLU F 20 -62.46 -11.05 54.81
C GLU F 20 -63.84 -11.19 55.44
N MET F 21 -64.07 -12.29 56.15
CA MET F 21 -65.34 -12.56 56.79
C MET F 21 -65.18 -12.57 58.30
N LYS F 22 -66.31 -12.44 59.00
CA LYS F 22 -66.35 -12.48 60.44
C LYS F 22 -67.57 -13.28 60.89
N VAL F 23 -67.38 -14.07 61.94
CA VAL F 23 -68.46 -14.87 62.52
C VAL F 23 -68.60 -14.48 63.99
N LEU F 24 -69.84 -14.43 64.46
CA LEU F 24 -70.16 -14.12 65.84
C LEU F 24 -70.53 -15.41 66.56
N VAL F 25 -69.93 -15.63 67.72
CA VAL F 25 -70.08 -16.86 68.49
C VAL F 25 -70.65 -16.51 69.86
N SER F 26 -71.70 -17.22 70.26
CA SER F 26 -72.31 -16.97 71.55
C SER F 26 -71.31 -17.16 72.67
N LYS F 27 -71.49 -16.39 73.74
CA LYS F 27 -70.70 -16.65 74.94
C LYS F 27 -71.28 -17.81 75.72
N GLU F 28 -72.58 -18.06 75.55
CA GLU F 28 -73.31 -19.02 76.35
C GLU F 28 -73.97 -20.05 75.43
N LYS F 29 -74.01 -21.30 75.87
CA LYS F 29 -74.69 -22.34 75.12
C LYS F 29 -76.20 -22.06 75.09
N ASN F 30 -76.86 -22.48 74.01
CA ASN F 30 -78.26 -22.16 73.86
C ASN F 30 -79.11 -23.21 74.58
N LYS F 31 -80.41 -23.25 74.27
CA LYS F 31 -81.34 -24.13 74.95
C LYS F 31 -81.01 -25.61 74.71
N ASP F 32 -80.31 -25.93 73.62
CA ASP F 32 -80.03 -27.33 73.31
C ASP F 32 -78.54 -27.63 73.33
N GLY F 33 -77.77 -26.90 74.15
CA GLY F 33 -76.41 -27.30 74.47
C GLY F 33 -75.35 -26.77 73.51
N LYS F 34 -75.73 -26.32 72.33
CA LYS F 34 -74.77 -25.88 71.32
C LYS F 34 -74.58 -24.38 71.34
N TYR F 35 -73.43 -23.93 70.82
CA TYR F 35 -73.20 -22.52 70.57
C TYR F 35 -73.81 -22.12 69.24
N ASP F 36 -74.39 -20.94 69.18
CA ASP F 36 -74.91 -20.44 67.91
C ASP F 36 -73.92 -19.50 67.25
N LEU F 37 -73.97 -19.48 65.92
CA LEU F 37 -73.05 -18.73 65.08
C LEU F 37 -73.85 -17.78 64.20
N ILE F 38 -73.29 -16.59 63.95
CA ILE F 38 -73.90 -15.61 63.06
C ILE F 38 -72.80 -15.04 62.16
N ALA F 39 -72.97 -15.14 60.85
CA ALA F 39 -72.01 -14.60 59.89
C ALA F 39 -72.78 -13.94 58.76
N THR F 40 -72.50 -12.66 58.54
CA THR F 40 -73.14 -11.90 57.46
C THR F 40 -72.29 -12.03 56.21
N VAL F 41 -72.89 -12.56 55.14
CA VAL F 41 -72.17 -12.79 53.89
C VAL F 41 -72.97 -12.16 52.77
N ASP F 42 -72.38 -11.18 52.09
CA ASP F 42 -72.99 -10.51 50.94
C ASP F 42 -74.35 -9.91 51.33
N LYS F 43 -74.36 -9.13 52.40
CA LYS F 43 -75.57 -8.49 52.92
C LYS F 43 -76.67 -9.51 53.22
N LEU F 44 -76.27 -10.71 53.66
CA LEU F 44 -77.20 -11.77 54.03
C LEU F 44 -76.72 -12.41 55.32
N GLU F 45 -77.55 -12.38 56.35
CA GLU F 45 -77.16 -12.91 57.64
C GLU F 45 -77.39 -14.42 57.65
N LEU F 46 -76.32 -15.17 57.88
CA LEU F 46 -76.36 -16.62 57.95
C LEU F 46 -76.17 -17.05 59.40
N LYS F 47 -76.90 -18.07 59.82
CA LYS F 47 -76.76 -18.58 61.17
C LYS F 47 -76.66 -20.11 61.17
N GLY F 48 -76.09 -20.62 62.25
CA GLY F 48 -75.93 -22.04 62.48
C GLY F 48 -75.59 -22.28 63.92
N THR F 49 -75.36 -23.55 64.25
CA THR F 49 -74.99 -23.96 65.59
C THR F 49 -73.83 -24.94 65.49
N SER F 50 -72.81 -24.71 66.31
CA SER F 50 -71.69 -25.63 66.41
C SER F 50 -71.55 -26.08 67.86
N ASP F 51 -70.61 -27.00 68.07
CA ASP F 51 -70.36 -27.53 69.39
C ASP F 51 -69.19 -26.86 70.08
N LYS F 52 -68.26 -26.31 69.29
CA LYS F 52 -67.18 -25.50 69.83
C LYS F 52 -67.53 -24.02 69.75
N ASN F 53 -66.79 -23.22 70.52
CA ASN F 53 -66.99 -21.78 70.57
C ASN F 53 -65.79 -21.01 69.98
N ASN F 54 -65.12 -21.56 68.98
CA ASN F 54 -64.01 -20.85 68.34
C ASN F 54 -64.38 -20.22 67.00
N GLY F 55 -65.58 -20.47 66.49
CA GLY F 55 -66.00 -19.95 65.21
C GLY F 55 -66.21 -21.02 64.14
N SER F 56 -65.67 -22.21 64.33
CA SER F 56 -65.82 -23.28 63.36
C SER F 56 -67.26 -23.79 63.37
N GLY F 57 -67.71 -24.29 62.23
CA GLY F 57 -69.05 -24.82 62.15
C GLY F 57 -69.67 -24.54 60.79
N VAL F 58 -70.96 -24.88 60.69
CA VAL F 58 -71.74 -24.72 59.48
C VAL F 58 -72.84 -23.69 59.75
N LEU F 59 -73.03 -22.78 58.81
CA LEU F 59 -74.09 -21.78 58.87
C LEU F 59 -74.89 -21.83 57.58
N GLU F 60 -76.21 -21.78 57.71
CA GLU F 60 -77.13 -21.84 56.60
C GLU F 60 -77.83 -20.50 56.43
N GLY F 61 -78.45 -20.31 55.27
CA GLY F 61 -79.21 -19.10 55.00
C GLY F 61 -79.93 -19.25 53.68
N VAL F 62 -80.86 -18.32 53.45
CA VAL F 62 -81.70 -18.32 52.26
C VAL F 62 -81.67 -16.95 51.62
N LYS F 63 -81.38 -16.90 50.33
CA LYS F 63 -81.36 -15.65 49.58
C LYS F 63 -82.77 -15.15 49.32
N ALA F 64 -82.86 -13.86 48.98
CA ALA F 64 -84.14 -13.30 48.58
C ALA F 64 -84.69 -13.95 47.33
N ASP F 65 -83.82 -14.54 46.49
CA ASP F 65 -84.23 -15.24 45.29
C ASP F 65 -84.42 -16.73 45.52
N LYS F 66 -84.56 -17.16 46.77
CA LYS F 66 -84.85 -18.52 47.24
C LYS F 66 -83.62 -19.42 47.19
N SER F 67 -82.45 -18.93 46.78
CA SER F 67 -81.26 -19.76 46.75
C SER F 67 -80.78 -20.04 48.18
N LYS F 68 -80.22 -21.24 48.38
CA LYS F 68 -79.74 -21.67 49.69
C LYS F 68 -78.23 -21.50 49.78
N VAL F 69 -77.78 -20.88 50.87
CA VAL F 69 -76.37 -20.59 51.11
C VAL F 69 -75.88 -21.43 52.27
N LYS F 70 -74.71 -22.03 52.12
CA LYS F 70 -74.10 -22.85 53.16
C LYS F 70 -72.64 -22.45 53.32
N LEU F 71 -72.30 -21.90 54.48
CA LEU F 71 -70.94 -21.54 54.85
C LEU F 71 -70.44 -22.52 55.90
N THR F 72 -69.34 -23.19 55.61
CA THR F 72 -68.74 -24.15 56.54
C THR F 72 -67.31 -23.71 56.86
N ILE F 73 -67.06 -23.39 58.12
CA ILE F 73 -65.78 -22.89 58.58
C ILE F 73 -64.99 -24.05 59.18
N SER F 74 -63.75 -24.25 58.70
CA SER F 74 -62.97 -25.40 59.11
C SER F 74 -62.66 -25.35 60.60
N ASP F 75 -62.33 -26.52 61.16
CA ASP F 75 -62.17 -26.64 62.61
C ASP F 75 -60.99 -25.85 63.14
N ASP F 76 -59.97 -25.61 62.32
CA ASP F 76 -58.80 -24.85 62.74
C ASP F 76 -58.83 -23.42 62.26
N LEU F 77 -59.94 -22.97 61.65
CA LEU F 77 -60.15 -21.57 61.26
C LEU F 77 -59.18 -21.11 60.18
N GLY F 78 -58.95 -21.95 59.17
CA GLY F 78 -58.02 -21.56 58.13
C GLY F 78 -58.52 -21.82 56.72
N GLN F 79 -59.83 -22.03 56.55
CA GLN F 79 -60.41 -22.34 55.26
C GLN F 79 -61.93 -22.25 55.29
N THR F 80 -62.50 -21.28 54.58
CA THR F 80 -63.95 -21.16 54.43
C THR F 80 -64.40 -21.77 53.11
N THR F 81 -65.57 -22.41 53.13
CA THR F 81 -66.18 -23.02 51.94
C THR F 81 -67.60 -22.49 51.80
N LEU F 82 -67.79 -21.61 50.81
CA LEU F 82 -69.08 -20.96 50.55
C LEU F 82 -69.75 -21.69 49.40
N GLU F 83 -70.87 -22.36 49.67
CA GLU F 83 -71.64 -23.06 48.65
C GLU F 83 -72.99 -22.40 48.47
N VAL F 84 -73.43 -22.30 47.21
CA VAL F 84 -74.72 -21.73 46.85
C VAL F 84 -75.51 -22.77 46.07
N PHE F 85 -76.71 -23.07 46.54
CA PHE F 85 -77.57 -24.09 45.96
C PHE F 85 -78.80 -23.46 45.32
N LYS F 86 -79.43 -24.22 44.43
CA LYS F 86 -80.75 -23.86 43.93
C LYS F 86 -81.79 -24.01 45.03
N GLU F 87 -83.02 -23.60 44.70
CA GLU F 87 -84.11 -23.64 45.65
C GLU F 87 -84.36 -25.04 46.18
N ASP F 88 -84.01 -26.08 45.40
CA ASP F 88 -84.18 -27.45 45.86
C ASP F 88 -83.21 -27.84 46.96
N GLY F 89 -82.22 -27.01 47.26
CA GLY F 89 -81.25 -27.34 48.28
C GLY F 89 -80.37 -28.53 48.01
N LYS F 90 -80.37 -29.04 46.79
CA LYS F 90 -79.57 -30.19 46.40
C LYS F 90 -78.56 -29.86 45.30
N THR F 91 -78.95 -29.04 44.34
CA THR F 91 -78.12 -28.74 43.19
C THR F 91 -77.26 -27.51 43.49
N LEU F 92 -75.94 -27.71 43.44
CA LEU F 92 -74.98 -26.66 43.74
C LEU F 92 -74.87 -25.69 42.57
N VAL F 93 -74.67 -24.41 42.88
CA VAL F 93 -74.44 -23.40 41.86
C VAL F 93 -73.08 -22.73 41.98
N SER F 94 -72.47 -22.70 43.17
CA SER F 94 -71.23 -21.99 43.43
C SER F 94 -70.55 -22.68 44.60
N LYS F 95 -69.21 -22.62 44.62
CA LYS F 95 -68.43 -23.29 45.66
C LYS F 95 -67.07 -22.57 45.73
N LYS F 96 -67.01 -21.56 46.59
CA LYS F 96 -65.79 -20.79 46.79
C LYS F 96 -65.09 -21.29 48.05
N VAL F 97 -63.86 -21.76 47.90
CA VAL F 97 -63.04 -22.25 49.00
C VAL F 97 -61.89 -21.27 49.19
N THR F 98 -61.95 -20.48 50.24
CA THR F 98 -60.92 -19.49 50.55
C THR F 98 -60.10 -19.98 51.74
N SER F 99 -58.80 -19.70 51.70
CA SER F 99 -57.85 -20.18 52.69
C SER F 99 -57.22 -19.00 53.42
N LYS F 100 -56.56 -19.32 54.53
CA LYS F 100 -55.96 -18.29 55.37
C LYS F 100 -54.88 -17.51 54.64
N ASP F 101 -54.16 -18.16 53.72
CA ASP F 101 -53.08 -17.53 52.99
C ASP F 101 -53.54 -16.73 51.78
N LYS F 102 -54.79 -16.28 51.72
CA LYS F 102 -55.40 -15.49 50.64
C LYS F 102 -55.63 -16.29 49.37
N SER F 103 -55.24 -17.56 49.32
CA SER F 103 -55.53 -18.40 48.16
C SER F 103 -57.01 -18.81 48.17
N SER F 104 -57.59 -18.92 46.98
CA SER F 104 -59.01 -19.30 46.88
C SER F 104 -59.27 -19.97 45.54
N THR F 105 -60.23 -20.88 45.54
CA THR F 105 -60.69 -21.56 44.32
C THR F 105 -62.20 -21.41 44.22
N GLU F 106 -62.67 -20.81 43.12
CA GLU F 106 -64.09 -20.66 42.86
C GLU F 106 -64.50 -21.61 41.73
N GLU F 107 -65.72 -22.12 41.82
CA GLU F 107 -66.24 -23.10 40.89
C GLU F 107 -67.69 -22.78 40.55
N LYS F 108 -68.08 -23.12 39.32
CA LYS F 108 -69.48 -23.16 38.92
C LYS F 108 -69.79 -24.53 38.36
N PHE F 109 -71.01 -25.00 38.60
CA PHE F 109 -71.41 -26.35 38.26
C PHE F 109 -72.54 -26.32 37.24
N ASN F 110 -72.67 -27.40 36.48
CA ASN F 110 -73.73 -27.51 35.49
C ASN F 110 -74.94 -28.22 36.11
N GLU F 111 -75.91 -28.57 35.28
CA GLU F 111 -77.07 -29.30 35.77
C GLU F 111 -76.71 -30.72 36.18
N LYS F 112 -75.67 -31.29 35.57
CA LYS F 112 -75.20 -32.64 35.85
C LYS F 112 -74.32 -32.73 37.09
N GLY F 113 -74.19 -31.65 37.85
CA GLY F 113 -73.35 -31.66 39.03
C GLY F 113 -71.87 -31.70 38.78
N GLU F 114 -71.43 -31.47 37.56
CA GLU F 114 -70.01 -31.47 37.24
C GLU F 114 -69.49 -30.05 37.11
N VAL F 115 -68.17 -29.90 37.30
CA VAL F 115 -67.55 -28.59 37.25
C VAL F 115 -67.57 -28.07 35.83
N SER F 116 -68.08 -26.84 35.66
CA SER F 116 -68.13 -26.19 34.35
C SER F 116 -67.17 -25.02 34.23
N GLU F 117 -66.93 -24.28 35.31
CA GLU F 117 -65.94 -23.22 35.33
C GLU F 117 -65.19 -23.26 36.66
N LYS F 118 -63.97 -22.73 36.65
CA LYS F 118 -63.12 -22.76 37.83
C LYS F 118 -62.10 -21.63 37.77
N ILE F 119 -61.97 -20.89 38.86
CA ILE F 119 -61.03 -19.78 38.98
C ILE F 119 -60.14 -20.04 40.18
N ILE F 120 -58.84 -20.16 39.93
CA ILE F 120 -57.84 -20.36 40.97
C ILE F 120 -57.11 -19.04 41.17
N THR F 121 -57.33 -18.40 42.32
CA THR F 121 -56.67 -17.15 42.67
C THR F 121 -55.46 -17.46 43.55
N ARG F 122 -54.27 -17.17 43.04
CA ARG F 122 -53.07 -17.38 43.84
C ARG F 122 -52.99 -16.34 44.95
N ALA F 123 -52.16 -16.63 45.96
CA ALA F 123 -52.02 -15.74 47.10
C ALA F 123 -51.51 -14.36 46.68
N ASP F 124 -50.74 -14.28 45.60
CA ASP F 124 -50.15 -13.02 45.17
C ASP F 124 -51.04 -12.23 44.22
N GLY F 125 -52.21 -12.75 43.87
CA GLY F 125 -53.16 -12.03 43.03
C GLY F 125 -53.31 -12.58 41.63
N THR F 126 -52.30 -13.28 41.12
CA THR F 126 -52.40 -13.87 39.79
C THR F 126 -53.47 -14.96 39.79
N ARG F 127 -54.10 -15.15 38.64
CA ARG F 127 -55.26 -16.03 38.52
C ARG F 127 -55.09 -17.03 37.39
N LEU F 128 -55.86 -18.11 37.50
CA LEU F 128 -56.00 -19.13 36.46
C LEU F 128 -57.49 -19.37 36.27
N GLU F 129 -58.00 -19.06 35.08
CA GLU F 129 -59.43 -19.14 34.81
C GLU F 129 -59.69 -20.20 33.75
N TYR F 130 -60.57 -21.14 34.06
CA TYR F 130 -61.00 -22.18 33.13
C TYR F 130 -62.48 -22.01 32.87
N THR F 131 -62.86 -21.95 31.59
CA THR F 131 -64.24 -21.75 31.18
C THR F 131 -64.62 -22.82 30.16
N GLY F 132 -65.91 -23.14 30.12
CA GLY F 132 -66.42 -24.11 29.16
C GLY F 132 -65.85 -25.50 29.32
N ILE F 133 -65.73 -25.97 30.57
CA ILE F 133 -65.13 -27.28 30.83
C ILE F 133 -66.10 -28.37 30.38
N LYS F 134 -65.56 -29.37 29.67
CA LYS F 134 -66.35 -30.48 29.18
C LYS F 134 -66.29 -31.65 30.16
N SER F 135 -66.98 -32.74 29.81
CA SER F 135 -67.05 -33.90 30.70
C SER F 135 -65.71 -34.62 30.79
N ASP F 136 -64.95 -34.68 29.69
CA ASP F 136 -63.64 -35.30 29.71
C ASP F 136 -62.62 -34.50 30.49
N GLY F 137 -62.87 -33.21 30.70
CA GLY F 137 -61.97 -32.35 31.46
C GLY F 137 -61.32 -31.26 30.65
N SER F 138 -61.65 -31.11 29.37
CA SER F 138 -61.03 -30.11 28.52
C SER F 138 -61.85 -28.82 28.53
N GLY F 139 -61.18 -27.72 28.21
CA GLY F 139 -61.83 -26.42 28.20
C GLY F 139 -60.85 -25.32 27.87
N LYS F 140 -61.34 -24.09 27.96
CA LYS F 140 -60.56 -22.91 27.67
C LYS F 140 -59.86 -22.42 28.94
N ALA F 141 -58.58 -22.08 28.81
CA ALA F 141 -57.76 -21.69 29.95
C ALA F 141 -57.08 -20.35 29.68
N LYS F 142 -56.91 -19.56 30.74
CA LYS F 142 -56.10 -18.36 30.66
C LYS F 142 -55.51 -18.04 32.03
N GLU F 143 -54.32 -17.45 32.02
CA GLU F 143 -53.63 -17.04 33.23
C GLU F 143 -53.53 -15.53 33.27
N VAL F 144 -53.95 -14.93 34.38
CA VAL F 144 -53.95 -13.49 34.55
C VAL F 144 -52.72 -13.12 35.36
N LEU F 145 -51.73 -12.53 34.70
CA LEU F 145 -50.54 -12.03 35.37
C LEU F 145 -50.65 -10.52 35.54
N LYS F 146 -49.62 -9.93 36.14
CA LYS F 146 -49.57 -8.50 36.35
C LYS F 146 -49.14 -7.82 35.06
N GLY F 147 -50.10 -7.23 34.34
CA GLY F 147 -49.82 -6.47 33.15
C GLY F 147 -50.25 -7.13 31.85
N TYR F 148 -50.57 -8.42 31.87
CA TYR F 148 -50.93 -9.12 30.65
C TYR F 148 -51.62 -10.43 30.98
N VAL F 149 -52.18 -11.06 29.96
CA VAL F 149 -52.93 -12.29 30.10
C VAL F 149 -52.42 -13.29 29.06
N LEU F 150 -52.09 -14.50 29.51
CA LEU F 150 -51.76 -15.60 28.62
C LEU F 150 -53.00 -16.47 28.43
N GLU F 151 -53.24 -16.87 27.18
CA GLU F 151 -54.42 -17.66 26.87
C GLU F 151 -54.00 -19.03 26.34
N GLY F 152 -54.87 -20.01 26.54
CA GLY F 152 -54.61 -21.36 26.07
C GLY F 152 -55.77 -22.31 26.26
N THR F 153 -55.47 -23.58 26.52
CA THR F 153 -56.47 -24.61 26.66
C THR F 153 -56.21 -25.43 27.91
N LEU F 154 -57.23 -26.19 28.30
CA LEU F 154 -57.15 -27.16 29.38
C LEU F 154 -57.47 -28.53 28.80
N THR F 155 -56.74 -29.55 29.26
CA THR F 155 -57.05 -30.94 28.99
C THR F 155 -57.07 -31.69 30.30
N ALA F 156 -57.54 -32.94 30.25
CA ALA F 156 -57.46 -33.81 31.42
C ALA F 156 -56.02 -34.11 31.83
N GLU F 157 -55.03 -33.74 31.02
CA GLU F 157 -53.63 -33.95 31.34
C GLU F 157 -52.95 -32.72 31.94
N LYS F 158 -53.06 -31.56 31.29
CA LYS F 158 -52.33 -30.39 31.74
C LYS F 158 -53.00 -29.12 31.19
N THR F 159 -52.49 -27.98 31.64
CA THR F 159 -52.87 -26.67 31.14
C THR F 159 -51.76 -26.14 30.24
N THR F 160 -52.13 -25.65 29.06
CA THR F 160 -51.17 -25.12 28.10
C THR F 160 -51.56 -23.71 27.70
N LEU F 161 -50.69 -22.75 28.00
CA LEU F 161 -50.85 -21.37 27.57
C LEU F 161 -49.90 -21.10 26.43
N VAL F 162 -50.37 -20.40 25.41
CA VAL F 162 -49.67 -20.30 24.13
C VAL F 162 -49.53 -18.83 23.72
N VAL F 163 -48.32 -18.48 23.26
CA VAL F 163 -48.02 -17.16 22.70
C VAL F 163 -47.37 -17.39 21.35
N LYS F 164 -47.94 -16.79 20.29
CA LYS F 164 -47.47 -16.99 18.93
C LYS F 164 -46.90 -15.70 18.35
N GLU F 165 -45.81 -15.82 17.59
CA GLU F 165 -45.20 -14.70 16.88
C GLU F 165 -44.53 -15.26 15.63
N GLY F 166 -45.05 -14.88 14.46
CA GLY F 166 -44.53 -15.45 13.23
C GLY F 166 -44.74 -16.94 13.21
N THR F 167 -43.70 -17.69 12.87
CA THR F 167 -43.75 -19.14 12.85
C THR F 167 -43.39 -19.76 14.19
N VAL F 168 -43.09 -18.94 15.21
CA VAL F 168 -42.63 -19.40 16.51
C VAL F 168 -43.81 -19.50 17.46
N THR F 169 -43.87 -20.58 18.24
CA THR F 169 -44.91 -20.78 19.24
C THR F 169 -44.26 -21.10 20.57
N LEU F 170 -44.53 -20.27 21.58
CA LEU F 170 -44.11 -20.51 22.95
C LEU F 170 -45.26 -21.12 23.72
N SER F 171 -45.02 -22.25 24.37
CA SER F 171 -46.06 -22.96 25.14
C SER F 171 -45.61 -23.06 26.59
N LYS F 172 -46.42 -22.49 27.49
CA LYS F 172 -46.20 -22.61 28.92
C LYS F 172 -47.14 -23.67 29.46
N ASN F 173 -46.58 -24.76 29.97
CA ASN F 173 -47.36 -25.89 30.45
C ASN F 173 -47.41 -25.90 31.97
N ILE F 174 -48.60 -26.14 32.51
CA ILE F 174 -48.81 -26.25 33.95
C ILE F 174 -49.37 -27.64 34.20
N SER F 175 -48.61 -28.48 34.89
CA SER F 175 -49.06 -29.83 35.17
C SER F 175 -50.17 -29.80 36.24
N LYS F 176 -50.74 -30.98 36.52
CA LYS F 176 -51.77 -31.07 37.55
C LYS F 176 -51.24 -30.61 38.90
N SER F 177 -49.99 -30.96 39.22
CA SER F 177 -49.40 -30.57 40.49
C SER F 177 -48.99 -29.10 40.53
N GLY F 178 -49.08 -28.39 39.41
CA GLY F 178 -48.70 -26.99 39.34
C GLY F 178 -47.31 -26.75 38.81
N GLU F 179 -46.61 -27.79 38.37
CA GLU F 179 -45.25 -27.62 37.87
C GLU F 179 -45.27 -26.94 36.52
N VAL F 180 -44.49 -25.88 36.38
CA VAL F 180 -44.40 -25.12 35.15
C VAL F 180 -43.23 -25.65 34.34
N SER F 181 -43.49 -25.98 33.08
CA SER F 181 -42.46 -26.33 32.11
C SER F 181 -42.82 -25.62 30.81
N VAL F 182 -41.78 -25.18 30.08
CA VAL F 182 -41.95 -24.33 28.92
C VAL F 182 -41.30 -24.97 27.70
N GLU F 183 -42.00 -24.90 26.57
CA GLU F 183 -41.54 -25.44 25.29
C GLU F 183 -41.60 -24.34 24.24
N LEU F 184 -40.77 -24.50 23.21
CA LEU F 184 -40.78 -23.61 22.06
C LEU F 184 -40.70 -24.43 20.79
N ASN F 185 -41.50 -24.07 19.79
CA ASN F 185 -41.40 -24.70 18.48
C ASN F 185 -41.47 -23.63 17.41
N ASP F 186 -40.66 -23.81 16.37
CA ASP F 186 -40.62 -22.91 15.23
C ASP F 186 -40.75 -23.75 13.96
N THR F 187 -41.74 -23.43 13.13
CA THR F 187 -41.94 -24.14 11.86
C THR F 187 -41.07 -23.57 10.74
N ASP F 188 -40.17 -22.65 11.05
CA ASP F 188 -39.24 -22.14 10.05
C ASP F 188 -38.29 -23.25 9.62
N SER F 189 -38.09 -23.38 8.30
CA SER F 189 -37.22 -24.42 7.77
C SER F 189 -35.75 -24.01 7.71
N SER F 190 -35.45 -22.72 7.72
CA SER F 190 -34.08 -22.27 7.54
C SER F 190 -33.26 -22.54 8.79
N ALA F 191 -32.15 -23.25 8.64
CA ALA F 191 -31.23 -23.45 9.75
C ALA F 191 -30.59 -22.14 10.21
N ALA F 192 -30.67 -21.08 9.40
CA ALA F 192 -30.07 -19.80 9.76
C ALA F 192 -30.96 -18.98 10.69
N THR F 193 -32.28 -19.20 10.66
CA THR F 193 -33.21 -18.39 11.42
C THR F 193 -34.13 -19.18 12.35
N LYS F 194 -34.15 -20.51 12.24
CA LYS F 194 -35.05 -21.33 13.07
C LYS F 194 -34.66 -21.22 14.53
N LYS F 195 -35.63 -20.90 15.38
CA LYS F 195 -35.41 -20.81 16.81
C LYS F 195 -35.65 -22.17 17.45
N THR F 196 -34.69 -22.62 18.25
CA THR F 196 -34.87 -23.76 19.12
C THR F 196 -34.61 -23.33 20.56
N ALA F 197 -35.03 -24.17 21.50
CA ALA F 197 -34.92 -23.78 22.90
C ALA F 197 -34.71 -25.01 23.75
N ALA F 198 -34.06 -24.80 24.90
CA ALA F 198 -33.84 -25.83 25.91
C ALA F 198 -34.41 -25.34 27.23
N TRP F 199 -35.03 -26.26 27.97
CA TRP F 199 -35.70 -25.94 29.23
C TRP F 199 -34.88 -26.50 30.39
N ASN F 200 -34.42 -25.61 31.27
CA ASN F 200 -33.72 -25.99 32.49
C ASN F 200 -34.72 -25.91 33.63
N SER F 201 -35.24 -27.07 34.03
CA SER F 201 -36.27 -27.08 35.06
C SER F 201 -35.72 -26.71 36.43
N GLY F 202 -34.44 -26.98 36.68
CA GLY F 202 -33.84 -26.61 37.95
C GLY F 202 -33.85 -25.10 38.16
N THR F 203 -33.39 -24.34 37.17
CA THR F 203 -33.36 -22.89 37.22
C THR F 203 -34.59 -22.25 36.61
N SER F 204 -35.53 -23.04 36.09
CA SER F 204 -36.77 -22.53 35.51
C SER F 204 -36.49 -21.53 34.40
N THR F 205 -35.50 -21.82 33.57
N THR F 205 -35.55 -21.86 33.53
CA THR F 205 -35.08 -20.92 32.50
CA THR F 205 -35.07 -20.94 32.50
C THR F 205 -35.22 -21.62 31.15
C THR F 205 -35.16 -21.60 31.14
N LEU F 206 -35.70 -20.87 30.17
CA LEU F 206 -35.75 -21.31 28.78
C LEU F 206 -34.66 -20.57 28.01
N THR F 207 -33.72 -21.32 27.45
CA THR F 207 -32.62 -20.75 26.67
C THR F 207 -32.94 -20.93 25.19
N ILE F 208 -33.10 -19.82 24.47
CA ILE F 208 -33.40 -19.84 23.05
C ILE F 208 -32.11 -19.75 22.26
N THR F 209 -32.01 -20.51 21.17
CA THR F 209 -30.84 -20.55 20.30
C THR F 209 -31.26 -20.30 18.87
N VAL F 210 -30.46 -19.52 18.14
CA VAL F 210 -30.63 -19.27 16.71
C VAL F 210 -29.28 -19.43 16.02
N ASN F 211 -29.26 -20.23 14.96
CA ASN F 211 -28.03 -20.44 14.17
C ASN F 211 -26.89 -20.91 15.06
N SER F 212 -27.20 -21.87 15.94
CA SER F 212 -26.27 -22.48 16.88
C SER F 212 -25.62 -21.46 17.83
N LYS F 213 -26.27 -20.31 18.03
CA LYS F 213 -25.83 -19.32 19.00
C LYS F 213 -26.96 -19.06 20.00
N LYS F 214 -26.62 -19.03 21.29
CA LYS F 214 -27.60 -18.62 22.29
C LYS F 214 -27.95 -17.15 22.10
N THR F 215 -29.25 -16.82 22.21
CA THR F 215 -29.75 -15.48 21.97
C THR F 215 -30.37 -14.84 23.21
N LYS F 216 -31.13 -15.58 24.02
CA LYS F 216 -31.75 -14.99 25.19
C LYS F 216 -32.23 -16.06 26.15
N ASP F 217 -32.35 -15.68 27.42
CA ASP F 217 -32.92 -16.52 28.47
C ASP F 217 -34.26 -15.96 28.92
N LEU F 218 -35.26 -16.83 29.00
CA LEU F 218 -36.56 -16.51 29.58
C LEU F 218 -36.68 -17.24 30.91
N VAL F 219 -36.82 -16.50 32.00
CA VAL F 219 -36.89 -17.07 33.35
C VAL F 219 -38.32 -16.94 33.85
N PHE F 220 -38.90 -18.07 34.27
CA PHE F 220 -40.26 -18.14 34.81
C PHE F 220 -40.16 -18.31 36.32
N THR F 221 -40.35 -17.22 37.05
CA THR F 221 -40.01 -17.15 38.45
C THR F 221 -41.10 -17.74 39.34
N LYS F 222 -40.76 -17.93 40.62
CA LYS F 222 -41.75 -18.37 41.59
C LYS F 222 -42.77 -17.29 41.89
N GLU F 223 -42.46 -16.03 41.56
CA GLU F 223 -43.40 -14.93 41.74
C GLU F 223 -44.38 -14.82 40.59
N ASN F 224 -44.47 -15.86 39.75
CA ASN F 224 -45.38 -15.89 38.61
C ASN F 224 -45.11 -14.72 37.67
N THR F 225 -43.85 -14.42 37.45
CA THR F 225 -43.43 -13.39 36.50
C THR F 225 -42.45 -14.00 35.50
N ILE F 226 -42.15 -13.24 34.45
CA ILE F 226 -41.21 -13.65 33.41
C ILE F 226 -40.19 -12.54 33.20
N THR F 227 -38.92 -12.92 33.08
CA THR F 227 -37.84 -11.99 32.76
C THR F 227 -37.12 -12.44 31.49
N VAL F 228 -36.56 -11.46 30.78
CA VAL F 228 -35.81 -11.70 29.55
C VAL F 228 -34.44 -11.07 29.71
N GLN F 229 -33.42 -11.79 29.24
CA GLN F 229 -32.04 -11.30 29.20
C GLN F 229 -31.37 -11.80 27.93
N GLN F 230 -30.71 -10.89 27.23
CA GLN F 230 -30.08 -11.22 25.94
C GLN F 230 -28.65 -11.69 26.12
N TYR F 231 -28.21 -12.55 25.21
CA TYR F 231 -26.78 -12.84 25.08
C TYR F 231 -26.14 -11.84 24.13
N ASP F 232 -24.81 -11.79 24.17
CA ASP F 232 -24.12 -10.97 23.20
C ASP F 232 -24.25 -11.60 21.81
N SER F 233 -23.83 -10.84 20.80
CA SER F 233 -23.88 -11.26 19.41
C SER F 233 -23.19 -12.59 19.16
N ASN F 234 -22.24 -12.99 20.01
CA ASN F 234 -21.52 -14.23 19.84
C ASN F 234 -22.17 -15.40 20.58
N GLY F 235 -23.19 -15.13 21.40
CA GLY F 235 -23.82 -16.17 22.18
C GLY F 235 -23.03 -16.63 23.38
N THR F 236 -22.11 -15.80 23.87
CA THR F 236 -21.19 -16.21 24.92
C THR F 236 -21.68 -15.85 26.33
N LYS F 237 -21.96 -14.56 26.56
CA LYS F 237 -22.31 -14.07 27.88
C LYS F 237 -23.69 -13.44 27.86
N LEU F 238 -24.42 -13.62 28.97
CA LEU F 238 -25.58 -12.77 29.23
C LEU F 238 -25.12 -11.34 29.48
N GLU F 239 -25.83 -10.38 28.91
CA GLU F 239 -25.46 -8.99 29.05
C GLU F 239 -26.50 -8.21 29.84
N GLY F 240 -26.04 -7.18 30.53
CA GLY F 240 -26.94 -6.33 31.29
C GLY F 240 -27.53 -7.08 32.47
N SER F 241 -28.83 -6.85 32.70
CA SER F 241 -29.58 -7.54 33.74
C SER F 241 -30.89 -8.04 33.15
N ALA F 242 -31.44 -9.06 33.78
CA ALA F 242 -32.77 -9.56 33.40
C ALA F 242 -33.80 -8.46 33.59
N VAL F 243 -34.65 -8.26 32.58
CA VAL F 243 -35.69 -7.26 32.62
C VAL F 243 -37.03 -7.96 32.77
N GLU F 244 -37.82 -7.51 33.74
CA GLU F 244 -39.13 -8.12 33.96
C GLU F 244 -40.08 -7.76 32.83
N ILE F 245 -40.83 -8.76 32.35
CA ILE F 245 -41.83 -8.54 31.32
C ILE F 245 -43.07 -7.94 31.98
N THR F 246 -43.61 -6.87 31.37
CA THR F 246 -44.80 -6.22 31.87
C THR F 246 -45.94 -6.15 30.86
N LYS F 247 -45.70 -6.52 29.60
CA LYS F 247 -46.68 -6.44 28.53
C LYS F 247 -46.56 -7.69 27.66
N LEU F 248 -47.70 -8.10 27.09
CA LEU F 248 -47.71 -9.27 26.21
C LEU F 248 -46.86 -9.05 24.97
N ASP F 249 -46.78 -7.80 24.48
CA ASP F 249 -45.95 -7.53 23.30
C ASP F 249 -44.47 -7.78 23.57
N GLU F 250 -44.04 -7.64 24.83
CA GLU F 250 -42.64 -7.91 25.15
C GLU F 250 -42.31 -9.39 25.03
N ILE F 251 -43.28 -10.27 25.29
CA ILE F 251 -43.07 -11.69 25.06
C ILE F 251 -42.95 -11.97 23.56
N LYS F 252 -43.85 -11.38 22.77
CA LYS F 252 -43.80 -11.58 21.32
C LYS F 252 -42.51 -11.01 20.73
N ASN F 253 -42.07 -9.85 21.23
CA ASN F 253 -40.81 -9.27 20.77
C ASN F 253 -39.64 -10.20 21.06
N ALA F 254 -39.62 -10.79 22.26
CA ALA F 254 -38.58 -11.76 22.60
C ALA F 254 -38.58 -12.96 21.65
N LEU F 255 -39.73 -13.26 21.03
CA LEU F 255 -39.85 -14.39 20.12
C LEU F 255 -39.58 -14.03 18.67
N LYS F 256 -39.45 -12.75 18.34
CA LYS F 256 -39.13 -12.35 16.96
C LYS F 256 -37.73 -12.81 16.57
CL CL G . 18.11 -2.61 8.93
CL CL H . 22.15 -31.06 10.38
CL CL I . 22.95 13.44 -5.16
CL CL J . 7.43 9.12 -25.49
CL CL K . 32.95 8.99 -22.88
CL CL L . 28.04 22.08 -14.59
C1 NAG M . 26.97 20.48 -23.32
C2 NAG M . 27.22 20.58 -24.83
C3 NAG M . 28.22 21.69 -25.14
C4 NAG M . 27.80 23.00 -24.51
C5 NAG M . 27.58 22.80 -23.01
C6 NAG M . 27.08 24.05 -22.31
C7 NAG M . 26.93 18.54 -26.18
C8 NAG M . 27.56 17.27 -26.65
N2 NAG M . 27.68 19.31 -25.37
O3 NAG M . 28.29 21.84 -26.56
O4 NAG M . 28.79 23.99 -24.71
O5 NAG M . 26.60 21.78 -22.79
O6 NAG M . 25.69 24.28 -22.51
O7 NAG M . 25.79 18.86 -26.50
CL CL N . 0.42 -35.48 5.72
CL CL O . 14.99 -17.48 -14.06
CL CL P . 9.44 -35.54 -1.06
I IOD Q . 1.18 6.34 -27.30
I IOD R . -16.02 -17.31 13.27
C1 EDO S . 6.96 -1.18 -21.50
O1 EDO S . 5.89 -1.85 -22.17
C2 EDO S . 6.74 0.32 -21.59
O2 EDO S . 8.00 0.96 -21.76
CL CL T . -3.38 1.88 37.16
CL CL U . -27.67 -2.34 32.85
CL CL V . -5.22 28.01 29.05
CL CL W . -11.32 43.00 13.01
I IOD X . -1.41 21.09 29.76
C1 NAG Y . -20.66 -12.42 37.33
C2 NAG Y . -21.87 -13.29 36.99
C3 NAG Y . -22.59 -13.71 38.27
C4 NAG Y . -21.62 -14.38 39.23
C5 NAG Y . -20.42 -13.49 39.48
C6 NAG Y . -19.35 -14.15 40.33
C7 NAG Y . -22.83 -12.87 34.77
C8 NAG Y . -23.84 -12.10 33.99
N2 NAG Y . -22.79 -12.63 36.08
O3 NAG Y . -23.65 -14.61 37.94
O4 NAG Y . -22.27 -14.66 40.46
O5 NAG Y . -19.80 -13.12 38.24
O6 NAG Y . -18.78 -15.27 39.68
O7 NAG Y . -22.09 -13.69 34.24
I IOD Z . 24.49 26.19 3.93
CL CL AA . 5.62 14.27 -9.32
CL CL BA . -23.75 8.02 -4.50
CL CL CA . -2.91 33.39 -8.62
CL CL DA . -9.75 -3.90 11.75
CL CL EA . 9.77 19.73 -4.36
CL CL FA . 2.25 36.91 -3.58
CL CL GA . -8.44 34.21 -2.16
I IOD HA . -7.52 -14.24 10.90
CL CL IA . 31.23 4.27 -36.66
CL CL JA . 73.24 14.08 -69.95
CL CL KA . 38.46 1.69 -50.43
CL CL LA . 65.94 28.32 -51.71
CL CL MA . -58.09 -14.69 58.62
CL CL NA . -80.15 -11.90 49.43
CL CL OA . -84.86 -25.88 41.67
CL CL PA . -63.95 -26.05 55.02
CL CL QA . -31.87 -25.22 5.73
#